data_3BW6
# 
_entry.id   3BW6 
# 
_audit_conform.dict_name       mmcif_pdbx.dic 
_audit_conform.dict_version    5.387 
_audit_conform.dict_location   http://mmcif.pdb.org/dictionaries/ascii/mmcif_pdbx.dic 
# 
loop_
_database_2.database_id 
_database_2.database_code 
_database_2.pdbx_database_accession 
_database_2.pdbx_DOI 
PDB   3BW6         pdb_00003bw6 10.2210/pdb3bw6/pdb 
RCSB  RCSB046031   ?            ?                   
WWPDB D_1000046031 ?            ?                   
# 
loop_
_pdbx_audit_revision_history.ordinal 
_pdbx_audit_revision_history.data_content_type 
_pdbx_audit_revision_history.major_revision 
_pdbx_audit_revision_history.minor_revision 
_pdbx_audit_revision_history.revision_date 
1 'Structure model' 1 0 2008-04-01 
2 'Structure model' 1 1 2011-07-13 
3 'Structure model' 1 2 2024-02-21 
# 
_pdbx_audit_revision_details.ordinal             1 
_pdbx_audit_revision_details.revision_ordinal    1 
_pdbx_audit_revision_details.data_content_type   'Structure model' 
_pdbx_audit_revision_details.provider            repository 
_pdbx_audit_revision_details.type                'Initial release' 
_pdbx_audit_revision_details.description         ? 
_pdbx_audit_revision_details.details             ? 
# 
loop_
_pdbx_audit_revision_group.ordinal 
_pdbx_audit_revision_group.revision_ordinal 
_pdbx_audit_revision_group.data_content_type 
_pdbx_audit_revision_group.group 
1 2 'Structure model' 'Version format compliance' 
2 3 'Structure model' 'Data collection'           
3 3 'Structure model' 'Database references'       
4 3 'Structure model' 'Derived calculations'      
# 
loop_
_pdbx_audit_revision_category.ordinal 
_pdbx_audit_revision_category.revision_ordinal 
_pdbx_audit_revision_category.data_content_type 
_pdbx_audit_revision_category.category 
1 3 'Structure model' chem_comp_atom     
2 3 'Structure model' chem_comp_bond     
3 3 'Structure model' database_2         
4 3 'Structure model' struct_ref_seq_dif 
5 3 'Structure model' struct_site        
# 
loop_
_pdbx_audit_revision_item.ordinal 
_pdbx_audit_revision_item.revision_ordinal 
_pdbx_audit_revision_item.data_content_type 
_pdbx_audit_revision_item.item 
1 3 'Structure model' '_database_2.pdbx_DOI'                
2 3 'Structure model' '_database_2.pdbx_database_accession' 
3 3 'Structure model' '_struct_ref_seq_dif.details'         
4 3 'Structure model' '_struct_site.pdbx_auth_asym_id'      
5 3 'Structure model' '_struct_site.pdbx_auth_comp_id'      
6 3 'Structure model' '_struct_site.pdbx_auth_seq_id'       
# 
_pdbx_database_status.status_code                     REL 
_pdbx_database_status.entry_id                        3BW6 
_pdbx_database_status.recvd_initial_deposition_date   2008-01-08 
_pdbx_database_status.deposit_site                    RCSB 
_pdbx_database_status.process_site                    RCSB 
_pdbx_database_status.status_code_sf                  REL 
_pdbx_database_status.status_code_mr                  ? 
_pdbx_database_status.SG_entry                        ? 
_pdbx_database_status.pdb_format_compatible           Y 
_pdbx_database_status.status_code_cs                  ? 
_pdbx_database_status.status_code_nmr_data            ? 
_pdbx_database_status.methods_development_category    ? 
# 
loop_
_audit_author.name 
_audit_author.pdbx_ordinal 
'Pylypenko, O.'  1 
'Schonichen, A.' 2 
'Ludwig, D.'     3 
'Ungermann, C.'  4 
'Goody, R.S.'    5 
'Rak, A.'        6 
'Geyer, M.'      7 
# 
_citation.id                        primary 
_citation.title                     'Farnesylation of the SNARE protein Ykt6 increases its stability and helical folding.' 
_citation.journal_abbrev            J.Mol.Biol. 
_citation.journal_volume            377 
_citation.page_first                1334 
_citation.page_last                 1345 
_citation.year                      2008 
_citation.journal_id_ASTM           JMOBAK 
_citation.country                   UK 
_citation.journal_id_ISSN           0022-2836 
_citation.journal_id_CSD            0070 
_citation.book_publisher            ? 
_citation.pdbx_database_id_PubMed   18329045 
_citation.pdbx_database_id_DOI      10.1016/j.jmb.2008.01.099 
# 
loop_
_citation_author.citation_id 
_citation_author.name 
_citation_author.ordinal 
_citation_author.identifier_ORCID 
primary 'Pylypenko, O.'  1 ? 
primary 'Schonichen, A.' 2 ? 
primary 'Ludwig, D.'     3 ? 
primary 'Ungermann, C.'  4 ? 
primary 'Goody, R.S.'    5 ? 
primary 'Rak, A.'        6 ? 
primary 'Geyer, M.'      7 ? 
# 
loop_
_entity.id 
_entity.type 
_entity.src_method 
_entity.pdbx_description 
_entity.formula_weight 
_entity.pdbx_number_of_molecules 
_entity.pdbx_ec 
_entity.pdbx_mutation 
_entity.pdbx_fragment 
_entity.details 
1 polymer     man 'Synaptobrevin homolog YKT6' 16185.141 1  2.3.1.- ? 'Longin domain' ? 
2 non-polymer syn 'SULFATE ION'                96.063    1  ?       ? ?               ? 
3 water       nat water                        18.015    44 ?       ? ?               ? 
# 
_entity_poly.entity_id                      1 
_entity_poly.type                           'polypeptide(L)' 
_entity_poly.nstd_linkage                   no 
_entity_poly.nstd_monomer                   no 
_entity_poly.pdbx_seq_one_letter_code       
;GAMAMRIYYIGVFRSGGEKALELSEVKDLSQFGFFERSSVGQFMTFFAETVASRTGAGQRQSIEEGNYIGHVYARSEGIC
GVLITDKEYPVRPAYTLLNKILDEYLVAHPKEEWADVTETNDALKMKQLDTYISKYQDPSQADA
;
_entity_poly.pdbx_seq_one_letter_code_can   
;GAMAMRIYYIGVFRSGGEKALELSEVKDLSQFGFFERSSVGQFMTFFAETVASRTGAGQRQSIEEGNYIGHVYARSEGIC
GVLITDKEYPVRPAYTLLNKILDEYLVAHPKEEWADVTETNDALKMKQLDTYISKYQDPSQADA
;
_entity_poly.pdbx_strand_id                 A 
_entity_poly.pdbx_target_identifier         ? 
# 
loop_
_pdbx_entity_nonpoly.entity_id 
_pdbx_entity_nonpoly.name 
_pdbx_entity_nonpoly.comp_id 
2 'SULFATE ION' SO4 
3 water         HOH 
# 
loop_
_entity_poly_seq.entity_id 
_entity_poly_seq.num 
_entity_poly_seq.mon_id 
_entity_poly_seq.hetero 
1 1   GLY n 
1 2   ALA n 
1 3   MET n 
1 4   ALA n 
1 5   MET n 
1 6   ARG n 
1 7   ILE n 
1 8   TYR n 
1 9   TYR n 
1 10  ILE n 
1 11  GLY n 
1 12  VAL n 
1 13  PHE n 
1 14  ARG n 
1 15  SER n 
1 16  GLY n 
1 17  GLY n 
1 18  GLU n 
1 19  LYS n 
1 20  ALA n 
1 21  LEU n 
1 22  GLU n 
1 23  LEU n 
1 24  SER n 
1 25  GLU n 
1 26  VAL n 
1 27  LYS n 
1 28  ASP n 
1 29  LEU n 
1 30  SER n 
1 31  GLN n 
1 32  PHE n 
1 33  GLY n 
1 34  PHE n 
1 35  PHE n 
1 36  GLU n 
1 37  ARG n 
1 38  SER n 
1 39  SER n 
1 40  VAL n 
1 41  GLY n 
1 42  GLN n 
1 43  PHE n 
1 44  MET n 
1 45  THR n 
1 46  PHE n 
1 47  PHE n 
1 48  ALA n 
1 49  GLU n 
1 50  THR n 
1 51  VAL n 
1 52  ALA n 
1 53  SER n 
1 54  ARG n 
1 55  THR n 
1 56  GLY n 
1 57  ALA n 
1 58  GLY n 
1 59  GLN n 
1 60  ARG n 
1 61  GLN n 
1 62  SER n 
1 63  ILE n 
1 64  GLU n 
1 65  GLU n 
1 66  GLY n 
1 67  ASN n 
1 68  TYR n 
1 69  ILE n 
1 70  GLY n 
1 71  HIS n 
1 72  VAL n 
1 73  TYR n 
1 74  ALA n 
1 75  ARG n 
1 76  SER n 
1 77  GLU n 
1 78  GLY n 
1 79  ILE n 
1 80  CYS n 
1 81  GLY n 
1 82  VAL n 
1 83  LEU n 
1 84  ILE n 
1 85  THR n 
1 86  ASP n 
1 87  LYS n 
1 88  GLU n 
1 89  TYR n 
1 90  PRO n 
1 91  VAL n 
1 92  ARG n 
1 93  PRO n 
1 94  ALA n 
1 95  TYR n 
1 96  THR n 
1 97  LEU n 
1 98  LEU n 
1 99  ASN n 
1 100 LYS n 
1 101 ILE n 
1 102 LEU n 
1 103 ASP n 
1 104 GLU n 
1 105 TYR n 
1 106 LEU n 
1 107 VAL n 
1 108 ALA n 
1 109 HIS n 
1 110 PRO n 
1 111 LYS n 
1 112 GLU n 
1 113 GLU n 
1 114 TRP n 
1 115 ALA n 
1 116 ASP n 
1 117 VAL n 
1 118 THR n 
1 119 GLU n 
1 120 THR n 
1 121 ASN n 
1 122 ASP n 
1 123 ALA n 
1 124 LEU n 
1 125 LYS n 
1 126 MET n 
1 127 LYS n 
1 128 GLN n 
1 129 LEU n 
1 130 ASP n 
1 131 THR n 
1 132 TYR n 
1 133 ILE n 
1 134 SER n 
1 135 LYS n 
1 136 TYR n 
1 137 GLN n 
1 138 ASP n 
1 139 PRO n 
1 140 SER n 
1 141 GLN n 
1 142 ALA n 
1 143 ASP n 
1 144 ALA n 
# 
_entity_src_gen.entity_id                          1 
_entity_src_gen.pdbx_src_id                        1 
_entity_src_gen.pdbx_alt_source_flag               sample 
_entity_src_gen.pdbx_seq_type                      ? 
_entity_src_gen.pdbx_beg_seq_num                   ? 
_entity_src_gen.pdbx_end_seq_num                   ? 
_entity_src_gen.gene_src_common_name               
;baker's yeast
;
_entity_src_gen.gene_src_genus                     Saccharomyces 
_entity_src_gen.pdbx_gene_src_gene                 YKT6 
_entity_src_gen.gene_src_species                   ? 
_entity_src_gen.gene_src_strain                    ? 
_entity_src_gen.gene_src_tissue                    ? 
_entity_src_gen.gene_src_tissue_fraction           ? 
_entity_src_gen.gene_src_details                   ? 
_entity_src_gen.pdbx_gene_src_fragment             ? 
_entity_src_gen.pdbx_gene_src_scientific_name      'Saccharomyces cerevisiae' 
_entity_src_gen.pdbx_gene_src_ncbi_taxonomy_id     4932 
_entity_src_gen.pdbx_gene_src_variant              ? 
_entity_src_gen.pdbx_gene_src_cell_line            ? 
_entity_src_gen.pdbx_gene_src_atcc                 ? 
_entity_src_gen.pdbx_gene_src_organ                ? 
_entity_src_gen.pdbx_gene_src_organelle            ? 
_entity_src_gen.pdbx_gene_src_cell                 ? 
_entity_src_gen.pdbx_gene_src_cellular_location    ? 
_entity_src_gen.host_org_common_name               ? 
_entity_src_gen.pdbx_host_org_scientific_name      'Escherichia coli' 
_entity_src_gen.pdbx_host_org_ncbi_taxonomy_id     562 
_entity_src_gen.host_org_genus                     Escherichia 
_entity_src_gen.pdbx_host_org_gene                 ? 
_entity_src_gen.pdbx_host_org_organ                ? 
_entity_src_gen.host_org_species                   ? 
_entity_src_gen.pdbx_host_org_tissue               ? 
_entity_src_gen.pdbx_host_org_tissue_fraction      ? 
_entity_src_gen.pdbx_host_org_strain               ? 
_entity_src_gen.pdbx_host_org_variant              ? 
_entity_src_gen.pdbx_host_org_cell_line            ? 
_entity_src_gen.pdbx_host_org_atcc                 ? 
_entity_src_gen.pdbx_host_org_culture_collection   ? 
_entity_src_gen.pdbx_host_org_cell                 ? 
_entity_src_gen.pdbx_host_org_organelle            ? 
_entity_src_gen.pdbx_host_org_cellular_location    ? 
_entity_src_gen.pdbx_host_org_vector_type          ? 
_entity_src_gen.pdbx_host_org_vector               ? 
_entity_src_gen.host_org_details                   ? 
_entity_src_gen.expression_system_id               ? 
_entity_src_gen.plasmid_name                       ? 
_entity_src_gen.plasmid_details                    ? 
_entity_src_gen.pdbx_description                   ? 
# 
loop_
_chem_comp.id 
_chem_comp.type 
_chem_comp.mon_nstd_flag 
_chem_comp.name 
_chem_comp.pdbx_synonyms 
_chem_comp.formula 
_chem_comp.formula_weight 
ALA 'L-peptide linking' y ALANINE         ? 'C3 H7 N O2'     89.093  
ARG 'L-peptide linking' y ARGININE        ? 'C6 H15 N4 O2 1' 175.209 
ASN 'L-peptide linking' y ASPARAGINE      ? 'C4 H8 N2 O3'    132.118 
ASP 'L-peptide linking' y 'ASPARTIC ACID' ? 'C4 H7 N O4'     133.103 
CYS 'L-peptide linking' y CYSTEINE        ? 'C3 H7 N O2 S'   121.158 
GLN 'L-peptide linking' y GLUTAMINE       ? 'C5 H10 N2 O3'   146.144 
GLU 'L-peptide linking' y 'GLUTAMIC ACID' ? 'C5 H9 N O4'     147.129 
GLY 'peptide linking'   y GLYCINE         ? 'C2 H5 N O2'     75.067  
HIS 'L-peptide linking' y HISTIDINE       ? 'C6 H10 N3 O2 1' 156.162 
HOH non-polymer         . WATER           ? 'H2 O'           18.015  
ILE 'L-peptide linking' y ISOLEUCINE      ? 'C6 H13 N O2'    131.173 
LEU 'L-peptide linking' y LEUCINE         ? 'C6 H13 N O2'    131.173 
LYS 'L-peptide linking' y LYSINE          ? 'C6 H15 N2 O2 1' 147.195 
MET 'L-peptide linking' y METHIONINE      ? 'C5 H11 N O2 S'  149.211 
PHE 'L-peptide linking' y PHENYLALANINE   ? 'C9 H11 N O2'    165.189 
PRO 'L-peptide linking' y PROLINE         ? 'C5 H9 N O2'     115.130 
SER 'L-peptide linking' y SERINE          ? 'C3 H7 N O3'     105.093 
SO4 non-polymer         . 'SULFATE ION'   ? 'O4 S -2'        96.063  
THR 'L-peptide linking' y THREONINE       ? 'C4 H9 N O3'     119.119 
TRP 'L-peptide linking' y TRYPTOPHAN      ? 'C11 H12 N2 O2'  204.225 
TYR 'L-peptide linking' y TYROSINE        ? 'C9 H11 N O3'    181.189 
VAL 'L-peptide linking' y VALINE          ? 'C5 H11 N O2'    117.146 
# 
loop_
_pdbx_poly_seq_scheme.asym_id 
_pdbx_poly_seq_scheme.entity_id 
_pdbx_poly_seq_scheme.seq_id 
_pdbx_poly_seq_scheme.mon_id 
_pdbx_poly_seq_scheme.ndb_seq_num 
_pdbx_poly_seq_scheme.pdb_seq_num 
_pdbx_poly_seq_scheme.auth_seq_num 
_pdbx_poly_seq_scheme.pdb_mon_id 
_pdbx_poly_seq_scheme.auth_mon_id 
_pdbx_poly_seq_scheme.pdb_strand_id 
_pdbx_poly_seq_scheme.pdb_ins_code 
_pdbx_poly_seq_scheme.hetero 
A 1 1   GLY 1   -3  ?   ?   ?   A . n 
A 1 2   ALA 2   -2  ?   ?   ?   A . n 
A 1 3   MET 3   -1  -1  MET MET A . n 
A 1 4   ALA 4   0   0   ALA ALA A . n 
A 1 5   MET 5   1   1   MET MET A . n 
A 1 6   ARG 6   2   2   ARG ARG A . n 
A 1 7   ILE 7   3   3   ILE ILE A . n 
A 1 8   TYR 8   4   4   TYR TYR A . n 
A 1 9   TYR 9   5   5   TYR TYR A . n 
A 1 10  ILE 10  6   6   ILE ILE A . n 
A 1 11  GLY 11  7   7   GLY GLY A . n 
A 1 12  VAL 12  8   8   VAL VAL A . n 
A 1 13  PHE 13  9   9   PHE PHE A . n 
A 1 14  ARG 14  10  10  ARG ARG A . n 
A 1 15  SER 15  11  11  SER SER A . n 
A 1 16  GLY 16  12  12  GLY GLY A . n 
A 1 17  GLY 17  13  13  GLY GLY A . n 
A 1 18  GLU 18  14  14  GLU GLU A . n 
A 1 19  LYS 19  15  15  LYS LYS A . n 
A 1 20  ALA 20  16  16  ALA ALA A . n 
A 1 21  LEU 21  17  17  LEU LEU A . n 
A 1 22  GLU 22  18  18  GLU GLU A . n 
A 1 23  LEU 23  19  19  LEU LEU A . n 
A 1 24  SER 24  20  20  SER SER A . n 
A 1 25  GLU 25  21  21  GLU GLU A . n 
A 1 26  VAL 26  22  22  VAL VAL A . n 
A 1 27  LYS 27  23  23  LYS LYS A . n 
A 1 28  ASP 28  24  24  ASP ASP A . n 
A 1 29  LEU 29  25  25  LEU LEU A . n 
A 1 30  SER 30  26  26  SER SER A . n 
A 1 31  GLN 31  27  27  GLN GLN A . n 
A 1 32  PHE 32  28  28  PHE PHE A . n 
A 1 33  GLY 33  29  29  GLY GLY A . n 
A 1 34  PHE 34  30  30  PHE PHE A . n 
A 1 35  PHE 35  31  31  PHE PHE A . n 
A 1 36  GLU 36  32  32  GLU GLU A . n 
A 1 37  ARG 37  33  33  ARG ARG A . n 
A 1 38  SER 38  34  34  SER SER A . n 
A 1 39  SER 39  35  35  SER SER A . n 
A 1 40  VAL 40  36  36  VAL VAL A . n 
A 1 41  GLY 41  37  37  GLY GLY A . n 
A 1 42  GLN 42  38  38  GLN GLN A . n 
A 1 43  PHE 43  39  39  PHE PHE A . n 
A 1 44  MET 44  40  40  MET MET A . n 
A 1 45  THR 45  41  41  THR THR A . n 
A 1 46  PHE 46  42  42  PHE PHE A . n 
A 1 47  PHE 47  43  43  PHE PHE A . n 
A 1 48  ALA 48  44  44  ALA ALA A . n 
A 1 49  GLU 49  45  45  GLU GLU A . n 
A 1 50  THR 50  46  46  THR THR A . n 
A 1 51  VAL 51  47  47  VAL VAL A . n 
A 1 52  ALA 52  48  48  ALA ALA A . n 
A 1 53  SER 53  49  49  SER SER A . n 
A 1 54  ARG 54  50  50  ARG ARG A . n 
A 1 55  THR 55  51  51  THR THR A . n 
A 1 56  GLY 56  52  52  GLY GLY A . n 
A 1 57  ALA 57  53  53  ALA ALA A . n 
A 1 58  GLY 58  54  54  GLY GLY A . n 
A 1 59  GLN 59  55  55  GLN GLN A . n 
A 1 60  ARG 60  56  56  ARG ARG A . n 
A 1 61  GLN 61  57  57  GLN GLN A . n 
A 1 62  SER 62  58  58  SER SER A . n 
A 1 63  ILE 63  59  59  ILE ILE A . n 
A 1 64  GLU 64  60  60  GLU GLU A . n 
A 1 65  GLU 65  61  61  GLU GLU A . n 
A 1 66  GLY 66  62  62  GLY GLY A . n 
A 1 67  ASN 67  63  63  ASN ASN A . n 
A 1 68  TYR 68  64  64  TYR TYR A . n 
A 1 69  ILE 69  65  65  ILE ILE A . n 
A 1 70  GLY 70  66  66  GLY GLY A . n 
A 1 71  HIS 71  67  67  HIS HIS A . n 
A 1 72  VAL 72  68  68  VAL VAL A . n 
A 1 73  TYR 73  69  69  TYR TYR A . n 
A 1 74  ALA 74  70  70  ALA ALA A . n 
A 1 75  ARG 75  71  71  ARG ARG A . n 
A 1 76  SER 76  72  72  SER SER A . n 
A 1 77  GLU 77  73  73  GLU GLU A . n 
A 1 78  GLY 78  74  74  GLY GLY A . n 
A 1 79  ILE 79  75  75  ILE ILE A . n 
A 1 80  CYS 80  76  76  CYS CYS A . n 
A 1 81  GLY 81  77  77  GLY GLY A . n 
A 1 82  VAL 82  78  78  VAL VAL A . n 
A 1 83  LEU 83  79  79  LEU LEU A . n 
A 1 84  ILE 84  80  80  ILE ILE A . n 
A 1 85  THR 85  81  81  THR THR A . n 
A 1 86  ASP 86  82  82  ASP ASP A . n 
A 1 87  LYS 87  83  83  LYS LYS A . n 
A 1 88  GLU 88  84  84  GLU GLU A . n 
A 1 89  TYR 89  85  85  TYR TYR A . n 
A 1 90  PRO 90  86  86  PRO PRO A . n 
A 1 91  VAL 91  87  87  VAL VAL A . n 
A 1 92  ARG 92  88  88  ARG ARG A . n 
A 1 93  PRO 93  89  89  PRO PRO A . n 
A 1 94  ALA 94  90  90  ALA ALA A . n 
A 1 95  TYR 95  91  91  TYR TYR A . n 
A 1 96  THR 96  92  92  THR THR A . n 
A 1 97  LEU 97  93  93  LEU LEU A . n 
A 1 98  LEU 98  94  94  LEU LEU A . n 
A 1 99  ASN 99  95  95  ASN ASN A . n 
A 1 100 LYS 100 96  96  LYS LYS A . n 
A 1 101 ILE 101 97  97  ILE ILE A . n 
A 1 102 LEU 102 98  98  LEU LEU A . n 
A 1 103 ASP 103 99  99  ASP ASP A . n 
A 1 104 GLU 104 100 100 GLU GLU A . n 
A 1 105 TYR 105 101 101 TYR TYR A . n 
A 1 106 LEU 106 102 102 LEU LEU A . n 
A 1 107 VAL 107 103 103 VAL VAL A . n 
A 1 108 ALA 108 104 104 ALA ALA A . n 
A 1 109 HIS 109 105 105 HIS HIS A . n 
A 1 110 PRO 110 106 106 PRO PRO A . n 
A 1 111 LYS 111 107 107 LYS LYS A . n 
A 1 112 GLU 112 108 108 GLU GLU A . n 
A 1 113 GLU 113 109 109 GLU GLU A . n 
A 1 114 TRP 114 110 110 TRP TRP A . n 
A 1 115 ALA 115 111 111 ALA ALA A . n 
A 1 116 ASP 116 112 112 ASP ASP A . n 
A 1 117 VAL 117 113 113 VAL VAL A . n 
A 1 118 THR 118 114 114 THR THR A . n 
A 1 119 GLU 119 115 115 GLU GLU A . n 
A 1 120 THR 120 116 116 THR THR A . n 
A 1 121 ASN 121 117 117 ASN ASN A . n 
A 1 122 ASP 122 118 118 ASP ASP A . n 
A 1 123 ALA 123 119 119 ALA ALA A . n 
A 1 124 LEU 124 120 120 LEU LEU A . n 
A 1 125 LYS 125 121 121 LYS LYS A . n 
A 1 126 MET 126 122 122 MET MET A . n 
A 1 127 LYS 127 123 123 LYS LYS A . n 
A 1 128 GLN 128 124 124 GLN GLN A . n 
A 1 129 LEU 129 125 125 LEU LEU A . n 
A 1 130 ASP 130 126 126 ASP ASP A . n 
A 1 131 THR 131 127 127 THR THR A . n 
A 1 132 TYR 132 128 128 TYR TYR A . n 
A 1 133 ILE 133 129 129 ILE ILE A . n 
A 1 134 SER 134 130 130 SER SER A . n 
A 1 135 LYS 135 131 131 LYS LYS A . n 
A 1 136 TYR 136 132 132 TYR TYR A . n 
A 1 137 GLN 137 133 133 GLN GLN A . n 
A 1 138 ASP 138 134 134 ASP ASP A . n 
A 1 139 PRO 139 135 135 PRO PRO A . n 
A 1 140 SER 140 136 ?   ?   ?   A . n 
A 1 141 GLN 141 137 ?   ?   ?   A . n 
A 1 142 ALA 142 138 ?   ?   ?   A . n 
A 1 143 ASP 143 139 ?   ?   ?   A . n 
A 1 144 ALA 144 140 ?   ?   ?   A . n 
# 
loop_
_pdbx_nonpoly_scheme.asym_id 
_pdbx_nonpoly_scheme.entity_id 
_pdbx_nonpoly_scheme.mon_id 
_pdbx_nonpoly_scheme.ndb_seq_num 
_pdbx_nonpoly_scheme.pdb_seq_num 
_pdbx_nonpoly_scheme.auth_seq_num 
_pdbx_nonpoly_scheme.pdb_mon_id 
_pdbx_nonpoly_scheme.auth_mon_id 
_pdbx_nonpoly_scheme.pdb_strand_id 
_pdbx_nonpoly_scheme.pdb_ins_code 
B 2 SO4 1  4000 4000 SO4 SO4 A . 
C 3 HOH 1  1001 1001 HOH HOH A . 
C 3 HOH 2  1002 1002 HOH HOH A . 
C 3 HOH 3  1003 1003 HOH HOH A . 
C 3 HOH 4  1004 1004 HOH HOH A . 
C 3 HOH 5  1005 1005 HOH HOH A . 
C 3 HOH 6  1006 1006 HOH HOH A . 
C 3 HOH 7  1008 1008 HOH HOH A . 
C 3 HOH 8  1009 1009 HOH HOH A . 
C 3 HOH 9  1010 1010 HOH HOH A . 
C 3 HOH 10 1011 1011 HOH HOH A . 
C 3 HOH 11 1013 1013 HOH HOH A . 
C 3 HOH 12 1014 1014 HOH HOH A . 
C 3 HOH 13 1015 1015 HOH HOH A . 
C 3 HOH 14 1016 1016 HOH HOH A . 
C 3 HOH 15 1017 1017 HOH HOH A . 
C 3 HOH 16 1018 1018 HOH HOH A . 
C 3 HOH 17 1019 1019 HOH HOH A . 
C 3 HOH 18 1020 1020 HOH HOH A . 
C 3 HOH 19 1021 1021 HOH HOH A . 
C 3 HOH 20 1022 1022 HOH HOH A . 
C 3 HOH 21 1023 1023 HOH HOH A . 
C 3 HOH 22 1024 1024 HOH HOH A . 
C 3 HOH 23 1025 1025 HOH HOH A . 
C 3 HOH 24 1026 1026 HOH HOH A . 
C 3 HOH 25 1027 1027 HOH HOH A . 
C 3 HOH 26 1029 1029 HOH HOH A . 
C 3 HOH 27 1031 1031 HOH HOH A . 
C 3 HOH 28 1034 1034 HOH HOH A . 
C 3 HOH 29 1035 1035 HOH HOH A . 
C 3 HOH 30 1036 1036 HOH HOH A . 
C 3 HOH 31 5001 5001 HOH HOH A . 
C 3 HOH 32 5002 5002 HOH HOH A . 
C 3 HOH 33 5003 5003 HOH HOH A . 
C 3 HOH 34 5004 5004 HOH HOH A . 
C 3 HOH 35 5005 5005 HOH HOH A . 
C 3 HOH 36 5006 5006 HOH HOH A . 
C 3 HOH 37 5007 5007 HOH HOH A . 
C 3 HOH 38 5008 5008 HOH HOH A . 
C 3 HOH 39 5009 5009 HOH HOH A . 
C 3 HOH 40 6001 6001 HOH HOH A . 
C 3 HOH 41 6002 6002 HOH HOH A . 
C 3 HOH 42 6003 6003 HOH HOH A . 
C 3 HOH 43 6004 6004 HOH HOH A . 
C 3 HOH 44 6005 6005 HOH HOH A . 
# 
loop_
_software.name 
_software.classification 
_software.version 
_software.citation_id 
_software.pdbx_ordinal 
CNS refinement       . ? 1 
XDS 'data reduction' . ? 2 
XDS 'data scaling'   . ? 3 
CNS phasing          . ? 4 
# 
_cell.entry_id           3BW6 
_cell.length_a           78.890 
_cell.length_b           78.890 
_cell.length_c           64.660 
_cell.angle_alpha        90.00 
_cell.angle_beta         90.00 
_cell.angle_gamma        120.00 
_cell.Z_PDB              6 
_cell.pdbx_unique_axis   ? 
_cell.length_a_esd       ? 
_cell.length_b_esd       ? 
_cell.length_c_esd       ? 
_cell.angle_alpha_esd    ? 
_cell.angle_beta_esd     ? 
_cell.angle_gamma_esd    ? 
# 
_symmetry.entry_id                         3BW6 
_symmetry.space_group_name_H-M             'P 32 2 1' 
_symmetry.pdbx_full_space_group_name_H-M   ? 
_symmetry.cell_setting                     ? 
_symmetry.Int_Tables_number                154 
_symmetry.space_group_name_Hall            ? 
# 
_exptl.entry_id          3BW6 
_exptl.method            'X-RAY DIFFRACTION' 
_exptl.crystals_number   1 
# 
_exptl_crystal.id                    1 
_exptl_crystal.density_meas          ? 
_exptl_crystal.density_Matthews      3.59 
_exptl_crystal.density_percent_sol   65.73 
_exptl_crystal.description           ? 
_exptl_crystal.F_000                 ? 
_exptl_crystal.preparation           ? 
# 
_exptl_crystal_grow.crystal_id      1 
_exptl_crystal_grow.method          'VAPOR DIFFUSION, HANGING DROP' 
_exptl_crystal_grow.temp            293 
_exptl_crystal_grow.temp_details    ? 
_exptl_crystal_grow.pH              6.5 
_exptl_crystal_grow.pdbx_details    
'26% PEG 3350, 150 mM ammonium sulphate, 100 mM MES (pH 6.5), VAPOR DIFFUSION, HANGING DROP, temperature 293K' 
_exptl_crystal_grow.pdbx_pH_range   . 
# 
_diffrn.id                     1 
_diffrn.ambient_temp           100 
_diffrn.ambient_temp_details   ? 
_diffrn.crystal_id             1 
# 
_diffrn_detector.diffrn_id              1 
_diffrn_detector.detector               CCD 
_diffrn_detector.type                   'MARMOSAIC 225 mm CCD' 
_diffrn_detector.pdbx_collection_date   ? 
_diffrn_detector.details                ? 
# 
_diffrn_radiation.diffrn_id                        1 
_diffrn_radiation.wavelength_id                    1 
_diffrn_radiation.pdbx_monochromatic_or_laue_m_l   M 
_diffrn_radiation.monochromator                    ? 
_diffrn_radiation.pdbx_diffrn_protocol             'SINGLE WAVELENGTH' 
_diffrn_radiation.pdbx_scattering_type             x-ray 
# 
_diffrn_radiation_wavelength.id           1 
_diffrn_radiation_wavelength.wavelength   0.934 
_diffrn_radiation_wavelength.wt           1.0 
# 
_diffrn_source.diffrn_id                   1 
_diffrn_source.source                      SYNCHROTRON 
_diffrn_source.type                        'SLS BEAMLINE X10SA' 
_diffrn_source.pdbx_synchrotron_site       SLS 
_diffrn_source.pdbx_synchrotron_beamline   X10SA 
_diffrn_source.pdbx_wavelength             ? 
_diffrn_source.pdbx_wavelength_list        0.934 
# 
_reflns.entry_id                     3BW6 
_reflns.observed_criterion_sigma_F   2.0 
_reflns.observed_criterion_sigma_I   2.0 
_reflns.d_resolution_high            2.5 
_reflns.d_resolution_low             20 
_reflns.number_all                   8335 
_reflns.number_obs                   8293 
_reflns.percent_possible_obs         94.4 
_reflns.pdbx_Rmerge_I_obs            ? 
_reflns.pdbx_Rsym_value              ? 
_reflns.pdbx_netI_over_sigmaI        ? 
_reflns.B_iso_Wilson_estimate        ? 
_reflns.pdbx_redundancy              ? 
_reflns.R_free_details               ? 
_reflns.limit_h_max                  ? 
_reflns.limit_h_min                  ? 
_reflns.limit_k_max                  ? 
_reflns.limit_k_min                  ? 
_reflns.limit_l_max                  ? 
_reflns.limit_l_min                  ? 
_reflns.observed_criterion_F_max     ? 
_reflns.observed_criterion_F_min     ? 
_reflns.pdbx_chi_squared             ? 
_reflns.pdbx_scaling_rejects         ? 
_reflns.pdbx_diffrn_id               1 
_reflns.pdbx_ordinal                 1 
# 
_reflns_shell.d_res_high             2.5 
_reflns_shell.d_res_low              2.55 
_reflns_shell.percent_possible_all   100 
_reflns_shell.Rmerge_I_obs           ? 
_reflns_shell.pdbx_Rsym_value        ? 
_reflns_shell.meanI_over_sigI_obs    ? 
_reflns_shell.pdbx_redundancy        ? 
_reflns_shell.percent_possible_obs   ? 
_reflns_shell.number_unique_all      ? 
_reflns_shell.number_measured_all    ? 
_reflns_shell.number_measured_obs    ? 
_reflns_shell.number_unique_obs      ? 
_reflns_shell.pdbx_chi_squared       ? 
_reflns_shell.pdbx_diffrn_id         ? 
_reflns_shell.pdbx_ordinal           1 
# 
_refine.entry_id                                 3BW6 
_refine.ls_d_res_high                            2.5 
_refine.ls_d_res_low                             20 
_refine.pdbx_ls_sigma_F                          0 
_refine.pdbx_ls_sigma_I                          ? 
_refine.ls_number_reflns_all                     8335 
_refine.ls_number_reflns_obs                     8293 
_refine.ls_number_reflns_R_free                  415 
_refine.ls_percent_reflns_obs                    ? 
_refine.ls_R_factor_all                          0.24 
_refine.ls_R_factor_obs                          0.24 
_refine.ls_R_factor_R_work                       0.24 
_refine.ls_R_factor_R_free                       0.26 
_refine.ls_redundancy_reflns_obs                 ? 
_refine.pdbx_data_cutoff_high_absF               ? 
_refine.pdbx_data_cutoff_low_absF                ? 
_refine.ls_number_parameters                     ? 
_refine.ls_number_restraints                     ? 
_refine.ls_percent_reflns_R_free                 ? 
_refine.ls_R_factor_R_free_error                 ? 
_refine.ls_R_factor_R_free_error_details         ? 
_refine.pdbx_method_to_determine_struct          SAD 
_refine.pdbx_starting_model                      ? 
_refine.pdbx_ls_cross_valid_method               ? 
_refine.pdbx_R_Free_selection_details            random 
_refine.pdbx_stereochem_target_val_spec_case     ? 
_refine.pdbx_stereochemistry_target_values       'Engh & Huber' 
_refine.solvent_model_details                    ? 
_refine.solvent_model_param_bsol                 ? 
_refine.solvent_model_param_ksol                 ? 
_refine.occupancy_max                            ? 
_refine.occupancy_min                            ? 
_refine.pdbx_isotropic_thermal_model             ? 
_refine.B_iso_mean                               ? 
_refine.aniso_B[1][1]                            ? 
_refine.aniso_B[1][2]                            ? 
_refine.aniso_B[1][3]                            ? 
_refine.aniso_B[2][2]                            ? 
_refine.aniso_B[2][3]                            ? 
_refine.aniso_B[3][3]                            ? 
_refine.details                                  ? 
_refine.B_iso_min                                ? 
_refine.B_iso_max                                ? 
_refine.correlation_coeff_Fo_to_Fc               ? 
_refine.correlation_coeff_Fo_to_Fc_free          ? 
_refine.pdbx_solvent_vdw_probe_radii             ? 
_refine.pdbx_solvent_ion_probe_radii             ? 
_refine.pdbx_solvent_shrinkage_radii             ? 
_refine.overall_SU_R_Cruickshank_DPI             ? 
_refine.overall_SU_R_free                        ? 
_refine.overall_SU_ML                            ? 
_refine.overall_SU_B                             ? 
_refine.pdbx_overall_ESU_R_Free                  ? 
_refine.pdbx_data_cutoff_high_rms_absF           ? 
_refine.pdbx_overall_ESU_R                       ? 
_refine.ls_wR_factor_R_free                      ? 
_refine.ls_wR_factor_R_work                      ? 
_refine.overall_FOM_free_R_set                   ? 
_refine.overall_FOM_work_R_set                   ? 
_refine.pdbx_overall_phase_error                 ? 
_refine.pdbx_refine_id                           'X-RAY DIFFRACTION' 
_refine.pdbx_diffrn_id                           1 
_refine.pdbx_TLS_residual_ADP_flag               ? 
_refine.pdbx_overall_SU_R_free_Cruickshank_DPI   ? 
_refine.pdbx_overall_SU_R_Blow_DPI               ? 
_refine.pdbx_overall_SU_R_free_Blow_DPI          ? 
# 
_refine_hist.pdbx_refine_id                   'X-RAY DIFFRACTION' 
_refine_hist.cycle_id                         LAST 
_refine_hist.pdbx_number_atoms_protein        1096 
_refine_hist.pdbx_number_atoms_nucleic_acid   0 
_refine_hist.pdbx_number_atoms_ligand         5 
_refine_hist.number_atoms_solvent             44 
_refine_hist.number_atoms_total               1145 
_refine_hist.d_res_high                       2.5 
_refine_hist.d_res_low                        20 
# 
loop_
_refine_ls_restr.type 
_refine_ls_restr.dev_ideal 
_refine_ls_restr.dev_ideal_target 
_refine_ls_restr.weight 
_refine_ls_restr.number 
_refine_ls_restr.pdbx_refine_id 
_refine_ls_restr.pdbx_restraint_function 
c_bond_d    0.008531 ? ? ? 'X-RAY DIFFRACTION' ? 
c_angle_deg 1.27856  ? ? ? 'X-RAY DIFFRACTION' ? 
# 
_struct.entry_id                  3BW6 
_struct.title                     'Crystal structure of the longin domain of yeast Ykt6' 
_struct.pdbx_model_details        ? 
_struct.pdbx_CASP_flag            ? 
_struct.pdbx_model_type_details   ? 
# 
_struct_keywords.entry_id        3BW6 
_struct_keywords.pdbx_keywords   TRANSFERASE 
_struct_keywords.text            
'Ykt6p, farnesylation, vacuole fusion, SNARE, Coiled coil, Lipoprotein, Membrane, Phosphoprotein, Prenylation, Transferase' 
# 
loop_
_struct_asym.id 
_struct_asym.pdbx_blank_PDB_chainid_flag 
_struct_asym.pdbx_modified 
_struct_asym.entity_id 
_struct_asym.details 
A N N 1 ? 
B N N 2 ? 
C N N 3 ? 
# 
_struct_ref.id                         1 
_struct_ref.db_name                    UNP 
_struct_ref.db_code                    YKT6_YEAST 
_struct_ref.pdbx_db_accession          P36015 
_struct_ref.entity_id                  1 
_struct_ref.pdbx_seq_one_letter_code   
;MRIYYIGVFRSGGEKALELSEVKDLSQFGFFERSSVGQFMTFFAETVASRTGAGQRQSIEEGNYIGHVYARSEGICGVLI
TDKEYPVRPAYTLLNKILDEYLVAHPKEEWADVTETNDALKMKQLDTYISKYQDPSQADA
;
_struct_ref.pdbx_align_begin           1 
_struct_ref.pdbx_db_isoform            ? 
# 
_struct_ref_seq.align_id                      1 
_struct_ref_seq.ref_id                        1 
_struct_ref_seq.pdbx_PDB_id_code              3BW6 
_struct_ref_seq.pdbx_strand_id                A 
_struct_ref_seq.seq_align_beg                 5 
_struct_ref_seq.pdbx_seq_align_beg_ins_code   ? 
_struct_ref_seq.seq_align_end                 144 
_struct_ref_seq.pdbx_seq_align_end_ins_code   ? 
_struct_ref_seq.pdbx_db_accession             P36015 
_struct_ref_seq.db_align_beg                  1 
_struct_ref_seq.pdbx_db_align_beg_ins_code    ? 
_struct_ref_seq.db_align_end                  140 
_struct_ref_seq.pdbx_db_align_end_ins_code    ? 
_struct_ref_seq.pdbx_auth_seq_align_beg       1 
_struct_ref_seq.pdbx_auth_seq_align_end       140 
# 
loop_
_struct_ref_seq_dif.align_id 
_struct_ref_seq_dif.pdbx_pdb_id_code 
_struct_ref_seq_dif.mon_id 
_struct_ref_seq_dif.pdbx_pdb_strand_id 
_struct_ref_seq_dif.seq_num 
_struct_ref_seq_dif.pdbx_pdb_ins_code 
_struct_ref_seq_dif.pdbx_seq_db_name 
_struct_ref_seq_dif.pdbx_seq_db_accession_code 
_struct_ref_seq_dif.db_mon_id 
_struct_ref_seq_dif.pdbx_seq_db_seq_num 
_struct_ref_seq_dif.details 
_struct_ref_seq_dif.pdbx_auth_seq_num 
_struct_ref_seq_dif.pdbx_ordinal 
1 3BW6 GLY A 1 ? UNP P36015 ? ? 'expression tag' -3 1 
1 3BW6 ALA A 2 ? UNP P36015 ? ? 'expression tag' -2 2 
1 3BW6 MET A 3 ? UNP P36015 ? ? 'expression tag' -1 3 
1 3BW6 ALA A 4 ? UNP P36015 ? ? 'expression tag' 0  4 
# 
_pdbx_struct_assembly.id                   1 
_pdbx_struct_assembly.details              author_and_software_defined_assembly 
_pdbx_struct_assembly.method_details       PISA 
_pdbx_struct_assembly.oligomeric_details   monomeric 
_pdbx_struct_assembly.oligomeric_count     1 
# 
_pdbx_struct_assembly_gen.assembly_id       1 
_pdbx_struct_assembly_gen.oper_expression   1 
_pdbx_struct_assembly_gen.asym_id_list      A,B,C 
# 
_pdbx_struct_oper_list.id                   1 
_pdbx_struct_oper_list.type                 'identity operation' 
_pdbx_struct_oper_list.name                 1_555 
_pdbx_struct_oper_list.symmetry_operation   x,y,z 
_pdbx_struct_oper_list.matrix[1][1]         1.0000000000 
_pdbx_struct_oper_list.matrix[1][2]         0.0000000000 
_pdbx_struct_oper_list.matrix[1][3]         0.0000000000 
_pdbx_struct_oper_list.vector[1]            0.0000000000 
_pdbx_struct_oper_list.matrix[2][1]         0.0000000000 
_pdbx_struct_oper_list.matrix[2][2]         1.0000000000 
_pdbx_struct_oper_list.matrix[2][3]         0.0000000000 
_pdbx_struct_oper_list.vector[2]            0.0000000000 
_pdbx_struct_oper_list.matrix[3][1]         0.0000000000 
_pdbx_struct_oper_list.matrix[3][2]         0.0000000000 
_pdbx_struct_oper_list.matrix[3][3]         1.0000000000 
_pdbx_struct_oper_list.vector[3]            0.0000000000 
# 
_struct_biol.id        1 
_struct_biol.details   ? 
# 
loop_
_struct_conf.conf_type_id 
_struct_conf.id 
_struct_conf.pdbx_PDB_helix_id 
_struct_conf.beg_label_comp_id 
_struct_conf.beg_label_asym_id 
_struct_conf.beg_label_seq_id 
_struct_conf.pdbx_beg_PDB_ins_code 
_struct_conf.end_label_comp_id 
_struct_conf.end_label_asym_id 
_struct_conf.end_label_seq_id 
_struct_conf.pdbx_end_PDB_ins_code 
_struct_conf.beg_auth_comp_id 
_struct_conf.beg_auth_asym_id 
_struct_conf.beg_auth_seq_id 
_struct_conf.end_auth_comp_id 
_struct_conf.end_auth_asym_id 
_struct_conf.end_auth_seq_id 
_struct_conf.pdbx_PDB_helix_class 
_struct_conf.details 
_struct_conf.pdbx_PDB_helix_length 
HELX_P HELX_P1 1 SER A 38  ? THR A 55  ? SER A 34  THR A 51  1 ? 18 
HELX_P HELX_P2 2 PRO A 90  ? HIS A 109 ? PRO A 86  HIS A 105 1 ? 20 
HELX_P HELX_P3 3 PRO A 110 ? TRP A 114 ? PRO A 106 TRP A 110 5 ? 5  
HELX_P HELX_P4 4 ASN A 121 ? MET A 126 ? ASN A 117 MET A 122 5 ? 6  
HELX_P HELX_P5 5 LYS A 127 ? TYR A 136 ? LYS A 123 TYR A 132 1 ? 10 
# 
_struct_conf_type.id          HELX_P 
_struct_conf_type.criteria    ? 
_struct_conf_type.reference   ? 
# 
_struct_sheet.id               A 
_struct_sheet.type             ? 
_struct_sheet.number_strands   5 
_struct_sheet.details          ? 
# 
loop_
_struct_sheet_order.sheet_id 
_struct_sheet_order.range_id_1 
_struct_sheet_order.range_id_2 
_struct_sheet_order.offset 
_struct_sheet_order.sense 
A 1 2 ? anti-parallel 
A 2 3 ? anti-parallel 
A 3 4 ? anti-parallel 
A 4 5 ? anti-parallel 
# 
loop_
_struct_sheet_range.sheet_id 
_struct_sheet_range.id 
_struct_sheet_range.beg_label_comp_id 
_struct_sheet_range.beg_label_asym_id 
_struct_sheet_range.beg_label_seq_id 
_struct_sheet_range.pdbx_beg_PDB_ins_code 
_struct_sheet_range.end_label_comp_id 
_struct_sheet_range.end_label_asym_id 
_struct_sheet_range.end_label_seq_id 
_struct_sheet_range.pdbx_end_PDB_ins_code 
_struct_sheet_range.beg_auth_comp_id 
_struct_sheet_range.beg_auth_asym_id 
_struct_sheet_range.beg_auth_seq_id 
_struct_sheet_range.end_auth_comp_id 
_struct_sheet_range.end_auth_asym_id 
_struct_sheet_range.end_auth_seq_id 
A 1 LEU A 21 ? LYS A 27 ? LEU A 17 LYS A 23 
A 2 ILE A 7  ? ARG A 14 ? ILE A 3  ARG A 10 
A 3 ILE A 79 ? ASP A 86 ? ILE A 75 ASP A 82 
A 4 TYR A 68 ? ALA A 74 ? TYR A 64 ALA A 70 
A 5 GLN A 59 ? GLU A 65 ? GLN A 55 GLU A 61 
# 
loop_
_pdbx_struct_sheet_hbond.sheet_id 
_pdbx_struct_sheet_hbond.range_id_1 
_pdbx_struct_sheet_hbond.range_id_2 
_pdbx_struct_sheet_hbond.range_1_label_atom_id 
_pdbx_struct_sheet_hbond.range_1_label_comp_id 
_pdbx_struct_sheet_hbond.range_1_label_asym_id 
_pdbx_struct_sheet_hbond.range_1_label_seq_id 
_pdbx_struct_sheet_hbond.range_1_PDB_ins_code 
_pdbx_struct_sheet_hbond.range_1_auth_atom_id 
_pdbx_struct_sheet_hbond.range_1_auth_comp_id 
_pdbx_struct_sheet_hbond.range_1_auth_asym_id 
_pdbx_struct_sheet_hbond.range_1_auth_seq_id 
_pdbx_struct_sheet_hbond.range_2_label_atom_id 
_pdbx_struct_sheet_hbond.range_2_label_comp_id 
_pdbx_struct_sheet_hbond.range_2_label_asym_id 
_pdbx_struct_sheet_hbond.range_2_label_seq_id 
_pdbx_struct_sheet_hbond.range_2_PDB_ins_code 
_pdbx_struct_sheet_hbond.range_2_auth_atom_id 
_pdbx_struct_sheet_hbond.range_2_auth_comp_id 
_pdbx_struct_sheet_hbond.range_2_auth_asym_id 
_pdbx_struct_sheet_hbond.range_2_auth_seq_id 
A 1 2 O LEU A 23 ? O LEU A 19 N VAL A 12 ? N VAL A 8  
A 2 3 N PHE A 13 ? N PHE A 9  O CYS A 80 ? O CYS A 76 
A 3 4 O LEU A 83 ? O LEU A 79 N HIS A 71 ? N HIS A 67 
A 4 5 O VAL A 72 ? O VAL A 68 N GLN A 61 ? N GLN A 57 
# 
_struct_site.id                   AC1 
_struct_site.pdbx_evidence_code   Software 
_struct_site.pdbx_auth_asym_id    A 
_struct_site.pdbx_auth_comp_id    SO4 
_struct_site.pdbx_auth_seq_id     4000 
_struct_site.pdbx_auth_ins_code   ? 
_struct_site.pdbx_num_residues    7 
_struct_site.details              'BINDING SITE FOR RESIDUE SO4 A 4000' 
# 
loop_
_struct_site_gen.id 
_struct_site_gen.site_id 
_struct_site_gen.pdbx_num_res 
_struct_site_gen.label_comp_id 
_struct_site_gen.label_asym_id 
_struct_site_gen.label_seq_id 
_struct_site_gen.pdbx_auth_ins_code 
_struct_site_gen.auth_comp_id 
_struct_site_gen.auth_asym_id 
_struct_site_gen.auth_seq_id 
_struct_site_gen.label_atom_id 
_struct_site_gen.label_alt_id 
_struct_site_gen.symmetry 
_struct_site_gen.details 
1 AC1 7 ARG A 60  ? ARG A 56   . ? 1_555 ? 
2 AC1 7 ARG A 92  ? ARG A 88   . ? 1_555 ? 
3 AC1 7 ASN A 99  ? ASN A 95   . ? 1_555 ? 
4 AC1 7 PRO A 110 ? PRO A 106  . ? 2_664 ? 
5 AC1 7 LYS A 111 ? LYS A 107  . ? 2_664 ? 
6 AC1 7 HOH C .   ? HOH A 1025 . ? 2_664 ? 
7 AC1 7 HOH C .   ? HOH A 1026 . ? 2_664 ? 
# 
loop_
_pdbx_validate_torsion.id 
_pdbx_validate_torsion.PDB_model_num 
_pdbx_validate_torsion.auth_comp_id 
_pdbx_validate_torsion.auth_asym_id 
_pdbx_validate_torsion.auth_seq_id 
_pdbx_validate_torsion.PDB_ins_code 
_pdbx_validate_torsion.label_alt_id 
_pdbx_validate_torsion.phi 
_pdbx_validate_torsion.psi 
1 1 ARG A 33  ? ? -63.94 6.72  
2 1 TYR A 132 ? ? -78.64 28.85 
3 1 ASP A 134 ? ? 53.43  84.26 
# 
loop_
_pdbx_unobs_or_zero_occ_residues.id 
_pdbx_unobs_or_zero_occ_residues.PDB_model_num 
_pdbx_unobs_or_zero_occ_residues.polymer_flag 
_pdbx_unobs_or_zero_occ_residues.occupancy_flag 
_pdbx_unobs_or_zero_occ_residues.auth_asym_id 
_pdbx_unobs_or_zero_occ_residues.auth_comp_id 
_pdbx_unobs_or_zero_occ_residues.auth_seq_id 
_pdbx_unobs_or_zero_occ_residues.PDB_ins_code 
_pdbx_unobs_or_zero_occ_residues.label_asym_id 
_pdbx_unobs_or_zero_occ_residues.label_comp_id 
_pdbx_unobs_or_zero_occ_residues.label_seq_id 
1 1 Y 1 A GLY -3  ? A GLY 1   
2 1 Y 1 A ALA -2  ? A ALA 2   
3 1 Y 1 A SER 136 ? A SER 140 
4 1 Y 1 A GLN 137 ? A GLN 141 
5 1 Y 1 A ALA 138 ? A ALA 142 
6 1 Y 1 A ASP 139 ? A ASP 143 
7 1 Y 1 A ALA 140 ? A ALA 144 
# 
loop_
_chem_comp_atom.comp_id 
_chem_comp_atom.atom_id 
_chem_comp_atom.type_symbol 
_chem_comp_atom.pdbx_aromatic_flag 
_chem_comp_atom.pdbx_stereo_config 
_chem_comp_atom.pdbx_ordinal 
ALA N    N N N 1   
ALA CA   C N S 2   
ALA C    C N N 3   
ALA O    O N N 4   
ALA CB   C N N 5   
ALA OXT  O N N 6   
ALA H    H N N 7   
ALA H2   H N N 8   
ALA HA   H N N 9   
ALA HB1  H N N 10  
ALA HB2  H N N 11  
ALA HB3  H N N 12  
ALA HXT  H N N 13  
ARG N    N N N 14  
ARG CA   C N S 15  
ARG C    C N N 16  
ARG O    O N N 17  
ARG CB   C N N 18  
ARG CG   C N N 19  
ARG CD   C N N 20  
ARG NE   N N N 21  
ARG CZ   C N N 22  
ARG NH1  N N N 23  
ARG NH2  N N N 24  
ARG OXT  O N N 25  
ARG H    H N N 26  
ARG H2   H N N 27  
ARG HA   H N N 28  
ARG HB2  H N N 29  
ARG HB3  H N N 30  
ARG HG2  H N N 31  
ARG HG3  H N N 32  
ARG HD2  H N N 33  
ARG HD3  H N N 34  
ARG HE   H N N 35  
ARG HH11 H N N 36  
ARG HH12 H N N 37  
ARG HH21 H N N 38  
ARG HH22 H N N 39  
ARG HXT  H N N 40  
ASN N    N N N 41  
ASN CA   C N S 42  
ASN C    C N N 43  
ASN O    O N N 44  
ASN CB   C N N 45  
ASN CG   C N N 46  
ASN OD1  O N N 47  
ASN ND2  N N N 48  
ASN OXT  O N N 49  
ASN H    H N N 50  
ASN H2   H N N 51  
ASN HA   H N N 52  
ASN HB2  H N N 53  
ASN HB3  H N N 54  
ASN HD21 H N N 55  
ASN HD22 H N N 56  
ASN HXT  H N N 57  
ASP N    N N N 58  
ASP CA   C N S 59  
ASP C    C N N 60  
ASP O    O N N 61  
ASP CB   C N N 62  
ASP CG   C N N 63  
ASP OD1  O N N 64  
ASP OD2  O N N 65  
ASP OXT  O N N 66  
ASP H    H N N 67  
ASP H2   H N N 68  
ASP HA   H N N 69  
ASP HB2  H N N 70  
ASP HB3  H N N 71  
ASP HD2  H N N 72  
ASP HXT  H N N 73  
CYS N    N N N 74  
CYS CA   C N R 75  
CYS C    C N N 76  
CYS O    O N N 77  
CYS CB   C N N 78  
CYS SG   S N N 79  
CYS OXT  O N N 80  
CYS H    H N N 81  
CYS H2   H N N 82  
CYS HA   H N N 83  
CYS HB2  H N N 84  
CYS HB3  H N N 85  
CYS HG   H N N 86  
CYS HXT  H N N 87  
GLN N    N N N 88  
GLN CA   C N S 89  
GLN C    C N N 90  
GLN O    O N N 91  
GLN CB   C N N 92  
GLN CG   C N N 93  
GLN CD   C N N 94  
GLN OE1  O N N 95  
GLN NE2  N N N 96  
GLN OXT  O N N 97  
GLN H    H N N 98  
GLN H2   H N N 99  
GLN HA   H N N 100 
GLN HB2  H N N 101 
GLN HB3  H N N 102 
GLN HG2  H N N 103 
GLN HG3  H N N 104 
GLN HE21 H N N 105 
GLN HE22 H N N 106 
GLN HXT  H N N 107 
GLU N    N N N 108 
GLU CA   C N S 109 
GLU C    C N N 110 
GLU O    O N N 111 
GLU CB   C N N 112 
GLU CG   C N N 113 
GLU CD   C N N 114 
GLU OE1  O N N 115 
GLU OE2  O N N 116 
GLU OXT  O N N 117 
GLU H    H N N 118 
GLU H2   H N N 119 
GLU HA   H N N 120 
GLU HB2  H N N 121 
GLU HB3  H N N 122 
GLU HG2  H N N 123 
GLU HG3  H N N 124 
GLU HE2  H N N 125 
GLU HXT  H N N 126 
GLY N    N N N 127 
GLY CA   C N N 128 
GLY C    C N N 129 
GLY O    O N N 130 
GLY OXT  O N N 131 
GLY H    H N N 132 
GLY H2   H N N 133 
GLY HA2  H N N 134 
GLY HA3  H N N 135 
GLY HXT  H N N 136 
HIS N    N N N 137 
HIS CA   C N S 138 
HIS C    C N N 139 
HIS O    O N N 140 
HIS CB   C N N 141 
HIS CG   C Y N 142 
HIS ND1  N Y N 143 
HIS CD2  C Y N 144 
HIS CE1  C Y N 145 
HIS NE2  N Y N 146 
HIS OXT  O N N 147 
HIS H    H N N 148 
HIS H2   H N N 149 
HIS HA   H N N 150 
HIS HB2  H N N 151 
HIS HB3  H N N 152 
HIS HD1  H N N 153 
HIS HD2  H N N 154 
HIS HE1  H N N 155 
HIS HE2  H N N 156 
HIS HXT  H N N 157 
HOH O    O N N 158 
HOH H1   H N N 159 
HOH H2   H N N 160 
ILE N    N N N 161 
ILE CA   C N S 162 
ILE C    C N N 163 
ILE O    O N N 164 
ILE CB   C N S 165 
ILE CG1  C N N 166 
ILE CG2  C N N 167 
ILE CD1  C N N 168 
ILE OXT  O N N 169 
ILE H    H N N 170 
ILE H2   H N N 171 
ILE HA   H N N 172 
ILE HB   H N N 173 
ILE HG12 H N N 174 
ILE HG13 H N N 175 
ILE HG21 H N N 176 
ILE HG22 H N N 177 
ILE HG23 H N N 178 
ILE HD11 H N N 179 
ILE HD12 H N N 180 
ILE HD13 H N N 181 
ILE HXT  H N N 182 
LEU N    N N N 183 
LEU CA   C N S 184 
LEU C    C N N 185 
LEU O    O N N 186 
LEU CB   C N N 187 
LEU CG   C N N 188 
LEU CD1  C N N 189 
LEU CD2  C N N 190 
LEU OXT  O N N 191 
LEU H    H N N 192 
LEU H2   H N N 193 
LEU HA   H N N 194 
LEU HB2  H N N 195 
LEU HB3  H N N 196 
LEU HG   H N N 197 
LEU HD11 H N N 198 
LEU HD12 H N N 199 
LEU HD13 H N N 200 
LEU HD21 H N N 201 
LEU HD22 H N N 202 
LEU HD23 H N N 203 
LEU HXT  H N N 204 
LYS N    N N N 205 
LYS CA   C N S 206 
LYS C    C N N 207 
LYS O    O N N 208 
LYS CB   C N N 209 
LYS CG   C N N 210 
LYS CD   C N N 211 
LYS CE   C N N 212 
LYS NZ   N N N 213 
LYS OXT  O N N 214 
LYS H    H N N 215 
LYS H2   H N N 216 
LYS HA   H N N 217 
LYS HB2  H N N 218 
LYS HB3  H N N 219 
LYS HG2  H N N 220 
LYS HG3  H N N 221 
LYS HD2  H N N 222 
LYS HD3  H N N 223 
LYS HE2  H N N 224 
LYS HE3  H N N 225 
LYS HZ1  H N N 226 
LYS HZ2  H N N 227 
LYS HZ3  H N N 228 
LYS HXT  H N N 229 
MET N    N N N 230 
MET CA   C N S 231 
MET C    C N N 232 
MET O    O N N 233 
MET CB   C N N 234 
MET CG   C N N 235 
MET SD   S N N 236 
MET CE   C N N 237 
MET OXT  O N N 238 
MET H    H N N 239 
MET H2   H N N 240 
MET HA   H N N 241 
MET HB2  H N N 242 
MET HB3  H N N 243 
MET HG2  H N N 244 
MET HG3  H N N 245 
MET HE1  H N N 246 
MET HE2  H N N 247 
MET HE3  H N N 248 
MET HXT  H N N 249 
PHE N    N N N 250 
PHE CA   C N S 251 
PHE C    C N N 252 
PHE O    O N N 253 
PHE CB   C N N 254 
PHE CG   C Y N 255 
PHE CD1  C Y N 256 
PHE CD2  C Y N 257 
PHE CE1  C Y N 258 
PHE CE2  C Y N 259 
PHE CZ   C Y N 260 
PHE OXT  O N N 261 
PHE H    H N N 262 
PHE H2   H N N 263 
PHE HA   H N N 264 
PHE HB2  H N N 265 
PHE HB3  H N N 266 
PHE HD1  H N N 267 
PHE HD2  H N N 268 
PHE HE1  H N N 269 
PHE HE2  H N N 270 
PHE HZ   H N N 271 
PHE HXT  H N N 272 
PRO N    N N N 273 
PRO CA   C N S 274 
PRO C    C N N 275 
PRO O    O N N 276 
PRO CB   C N N 277 
PRO CG   C N N 278 
PRO CD   C N N 279 
PRO OXT  O N N 280 
PRO H    H N N 281 
PRO HA   H N N 282 
PRO HB2  H N N 283 
PRO HB3  H N N 284 
PRO HG2  H N N 285 
PRO HG3  H N N 286 
PRO HD2  H N N 287 
PRO HD3  H N N 288 
PRO HXT  H N N 289 
SER N    N N N 290 
SER CA   C N S 291 
SER C    C N N 292 
SER O    O N N 293 
SER CB   C N N 294 
SER OG   O N N 295 
SER OXT  O N N 296 
SER H    H N N 297 
SER H2   H N N 298 
SER HA   H N N 299 
SER HB2  H N N 300 
SER HB3  H N N 301 
SER HG   H N N 302 
SER HXT  H N N 303 
SO4 S    S N N 304 
SO4 O1   O N N 305 
SO4 O2   O N N 306 
SO4 O3   O N N 307 
SO4 O4   O N N 308 
THR N    N N N 309 
THR CA   C N S 310 
THR C    C N N 311 
THR O    O N N 312 
THR CB   C N R 313 
THR OG1  O N N 314 
THR CG2  C N N 315 
THR OXT  O N N 316 
THR H    H N N 317 
THR H2   H N N 318 
THR HA   H N N 319 
THR HB   H N N 320 
THR HG1  H N N 321 
THR HG21 H N N 322 
THR HG22 H N N 323 
THR HG23 H N N 324 
THR HXT  H N N 325 
TRP N    N N N 326 
TRP CA   C N S 327 
TRP C    C N N 328 
TRP O    O N N 329 
TRP CB   C N N 330 
TRP CG   C Y N 331 
TRP CD1  C Y N 332 
TRP CD2  C Y N 333 
TRP NE1  N Y N 334 
TRP CE2  C Y N 335 
TRP CE3  C Y N 336 
TRP CZ2  C Y N 337 
TRP CZ3  C Y N 338 
TRP CH2  C Y N 339 
TRP OXT  O N N 340 
TRP H    H N N 341 
TRP H2   H N N 342 
TRP HA   H N N 343 
TRP HB2  H N N 344 
TRP HB3  H N N 345 
TRP HD1  H N N 346 
TRP HE1  H N N 347 
TRP HE3  H N N 348 
TRP HZ2  H N N 349 
TRP HZ3  H N N 350 
TRP HH2  H N N 351 
TRP HXT  H N N 352 
TYR N    N N N 353 
TYR CA   C N S 354 
TYR C    C N N 355 
TYR O    O N N 356 
TYR CB   C N N 357 
TYR CG   C Y N 358 
TYR CD1  C Y N 359 
TYR CD2  C Y N 360 
TYR CE1  C Y N 361 
TYR CE2  C Y N 362 
TYR CZ   C Y N 363 
TYR OH   O N N 364 
TYR OXT  O N N 365 
TYR H    H N N 366 
TYR H2   H N N 367 
TYR HA   H N N 368 
TYR HB2  H N N 369 
TYR HB3  H N N 370 
TYR HD1  H N N 371 
TYR HD2  H N N 372 
TYR HE1  H N N 373 
TYR HE2  H N N 374 
TYR HH   H N N 375 
TYR HXT  H N N 376 
VAL N    N N N 377 
VAL CA   C N S 378 
VAL C    C N N 379 
VAL O    O N N 380 
VAL CB   C N N 381 
VAL CG1  C N N 382 
VAL CG2  C N N 383 
VAL OXT  O N N 384 
VAL H    H N N 385 
VAL H2   H N N 386 
VAL HA   H N N 387 
VAL HB   H N N 388 
VAL HG11 H N N 389 
VAL HG12 H N N 390 
VAL HG13 H N N 391 
VAL HG21 H N N 392 
VAL HG22 H N N 393 
VAL HG23 H N N 394 
VAL HXT  H N N 395 
# 
loop_
_chem_comp_bond.comp_id 
_chem_comp_bond.atom_id_1 
_chem_comp_bond.atom_id_2 
_chem_comp_bond.value_order 
_chem_comp_bond.pdbx_aromatic_flag 
_chem_comp_bond.pdbx_stereo_config 
_chem_comp_bond.pdbx_ordinal 
ALA N   CA   sing N N 1   
ALA N   H    sing N N 2   
ALA N   H2   sing N N 3   
ALA CA  C    sing N N 4   
ALA CA  CB   sing N N 5   
ALA CA  HA   sing N N 6   
ALA C   O    doub N N 7   
ALA C   OXT  sing N N 8   
ALA CB  HB1  sing N N 9   
ALA CB  HB2  sing N N 10  
ALA CB  HB3  sing N N 11  
ALA OXT HXT  sing N N 12  
ARG N   CA   sing N N 13  
ARG N   H    sing N N 14  
ARG N   H2   sing N N 15  
ARG CA  C    sing N N 16  
ARG CA  CB   sing N N 17  
ARG CA  HA   sing N N 18  
ARG C   O    doub N N 19  
ARG C   OXT  sing N N 20  
ARG CB  CG   sing N N 21  
ARG CB  HB2  sing N N 22  
ARG CB  HB3  sing N N 23  
ARG CG  CD   sing N N 24  
ARG CG  HG2  sing N N 25  
ARG CG  HG3  sing N N 26  
ARG CD  NE   sing N N 27  
ARG CD  HD2  sing N N 28  
ARG CD  HD3  sing N N 29  
ARG NE  CZ   sing N N 30  
ARG NE  HE   sing N N 31  
ARG CZ  NH1  sing N N 32  
ARG CZ  NH2  doub N N 33  
ARG NH1 HH11 sing N N 34  
ARG NH1 HH12 sing N N 35  
ARG NH2 HH21 sing N N 36  
ARG NH2 HH22 sing N N 37  
ARG OXT HXT  sing N N 38  
ASN N   CA   sing N N 39  
ASN N   H    sing N N 40  
ASN N   H2   sing N N 41  
ASN CA  C    sing N N 42  
ASN CA  CB   sing N N 43  
ASN CA  HA   sing N N 44  
ASN C   O    doub N N 45  
ASN C   OXT  sing N N 46  
ASN CB  CG   sing N N 47  
ASN CB  HB2  sing N N 48  
ASN CB  HB3  sing N N 49  
ASN CG  OD1  doub N N 50  
ASN CG  ND2  sing N N 51  
ASN ND2 HD21 sing N N 52  
ASN ND2 HD22 sing N N 53  
ASN OXT HXT  sing N N 54  
ASP N   CA   sing N N 55  
ASP N   H    sing N N 56  
ASP N   H2   sing N N 57  
ASP CA  C    sing N N 58  
ASP CA  CB   sing N N 59  
ASP CA  HA   sing N N 60  
ASP C   O    doub N N 61  
ASP C   OXT  sing N N 62  
ASP CB  CG   sing N N 63  
ASP CB  HB2  sing N N 64  
ASP CB  HB3  sing N N 65  
ASP CG  OD1  doub N N 66  
ASP CG  OD2  sing N N 67  
ASP OD2 HD2  sing N N 68  
ASP OXT HXT  sing N N 69  
CYS N   CA   sing N N 70  
CYS N   H    sing N N 71  
CYS N   H2   sing N N 72  
CYS CA  C    sing N N 73  
CYS CA  CB   sing N N 74  
CYS CA  HA   sing N N 75  
CYS C   O    doub N N 76  
CYS C   OXT  sing N N 77  
CYS CB  SG   sing N N 78  
CYS CB  HB2  sing N N 79  
CYS CB  HB3  sing N N 80  
CYS SG  HG   sing N N 81  
CYS OXT HXT  sing N N 82  
GLN N   CA   sing N N 83  
GLN N   H    sing N N 84  
GLN N   H2   sing N N 85  
GLN CA  C    sing N N 86  
GLN CA  CB   sing N N 87  
GLN CA  HA   sing N N 88  
GLN C   O    doub N N 89  
GLN C   OXT  sing N N 90  
GLN CB  CG   sing N N 91  
GLN CB  HB2  sing N N 92  
GLN CB  HB3  sing N N 93  
GLN CG  CD   sing N N 94  
GLN CG  HG2  sing N N 95  
GLN CG  HG3  sing N N 96  
GLN CD  OE1  doub N N 97  
GLN CD  NE2  sing N N 98  
GLN NE2 HE21 sing N N 99  
GLN NE2 HE22 sing N N 100 
GLN OXT HXT  sing N N 101 
GLU N   CA   sing N N 102 
GLU N   H    sing N N 103 
GLU N   H2   sing N N 104 
GLU CA  C    sing N N 105 
GLU CA  CB   sing N N 106 
GLU CA  HA   sing N N 107 
GLU C   O    doub N N 108 
GLU C   OXT  sing N N 109 
GLU CB  CG   sing N N 110 
GLU CB  HB2  sing N N 111 
GLU CB  HB3  sing N N 112 
GLU CG  CD   sing N N 113 
GLU CG  HG2  sing N N 114 
GLU CG  HG3  sing N N 115 
GLU CD  OE1  doub N N 116 
GLU CD  OE2  sing N N 117 
GLU OE2 HE2  sing N N 118 
GLU OXT HXT  sing N N 119 
GLY N   CA   sing N N 120 
GLY N   H    sing N N 121 
GLY N   H2   sing N N 122 
GLY CA  C    sing N N 123 
GLY CA  HA2  sing N N 124 
GLY CA  HA3  sing N N 125 
GLY C   O    doub N N 126 
GLY C   OXT  sing N N 127 
GLY OXT HXT  sing N N 128 
HIS N   CA   sing N N 129 
HIS N   H    sing N N 130 
HIS N   H2   sing N N 131 
HIS CA  C    sing N N 132 
HIS CA  CB   sing N N 133 
HIS CA  HA   sing N N 134 
HIS C   O    doub N N 135 
HIS C   OXT  sing N N 136 
HIS CB  CG   sing N N 137 
HIS CB  HB2  sing N N 138 
HIS CB  HB3  sing N N 139 
HIS CG  ND1  sing Y N 140 
HIS CG  CD2  doub Y N 141 
HIS ND1 CE1  doub Y N 142 
HIS ND1 HD1  sing N N 143 
HIS CD2 NE2  sing Y N 144 
HIS CD2 HD2  sing N N 145 
HIS CE1 NE2  sing Y N 146 
HIS CE1 HE1  sing N N 147 
HIS NE2 HE2  sing N N 148 
HIS OXT HXT  sing N N 149 
HOH O   H1   sing N N 150 
HOH O   H2   sing N N 151 
ILE N   CA   sing N N 152 
ILE N   H    sing N N 153 
ILE N   H2   sing N N 154 
ILE CA  C    sing N N 155 
ILE CA  CB   sing N N 156 
ILE CA  HA   sing N N 157 
ILE C   O    doub N N 158 
ILE C   OXT  sing N N 159 
ILE CB  CG1  sing N N 160 
ILE CB  CG2  sing N N 161 
ILE CB  HB   sing N N 162 
ILE CG1 CD1  sing N N 163 
ILE CG1 HG12 sing N N 164 
ILE CG1 HG13 sing N N 165 
ILE CG2 HG21 sing N N 166 
ILE CG2 HG22 sing N N 167 
ILE CG2 HG23 sing N N 168 
ILE CD1 HD11 sing N N 169 
ILE CD1 HD12 sing N N 170 
ILE CD1 HD13 sing N N 171 
ILE OXT HXT  sing N N 172 
LEU N   CA   sing N N 173 
LEU N   H    sing N N 174 
LEU N   H2   sing N N 175 
LEU CA  C    sing N N 176 
LEU CA  CB   sing N N 177 
LEU CA  HA   sing N N 178 
LEU C   O    doub N N 179 
LEU C   OXT  sing N N 180 
LEU CB  CG   sing N N 181 
LEU CB  HB2  sing N N 182 
LEU CB  HB3  sing N N 183 
LEU CG  CD1  sing N N 184 
LEU CG  CD2  sing N N 185 
LEU CG  HG   sing N N 186 
LEU CD1 HD11 sing N N 187 
LEU CD1 HD12 sing N N 188 
LEU CD1 HD13 sing N N 189 
LEU CD2 HD21 sing N N 190 
LEU CD2 HD22 sing N N 191 
LEU CD2 HD23 sing N N 192 
LEU OXT HXT  sing N N 193 
LYS N   CA   sing N N 194 
LYS N   H    sing N N 195 
LYS N   H2   sing N N 196 
LYS CA  C    sing N N 197 
LYS CA  CB   sing N N 198 
LYS CA  HA   sing N N 199 
LYS C   O    doub N N 200 
LYS C   OXT  sing N N 201 
LYS CB  CG   sing N N 202 
LYS CB  HB2  sing N N 203 
LYS CB  HB3  sing N N 204 
LYS CG  CD   sing N N 205 
LYS CG  HG2  sing N N 206 
LYS CG  HG3  sing N N 207 
LYS CD  CE   sing N N 208 
LYS CD  HD2  sing N N 209 
LYS CD  HD3  sing N N 210 
LYS CE  NZ   sing N N 211 
LYS CE  HE2  sing N N 212 
LYS CE  HE3  sing N N 213 
LYS NZ  HZ1  sing N N 214 
LYS NZ  HZ2  sing N N 215 
LYS NZ  HZ3  sing N N 216 
LYS OXT HXT  sing N N 217 
MET N   CA   sing N N 218 
MET N   H    sing N N 219 
MET N   H2   sing N N 220 
MET CA  C    sing N N 221 
MET CA  CB   sing N N 222 
MET CA  HA   sing N N 223 
MET C   O    doub N N 224 
MET C   OXT  sing N N 225 
MET CB  CG   sing N N 226 
MET CB  HB2  sing N N 227 
MET CB  HB3  sing N N 228 
MET CG  SD   sing N N 229 
MET CG  HG2  sing N N 230 
MET CG  HG3  sing N N 231 
MET SD  CE   sing N N 232 
MET CE  HE1  sing N N 233 
MET CE  HE2  sing N N 234 
MET CE  HE3  sing N N 235 
MET OXT HXT  sing N N 236 
PHE N   CA   sing N N 237 
PHE N   H    sing N N 238 
PHE N   H2   sing N N 239 
PHE CA  C    sing N N 240 
PHE CA  CB   sing N N 241 
PHE CA  HA   sing N N 242 
PHE C   O    doub N N 243 
PHE C   OXT  sing N N 244 
PHE CB  CG   sing N N 245 
PHE CB  HB2  sing N N 246 
PHE CB  HB3  sing N N 247 
PHE CG  CD1  doub Y N 248 
PHE CG  CD2  sing Y N 249 
PHE CD1 CE1  sing Y N 250 
PHE CD1 HD1  sing N N 251 
PHE CD2 CE2  doub Y N 252 
PHE CD2 HD2  sing N N 253 
PHE CE1 CZ   doub Y N 254 
PHE CE1 HE1  sing N N 255 
PHE CE2 CZ   sing Y N 256 
PHE CE2 HE2  sing N N 257 
PHE CZ  HZ   sing N N 258 
PHE OXT HXT  sing N N 259 
PRO N   CA   sing N N 260 
PRO N   CD   sing N N 261 
PRO N   H    sing N N 262 
PRO CA  C    sing N N 263 
PRO CA  CB   sing N N 264 
PRO CA  HA   sing N N 265 
PRO C   O    doub N N 266 
PRO C   OXT  sing N N 267 
PRO CB  CG   sing N N 268 
PRO CB  HB2  sing N N 269 
PRO CB  HB3  sing N N 270 
PRO CG  CD   sing N N 271 
PRO CG  HG2  sing N N 272 
PRO CG  HG3  sing N N 273 
PRO CD  HD2  sing N N 274 
PRO CD  HD3  sing N N 275 
PRO OXT HXT  sing N N 276 
SER N   CA   sing N N 277 
SER N   H    sing N N 278 
SER N   H2   sing N N 279 
SER CA  C    sing N N 280 
SER CA  CB   sing N N 281 
SER CA  HA   sing N N 282 
SER C   O    doub N N 283 
SER C   OXT  sing N N 284 
SER CB  OG   sing N N 285 
SER CB  HB2  sing N N 286 
SER CB  HB3  sing N N 287 
SER OG  HG   sing N N 288 
SER OXT HXT  sing N N 289 
SO4 S   O1   doub N N 290 
SO4 S   O2   doub N N 291 
SO4 S   O3   sing N N 292 
SO4 S   O4   sing N N 293 
THR N   CA   sing N N 294 
THR N   H    sing N N 295 
THR N   H2   sing N N 296 
THR CA  C    sing N N 297 
THR CA  CB   sing N N 298 
THR CA  HA   sing N N 299 
THR C   O    doub N N 300 
THR C   OXT  sing N N 301 
THR CB  OG1  sing N N 302 
THR CB  CG2  sing N N 303 
THR CB  HB   sing N N 304 
THR OG1 HG1  sing N N 305 
THR CG2 HG21 sing N N 306 
THR CG2 HG22 sing N N 307 
THR CG2 HG23 sing N N 308 
THR OXT HXT  sing N N 309 
TRP N   CA   sing N N 310 
TRP N   H    sing N N 311 
TRP N   H2   sing N N 312 
TRP CA  C    sing N N 313 
TRP CA  CB   sing N N 314 
TRP CA  HA   sing N N 315 
TRP C   O    doub N N 316 
TRP C   OXT  sing N N 317 
TRP CB  CG   sing N N 318 
TRP CB  HB2  sing N N 319 
TRP CB  HB3  sing N N 320 
TRP CG  CD1  doub Y N 321 
TRP CG  CD2  sing Y N 322 
TRP CD1 NE1  sing Y N 323 
TRP CD1 HD1  sing N N 324 
TRP CD2 CE2  doub Y N 325 
TRP CD2 CE3  sing Y N 326 
TRP NE1 CE2  sing Y N 327 
TRP NE1 HE1  sing N N 328 
TRP CE2 CZ2  sing Y N 329 
TRP CE3 CZ3  doub Y N 330 
TRP CE3 HE3  sing N N 331 
TRP CZ2 CH2  doub Y N 332 
TRP CZ2 HZ2  sing N N 333 
TRP CZ3 CH2  sing Y N 334 
TRP CZ3 HZ3  sing N N 335 
TRP CH2 HH2  sing N N 336 
TRP OXT HXT  sing N N 337 
TYR N   CA   sing N N 338 
TYR N   H    sing N N 339 
TYR N   H2   sing N N 340 
TYR CA  C    sing N N 341 
TYR CA  CB   sing N N 342 
TYR CA  HA   sing N N 343 
TYR C   O    doub N N 344 
TYR C   OXT  sing N N 345 
TYR CB  CG   sing N N 346 
TYR CB  HB2  sing N N 347 
TYR CB  HB3  sing N N 348 
TYR CG  CD1  doub Y N 349 
TYR CG  CD2  sing Y N 350 
TYR CD1 CE1  sing Y N 351 
TYR CD1 HD1  sing N N 352 
TYR CD2 CE2  doub Y N 353 
TYR CD2 HD2  sing N N 354 
TYR CE1 CZ   doub Y N 355 
TYR CE1 HE1  sing N N 356 
TYR CE2 CZ   sing Y N 357 
TYR CE2 HE2  sing N N 358 
TYR CZ  OH   sing N N 359 
TYR OH  HH   sing N N 360 
TYR OXT HXT  sing N N 361 
VAL N   CA   sing N N 362 
VAL N   H    sing N N 363 
VAL N   H2   sing N N 364 
VAL CA  C    sing N N 365 
VAL CA  CB   sing N N 366 
VAL CA  HA   sing N N 367 
VAL C   O    doub N N 368 
VAL C   OXT  sing N N 369 
VAL CB  CG1  sing N N 370 
VAL CB  CG2  sing N N 371 
VAL CB  HB   sing N N 372 
VAL CG1 HG11 sing N N 373 
VAL CG1 HG12 sing N N 374 
VAL CG1 HG13 sing N N 375 
VAL CG2 HG21 sing N N 376 
VAL CG2 HG22 sing N N 377 
VAL CG2 HG23 sing N N 378 
VAL OXT HXT  sing N N 379 
# 
_atom_sites.entry_id                    3BW6 
_atom_sites.fract_transf_matrix[1][1]   -0.01163579 
_atom_sites.fract_transf_matrix[1][2]   0.00819675 
_atom_sites.fract_transf_matrix[1][3]   0.00341404 
_atom_sites.fract_transf_matrix[2][1]   -0.01155251 
_atom_sites.fract_transf_matrix[2][2]   0.00040798 
_atom_sites.fract_transf_matrix[2][3]   -0.00897857 
_atom_sites.fract_transf_matrix[3][1]   -0.00625080 
_atom_sites.fract_transf_matrix[3][2]   -0.01199625 
_atom_sites.fract_transf_matrix[3][3]   0.00749765 
_atom_sites.fract_transf_vector[1]      0.243028 
_atom_sites.fract_transf_vector[2]      0.448839 
_atom_sites.fract_transf_vector[3]      0.035758 
# 
loop_
_atom_type.symbol 
C 
N 
O 
S 
# 
loop_
_atom_site.group_PDB 
_atom_site.id 
_atom_site.type_symbol 
_atom_site.label_atom_id 
_atom_site.label_alt_id 
_atom_site.label_comp_id 
_atom_site.label_asym_id 
_atom_site.label_entity_id 
_atom_site.label_seq_id 
_atom_site.pdbx_PDB_ins_code 
_atom_site.Cartn_x 
_atom_site.Cartn_y 
_atom_site.Cartn_z 
_atom_site.occupancy 
_atom_site.B_iso_or_equiv 
_atom_site.pdbx_formal_charge 
_atom_site.auth_seq_id 
_atom_site.auth_comp_id 
_atom_site.auth_asym_id 
_atom_site.auth_atom_id 
_atom_site.pdbx_PDB_model_num 
ATOM   1    N N   . MET A 1 3   ? 17.935  9.460   -8.114  1.00 90.96 ? -1   MET A N   1 
ATOM   2    C CA  . MET A 1 3   ? 18.592  8.252   -8.696  1.00 91.61 ? -1   MET A CA  1 
ATOM   3    C C   . MET A 1 3   ? 17.927  6.932   -8.295  1.00 90.45 ? -1   MET A C   1 
ATOM   4    O O   . MET A 1 3   ? 17.144  6.367   -9.063  1.00 90.79 ? -1   MET A O   1 
ATOM   5    C CB  . MET A 1 3   ? 20.073  8.210   -8.301  1.00 93.56 ? -1   MET A CB  1 
ATOM   6    C CG  . MET A 1 3   ? 21.001  8.891   -9.301  1.00 95.67 ? -1   MET A CG  1 
ATOM   7    S SD  . MET A 1 3   ? 20.906  8.152   -10.956 1.00 97.13 ? -1   MET A SD  1 
ATOM   8    C CE  . MET A 1 3   ? 19.744  9.273   -11.770 1.00 96.79 ? -1   MET A CE  1 
ATOM   9    N N   . ALA A 1 4   ? 18.253  6.446   -7.098  1.00 88.63 ? 0    ALA A N   1 
ATOM   10   C CA  . ALA A 1 4   ? 17.705  5.189   -6.583  1.00 86.91 ? 0    ALA A CA  1 
ATOM   11   C C   . ALA A 1 4   ? 16.236  5.339   -6.169  1.00 85.17 ? 0    ALA A C   1 
ATOM   12   O O   . ALA A 1 4   ? 15.945  5.622   -5.009  1.00 86.14 ? 0    ALA A O   1 
ATOM   13   C CB  . ALA A 1 4   ? 18.537  4.711   -5.392  1.00 86.65 ? 0    ALA A CB  1 
ATOM   14   N N   . MET A 1 5   ? 15.323  5.142   -7.120  1.00 82.16 ? 1    MET A N   1 
ATOM   15   C CA  . MET A 1 5   ? 13.883  5.255   -6.868  1.00 78.37 ? 1    MET A CA  1 
ATOM   16   C C   . MET A 1 5   ? 13.337  3.950   -6.297  1.00 74.96 ? 1    MET A C   1 
ATOM   17   O O   . MET A 1 5   ? 13.012  3.011   -7.029  1.00 73.04 ? 1    MET A O   1 
ATOM   18   C CB  . MET A 1 5   ? 13.170  5.633   -8.164  1.00 80.50 ? 1    MET A CB  1 
ATOM   19   C CG  . MET A 1 5   ? 13.641  6.974   -8.698  1.00 82.84 ? 1    MET A CG  1 
ATOM   20   S SD  . MET A 1 5   ? 13.482  8.268   -7.407  1.00 87.99 ? 1    MET A SD  1 
ATOM   21   C CE  . MET A 1 5   ? 15.165  8.402   -6.793  1.00 87.66 ? 1    MET A CE  1 
ATOM   22   N N   . ARG A 1 6   ? 13.244  3.913   -4.972  1.00 71.78 ? 2    ARG A N   1 
ATOM   23   C CA  . ARG A 1 6   ? 12.806  2.730   -4.255  1.00 69.82 ? 2    ARG A CA  1 
ATOM   24   C C   . ARG A 1 6   ? 11.347  2.755   -3.803  1.00 66.61 ? 2    ARG A C   1 
ATOM   25   O O   . ARG A 1 6   ? 10.678  3.796   -3.801  1.00 64.06 ? 2    ARG A O   1 
ATOM   26   C CB  . ARG A 1 6   ? 13.724  2.518   -3.034  1.00 72.96 ? 2    ARG A CB  1 
ATOM   27   C CG  . ARG A 1 6   ? 14.262  1.083   -2.836  1.00 77.23 ? 2    ARG A CG  1 
ATOM   28   C CD  . ARG A 1 6   ? 15.207  0.668   -3.974  1.00 80.57 ? 2    ARG A CD  1 
ATOM   29   N NE  . ARG A 1 6   ? 15.504  -0.769  -3.983  1.00 84.32 ? 2    ARG A NE  1 
ATOM   30   C CZ  . ARG A 1 6   ? 16.100  -1.405  -4.992  1.00 85.91 ? 2    ARG A CZ  1 
ATOM   31   N NH1 . ARG A 1 6   ? 16.465  -0.732  -6.079  1.00 85.65 ? 2    ARG A NH1 1 
ATOM   32   N NH2 . ARG A 1 6   ? 16.329  -2.714  -4.920  1.00 87.73 ? 2    ARG A NH2 1 
ATOM   33   N N   . ILE A 1 7   ? 10.871  1.571   -3.438  1.00 62.50 ? 3    ILE A N   1 
ATOM   34   C CA  . ILE A 1 7   ? 9.527   1.355   -2.945  1.00 59.04 ? 3    ILE A CA  1 
ATOM   35   C C   . ILE A 1 7   ? 9.804   0.774   -1.580  1.00 57.81 ? 3    ILE A C   1 
ATOM   36   O O   . ILE A 1 7   ? 10.478  -0.244  -1.472  1.00 58.81 ? 3    ILE A O   1 
ATOM   37   C CB  . ILE A 1 7   ? 8.783   0.304   -3.778  1.00 58.30 ? 3    ILE A CB  1 
ATOM   38   C CG1 . ILE A 1 7   ? 8.569   0.817   -5.195  1.00 57.15 ? 3    ILE A CG1 1 
ATOM   39   C CG2 . ILE A 1 7   ? 7.459   -0.031  -3.127  1.00 59.00 ? 3    ILE A CG2 1 
ATOM   40   C CD1 . ILE A 1 7   ? 7.880   -0.187  -6.076  1.00 55.94 ? 3    ILE A CD1 1 
ATOM   41   N N   . TYR A 1 8   ? 9.312   1.429   -0.538  1.00 56.77 ? 4    TYR A N   1 
ATOM   42   C CA  . TYR A 1 8   ? 9.547   0.954   0.810   1.00 54.16 ? 4    TYR A CA  1 
ATOM   43   C C   . TYR A 1 8   ? 8.345   0.205   1.356   1.00 53.54 ? 4    TYR A C   1 
ATOM   44   O O   . TYR A 1 8   ? 8.458   -0.548  2.326   1.00 54.06 ? 4    TYR A O   1 
ATOM   45   C CB  . TYR A 1 8   ? 9.889   2.133   1.725   1.00 54.39 ? 4    TYR A CB  1 
ATOM   46   C CG  . TYR A 1 8   ? 10.994  3.025   1.185   1.00 54.22 ? 4    TYR A CG  1 
ATOM   47   C CD1 . TYR A 1 8   ? 10.697  4.158   0.430   1.00 54.12 ? 4    TYR A CD1 1 
ATOM   48   C CD2 . TYR A 1 8   ? 12.334  2.726   1.420   1.00 54.30 ? 4    TYR A CD2 1 
ATOM   49   C CE1 . TYR A 1 8   ? 11.708  4.974   -0.074  1.00 55.61 ? 4    TYR A CE1 1 
ATOM   50   C CE2 . TYR A 1 8   ? 13.355  3.537   0.920   1.00 53.49 ? 4    TYR A CE2 1 
ATOM   51   C CZ  . TYR A 1 8   ? 13.035  4.653   0.179   1.00 55.01 ? 4    TYR A CZ  1 
ATOM   52   O OH  . TYR A 1 8   ? 14.031  5.462   -0.307  1.00 54.95 ? 4    TYR A OH  1 
ATOM   53   N N   . TYR A 1 9   ? 7.195   0.395   0.721   1.00 52.06 ? 5    TYR A N   1 
ATOM   54   C CA  . TYR A 1 9   ? 5.981   -0.256  1.189   1.00 49.01 ? 5    TYR A CA  1 
ATOM   55   C C   . TYR A 1 9   ? 4.882   -0.340  0.150   1.00 47.36 ? 5    TYR A C   1 
ATOM   56   O O   . TYR A 1 9   ? 4.735   0.535   -0.705  1.00 47.18 ? 5    TYR A O   1 
ATOM   57   C CB  . TYR A 1 9   ? 5.450   0.494   2.404   1.00 48.30 ? 5    TYR A CB  1 
ATOM   58   C CG  . TYR A 1 9   ? 4.091   0.043   2.905   1.00 50.73 ? 5    TYR A CG  1 
ATOM   59   C CD1 . TYR A 1 9   ? 3.978   -0.823  3.994   1.00 51.19 ? 5    TYR A CD1 1 
ATOM   60   C CD2 . TYR A 1 9   ? 2.911   0.515   2.316   1.00 51.41 ? 5    TYR A CD2 1 
ATOM   61   C CE1 . TYR A 1 9   ? 2.721   -1.202  4.491   1.00 52.02 ? 5    TYR A CE1 1 
ATOM   62   C CE2 . TYR A 1 9   ? 1.649   0.136   2.805   1.00 51.16 ? 5    TYR A CE2 1 
ATOM   63   C CZ  . TYR A 1 9   ? 1.566   -0.717  3.891   1.00 51.09 ? 5    TYR A CZ  1 
ATOM   64   O OH  . TYR A 1 9   ? 0.336   -1.083  4.382   1.00 51.01 ? 5    TYR A OH  1 
ATOM   65   N N   . ILE A 1 10  ? 4.113   -1.415  0.252   1.00 46.31 ? 6    ILE A N   1 
ATOM   66   C CA  . ILE A 1 10  ? 2.976   -1.667  -0.609  1.00 44.77 ? 6    ILE A CA  1 
ATOM   67   C C   . ILE A 1 10  ? 1.924   -2.315  0.282   1.00 44.23 ? 6    ILE A C   1 
ATOM   68   O O   . ILE A 1 10  ? 2.224   -3.265  1.000   1.00 44.12 ? 6    ILE A O   1 
ATOM   69   C CB  . ILE A 1 10  ? 3.301   -2.660  -1.726  1.00 45.07 ? 6    ILE A CB  1 
ATOM   70   C CG1 . ILE A 1 10  ? 4.483   -2.175  -2.556  1.00 46.02 ? 6    ILE A CG1 1 
ATOM   71   C CG2 . ILE A 1 10  ? 2.092   -2.827  -2.623  1.00 43.59 ? 6    ILE A CG2 1 
ATOM   72   C CD1 . ILE A 1 10  ? 4.796   -3.107  -3.719  1.00 43.29 ? 6    ILE A CD1 1 
ATOM   73   N N   . GLY A 1 11  ? 0.697   -1.805  0.246   1.00 43.47 ? 7    GLY A N   1 
ATOM   74   C CA  . GLY A 1 11  ? -0.344  -2.393  1.068   1.00 42.68 ? 7    GLY A CA  1 
ATOM   75   C C   . GLY A 1 11  ? -1.754  -2.280  0.513   1.00 41.56 ? 7    GLY A C   1 
ATOM   76   O O   . GLY A 1 11  ? -2.070  -1.358  -0.248  1.00 40.38 ? 7    GLY A O   1 
ATOM   77   N N   . VAL A 1 12  ? -2.601  -3.235  0.892   1.00 39.61 ? 8    VAL A N   1 
ATOM   78   C CA  . VAL A 1 12  ? -3.995  -3.239  0.460   1.00 39.95 ? 8    VAL A CA  1 
ATOM   79   C C   . VAL A 1 12  ? -4.849  -3.135  1.702   1.00 40.66 ? 8    VAL A C   1 
ATOM   80   O O   . VAL A 1 12  ? -4.725  -3.945  2.619   1.00 43.47 ? 8    VAL A O   1 
ATOM   81   C CB  . VAL A 1 12  ? -4.382  -4.527  -0.296  1.00 37.90 ? 8    VAL A CB  1 
ATOM   82   C CG1 . VAL A 1 12  ? -5.839  -4.448  -0.732  1.00 34.33 ? 8    VAL A CG1 1 
ATOM   83   C CG2 . VAL A 1 12  ? -3.473  -4.713  -1.492  1.00 32.60 ? 8    VAL A CG2 1 
ATOM   84   N N   . PHE A 1 13  ? -5.702  -2.120  1.720   1.00 40.35 ? 9    PHE A N   1 
ATOM   85   C CA  . PHE A 1 13  ? -6.578  -1.850  2.844   1.00 39.60 ? 9    PHE A CA  1 
ATOM   86   C C   . PHE A 1 13  ? -8.019  -1.971  2.428   1.00 40.31 ? 9    PHE A C   1 
ATOM   87   O O   . PHE A 1 13  ? -8.335  -1.962  1.243   1.00 40.51 ? 9    PHE A O   1 
ATOM   88   C CB  . PHE A 1 13  ? -6.385  -0.413  3.347   1.00 40.47 ? 9    PHE A CB  1 
ATOM   89   C CG  . PHE A 1 13  ? -5.030  -0.135  3.919   1.00 42.37 ? 9    PHE A CG  1 
ATOM   90   C CD1 . PHE A 1 13  ? -3.917  -0.012  3.094   1.00 42.51 ? 9    PHE A CD1 1 
ATOM   91   C CD2 . PHE A 1 13  ? -4.869  0.009   5.297   1.00 40.97 ? 9    PHE A CD2 1 
ATOM   92   C CE1 . PHE A 1 13  ? -2.664  0.252   3.637   1.00 42.76 ? 9    PHE A CE1 1 
ATOM   93   C CE2 . PHE A 1 13  ? -3.623  0.271   5.847   1.00 41.15 ? 9    PHE A CE2 1 
ATOM   94   C CZ  . PHE A 1 13  ? -2.515  0.394   5.019   1.00 42.84 ? 9    PHE A CZ  1 
ATOM   95   N N   . ARG A 1 14  ? -8.894  -2.097  3.412   1.00 42.59 ? 10   ARG A N   1 
ATOM   96   C CA  . ARG A 1 14  ? -10.316 -2.115  3.130   1.00 44.81 ? 10   ARG A CA  1 
ATOM   97   C C   . ARG A 1 14  ? -10.775 -0.742  3.608   1.00 46.83 ? 10   ARG A C   1 
ATOM   98   O O   . ARG A 1 14  ? -10.586 -0.394  4.774   1.00 46.18 ? 10   ARG A O   1 
ATOM   99   C CB  . ARG A 1 14  ? -11.046 -3.178  3.937   1.00 45.54 ? 10   ARG A CB  1 
ATOM   100  C CG  . ARG A 1 14  ? -12.556 -3.010  3.861   1.00 46.96 ? 10   ARG A CG  1 
ATOM   101  C CD  . ARG A 1 14  ? -13.249 -3.819  4.920   1.00 47.84 ? 10   ARG A CD  1 
ATOM   102  N NE  . ARG A 1 14  ? -13.012 -3.286  6.253   1.00 48.76 ? 10   ARG A NE  1 
ATOM   103  C CZ  . ARG A 1 14  ? -13.174 -3.987  7.371   1.00 50.11 ? 10   ARG A CZ  1 
ATOM   104  N NH1 . ARG A 1 14  ? -13.571 -5.247  7.312   1.00 50.30 ? 10   ARG A NH1 1 
ATOM   105  N NH2 . ARG A 1 14  ? -12.942 -3.430  8.553   1.00 49.77 ? 10   ARG A NH2 1 
ATOM   106  N N   . SER A 1 15  ? -11.347 0.052   2.715   1.00 50.15 ? 11   SER A N   1 
ATOM   107  C CA  . SER A 1 15  ? -11.819 1.357   3.124   1.00 54.91 ? 11   SER A CA  1 
ATOM   108  C C   . SER A 1 15  ? -12.980 1.069   4.055   1.00 59.10 ? 11   SER A C   1 
ATOM   109  O O   . SER A 1 15  ? -13.957 0.419   3.671   1.00 59.62 ? 11   SER A O   1 
ATOM   110  C CB  . SER A 1 15  ? -12.293 2.168   1.920   1.00 54.11 ? 11   SER A CB  1 
ATOM   111  O OG  . SER A 1 15  ? -11.255 2.327   0.974   1.00 56.37 ? 11   SER A OG  1 
ATOM   112  N N   . GLY A 1 16  ? -12.851 1.520   5.293   1.00 63.01 ? 12   GLY A N   1 
ATOM   113  C CA  . GLY A 1 16  ? -13.904 1.295   6.258   1.00 68.19 ? 12   GLY A CA  1 
ATOM   114  C C   . GLY A 1 16  ? -14.431 2.629   6.726   1.00 70.15 ? 12   GLY A C   1 
ATOM   115  O O   . GLY A 1 16  ? -14.209 3.652   6.078   1.00 71.03 ? 12   GLY A O   1 
ATOM   116  N N   . GLY A 1 17  ? -15.137 2.620   7.851   1.00 71.41 ? 13   GLY A N   1 
ATOM   117  C CA  . GLY A 1 17  ? -15.675 3.854   8.386   1.00 72.64 ? 13   GLY A CA  1 
ATOM   118  C C   . GLY A 1 17  ? -14.693 4.493   9.347   1.00 73.22 ? 13   GLY A C   1 
ATOM   119  O O   . GLY A 1 17  ? -14.114 5.547   9.058   1.00 73.74 ? 13   GLY A O   1 
ATOM   120  N N   . GLU A 1 18  ? -14.499 3.852   10.493  1.00 72.63 ? 14   GLU A N   1 
ATOM   121  C CA  . GLU A 1 18  ? -13.584 4.369   11.496  1.00 73.67 ? 14   GLU A CA  1 
ATOM   122  C C   . GLU A 1 18  ? -12.262 4.689   10.816  1.00 72.24 ? 14   GLU A C   1 
ATOM   123  O O   . GLU A 1 18  ? -11.827 5.846   10.737  1.00 72.06 ? 14   GLU A O   1 
ATOM   124  C CB  . GLU A 1 18  ? -13.349 3.321   12.588  1.00 76.88 ? 14   GLU A CB  1 
ATOM   125  C CG  . GLU A 1 18  ? -12.709 3.861   13.861  1.00 80.73 ? 14   GLU A CG  1 
ATOM   126  C CD  . GLU A 1 18  ? -12.182 2.749   14.753  1.00 83.48 ? 14   GLU A CD  1 
ATOM   127  O OE1 . GLU A 1 18  ? -12.894 1.722   14.907  1.00 84.85 ? 14   GLU A OE1 1 
ATOM   128  O OE2 . GLU A 1 18  ? -11.062 2.907   15.304  1.00 83.54 ? 14   GLU A OE2 1 
ATOM   129  N N   . LYS A 1 19  ? -11.630 3.641   10.311  1.00 69.04 ? 15   LYS A N   1 
ATOM   130  C CA  . LYS A 1 19  ? -10.362 3.790   9.638   1.00 64.72 ? 15   LYS A CA  1 
ATOM   131  C C   . LYS A 1 19  ? -10.103 2.534   8.831   1.00 61.13 ? 15   LYS A C   1 
ATOM   132  O O   . LYS A 1 19  ? -10.602 1.470   9.173   1.00 60.31 ? 15   LYS A O   1 
ATOM   133  C CB  . LYS A 1 19  ? -9.263  4.036   10.666  1.00 65.03 ? 15   LYS A CB  1 
ATOM   134  C CG  . LYS A 1 19  ? -9.041  2.938   11.671  1.00 65.94 ? 15   LYS A CG  1 
ATOM   135  C CD  . LYS A 1 19  ? -8.014  3.428   12.680  1.00 70.68 ? 15   LYS A CD  1 
ATOM   136  C CE  . LYS A 1 19  ? -7.383  2.307   13.498  1.00 72.16 ? 15   LYS A CE  1 
ATOM   137  N NZ  . LYS A 1 19  ? -6.427  2.886   14.499  1.00 72.28 ? 15   LYS A NZ  1 
ATOM   138  N N   . ALA A 1 20  ? -9.347  2.667   7.747   1.00 57.15 ? 16   ALA A N   1 
ATOM   139  C CA  . ALA A 1 20  ? -9.040  1.538   6.878   1.00 52.83 ? 16   ALA A CA  1 
ATOM   140  C C   . ALA A 1 20  ? -8.347  0.392   7.615   1.00 49.68 ? 16   ALA A C   1 
ATOM   141  O O   . ALA A 1 20  ? -7.577  0.615   8.549   1.00 49.01 ? 16   ALA A O   1 
ATOM   142  C CB  . ALA A 1 20  ? -8.180  2.007   5.710   1.00 50.32 ? 16   ALA A CB  1 
ATOM   143  N N   . LEU A 1 21  ? -8.637  -0.834  7.190   1.00 48.15 ? 17   LEU A N   1 
ATOM   144  C CA  . LEU A 1 21  ? -8.042  -2.033  7.775   1.00 46.28 ? 17   LEU A CA  1 
ATOM   145  C C   . LEU A 1 21  ? -6.996  -2.582  6.807   1.00 45.64 ? 17   LEU A C   1 
ATOM   146  O O   . LEU A 1 21  ? -7.330  -2.944  5.681   1.00 45.68 ? 17   LEU A O   1 
ATOM   147  C CB  . LEU A 1 21  ? -9.114  -3.103  8.002   1.00 45.49 ? 17   LEU A CB  1 
ATOM   148  C CG  . LEU A 1 21  ? -8.626  -4.439  8.567   1.00 45.57 ? 17   LEU A CG  1 
ATOM   149  C CD1 . LEU A 1 21  ? -8.158  -4.238  9.992   1.00 44.56 ? 17   LEU A CD1 1 
ATOM   150  C CD2 . LEU A 1 21  ? -9.734  -5.466  8.515   1.00 46.57 ? 17   LEU A CD2 1 
ATOM   151  N N   . GLU A 1 22  ? -5.739  -2.648  7.234   1.00 45.51 ? 18   GLU A N   1 
ATOM   152  C CA  . GLU A 1 22  ? -4.686  -3.175  6.366   1.00 47.40 ? 18   GLU A CA  1 
ATOM   153  C C   . GLU A 1 22  ? -4.890  -4.677  6.204   1.00 47.96 ? 18   GLU A C   1 
ATOM   154  O O   . GLU A 1 22  ? -4.798  -5.419  7.178   1.00 50.92 ? 18   GLU A O   1 
ATOM   155  C CB  . GLU A 1 22  ? -3.304  -2.914  6.971   1.00 46.76 ? 18   GLU A CB  1 
ATOM   156  C CG  . GLU A 1 22  ? -2.135  -3.532  6.204   1.00 47.92 ? 18   GLU A CG  1 
ATOM   157  C CD  . GLU A 1 22  ? -0.791  -3.287  6.884   1.00 48.42 ? 18   GLU A CD  1 
ATOM   158  O OE1 . GLU A 1 22  ? 0.004   -2.467  6.393   1.00 47.67 ? 18   GLU A OE1 1 
ATOM   159  O OE2 . GLU A 1 22  ? -0.538  -3.911  7.930   1.00 51.65 ? 18   GLU A OE2 1 
ATOM   160  N N   . LEU A 1 23  ? -5.165  -5.140  4.989   1.00 46.93 ? 19   LEU A N   1 
ATOM   161  C CA  . LEU A 1 23  ? -5.389  -6.567  4.786   1.00 45.02 ? 19   LEU A CA  1 
ATOM   162  C C   . LEU A 1 23  ? -4.132  -7.318  4.410   1.00 45.54 ? 19   LEU A C   1 
ATOM   163  O O   . LEU A 1 23  ? -3.967  -8.471  4.789   1.00 44.86 ? 19   LEU A O   1 
ATOM   164  C CB  . LEU A 1 23  ? -6.434  -6.792  3.698   1.00 44.51 ? 19   LEU A CB  1 
ATOM   165  C CG  . LEU A 1 23  ? -7.759  -6.045  3.860   1.00 44.77 ? 19   LEU A CG  1 
ATOM   166  C CD1 . LEU A 1 23  ? -8.622  -6.278  2.624   1.00 44.53 ? 19   LEU A CD1 1 
ATOM   167  C CD2 . LEU A 1 23  ? -8.473  -6.514  5.117   1.00 44.73 ? 19   LEU A CD2 1 
ATOM   168  N N   . SER A 1 24  ? -3.245  -6.666  3.665   1.00 47.37 ? 20   SER A N   1 
ATOM   169  C CA  . SER A 1 24  ? -2.020  -7.320  3.213   1.00 47.94 ? 20   SER A CA  1 
ATOM   170  C C   . SER A 1 24  ? -0.953  -6.271  2.976   1.00 49.24 ? 20   SER A C   1 
ATOM   171  O O   . SER A 1 24  ? -1.228  -5.220  2.410   1.00 50.04 ? 20   SER A O   1 
ATOM   172  C CB  . SER A 1 24  ? -2.305  -8.089  1.921   1.00 46.90 ? 20   SER A CB  1 
ATOM   173  O OG  . SER A 1 24  ? -1.259  -8.978  1.611   1.00 51.14 ? 20   SER A OG  1 
ATOM   174  N N   . GLU A 1 25  ? 0.269   -6.564  3.402   1.00 53.47 ? 21   GLU A N   1 
ATOM   175  C CA  . GLU A 1 25  ? 1.359   -5.612  3.266   1.00 56.63 ? 21   GLU A CA  1 
ATOM   176  C C   . GLU A 1 25  ? 2.740   -6.244  3.099   1.00 57.93 ? 21   GLU A C   1 
ATOM   177  O O   . GLU A 1 25  ? 2.937   -7.425  3.390   1.00 59.78 ? 21   GLU A O   1 
ATOM   178  C CB  . GLU A 1 25  ? 1.344   -4.687  4.494   1.00 59.79 ? 21   GLU A CB  1 
ATOM   179  C CG  . GLU A 1 25  ? 2.695   -4.431  5.176   1.00 65.24 ? 21   GLU A CG  1 
ATOM   180  C CD  . GLU A 1 25  ? 3.237   -5.629  5.939   1.00 68.38 ? 21   GLU A CD  1 
ATOM   181  O OE1 . GLU A 1 25  ? 2.573   -6.093  6.896   1.00 71.68 ? 21   GLU A OE1 1 
ATOM   182  O OE2 . GLU A 1 25  ? 4.338   -6.110  5.583   1.00 70.86 ? 21   GLU A OE2 1 
ATOM   183  N N   . VAL A 1 26  ? 3.683   -5.437  2.617   1.00 58.71 ? 22   VAL A N   1 
ATOM   184  C CA  . VAL A 1 26  ? 5.084   -5.821  2.437   1.00 58.71 ? 22   VAL A CA  1 
ATOM   185  C C   . VAL A 1 26  ? 5.907   -4.541  2.452   1.00 58.65 ? 22   VAL A C   1 
ATOM   186  O O   . VAL A 1 26  ? 5.441   -3.482  2.027   1.00 56.46 ? 22   VAL A O   1 
ATOM   187  C CB  . VAL A 1 26  ? 5.368   -6.549  1.097   1.00 58.28 ? 22   VAL A CB  1 
ATOM   188  C CG1 . VAL A 1 26  ? 4.644   -7.887  1.060   1.00 57.89 ? 22   VAL A CG1 1 
ATOM   189  C CG2 . VAL A 1 26  ? 4.969   -5.666  -0.073  1.00 58.47 ? 22   VAL A CG2 1 
ATOM   190  N N   . LYS A 1 27  ? 7.137   -4.647  2.935   1.00 60.75 ? 23   LYS A N   1 
ATOM   191  C CA  . LYS A 1 27  ? 8.020   -3.495  3.019   1.00 63.22 ? 23   LYS A CA  1 
ATOM   192  C C   . LYS A 1 27  ? 9.421   -3.853  2.545   1.00 64.11 ? 23   LYS A C   1 
ATOM   193  O O   . LYS A 1 27  ? 9.753   -5.022  2.359   1.00 63.40 ? 23   LYS A O   1 
ATOM   194  C CB  . LYS A 1 27  ? 8.108   -3.015  4.472   1.00 62.82 ? 23   LYS A CB  1 
ATOM   195  C CG  . LYS A 1 27  ? 6.797   -3.101  5.234   1.00 63.75 ? 23   LYS A CG  1 
ATOM   196  C CD  . LYS A 1 27  ? 6.944   -2.723  6.703   1.00 63.78 ? 23   LYS A CD  1 
ATOM   197  C CE  . LYS A 1 27  ? 5.631   -2.942  7.441   1.00 64.40 ? 23   LYS A CE  1 
ATOM   198  N NZ  . LYS A 1 27  ? 5.740   -2.714  8.901   1.00 65.82 ? 23   LYS A NZ  1 
ATOM   199  N N   . ASP A 1 28  ? 10.239  -2.830  2.351   1.00 65.78 ? 24   ASP A N   1 
ATOM   200  C CA  . ASP A 1 28  ? 11.622  -3.031  1.961   1.00 67.63 ? 24   ASP A CA  1 
ATOM   201  C C   . ASP A 1 28  ? 12.420  -2.011  2.749   1.00 68.08 ? 24   ASP A C   1 
ATOM   202  O O   . ASP A 1 28  ? 12.639  -0.883  2.297   1.00 67.44 ? 24   ASP A O   1 
ATOM   203  C CB  . ASP A 1 28  ? 11.842  -2.798  0.470   1.00 69.03 ? 24   ASP A CB  1 
ATOM   204  C CG  . ASP A 1 28  ? 13.289  -3.032  0.061   1.00 70.10 ? 24   ASP A CG  1 
ATOM   205  O OD1 . ASP A 1 28  ? 13.694  -2.593  -1.039  1.00 72.29 ? 24   ASP A OD1 1 
ATOM   206  O OD2 . ASP A 1 28  ? 14.023  -3.662  0.849   1.00 69.72 ? 24   ASP A OD2 1 
ATOM   207  N N   . LEU A 1 29  ? 12.844  -2.410  3.939   1.00 68.62 ? 25   LEU A N   1 
ATOM   208  C CA  . LEU A 1 29  ? 13.603  -1.510  4.785   1.00 71.01 ? 25   LEU A CA  1 
ATOM   209  C C   . LEU A 1 29  ? 15.111  -1.778  4.700   1.00 72.81 ? 25   LEU A C   1 
ATOM   210  O O   . LEU A 1 29  ? 15.878  -1.348  5.564   1.00 72.92 ? 25   LEU A O   1 
ATOM   211  C CB  . LEU A 1 29  ? 13.100  -1.621  6.229   1.00 69.93 ? 25   LEU A CB  1 
ATOM   212  C CG  . LEU A 1 29  ? 11.580  -1.463  6.414   1.00 68.32 ? 25   LEU A CG  1 
ATOM   213  C CD1 . LEU A 1 29  ? 11.225  -1.729  7.861   1.00 68.14 ? 25   LEU A CD1 1 
ATOM   214  C CD2 . LEU A 1 29  ? 11.121  -0.081  5.992   1.00 65.78 ? 25   LEU A CD2 1 
ATOM   215  N N   . SER A 1 30  ? 15.529  -2.468  3.639   1.00 75.03 ? 26   SER A N   1 
ATOM   216  C CA  . SER A 1 30  ? 16.944  -2.791  3.427   1.00 77.56 ? 26   SER A CA  1 
ATOM   217  C C   . SER A 1 30  ? 17.747  -1.547  3.044   1.00 79.25 ? 26   SER A C   1 
ATOM   218  O O   . SER A 1 30  ? 18.960  -1.609  2.841   1.00 79.52 ? 26   SER A O   1 
ATOM   219  C CB  . SER A 1 30  ? 17.091  -3.860  2.332   1.00 76.83 ? 26   SER A CB  1 
ATOM   220  O OG  . SER A 1 30  ? 16.684  -3.375  1.063   1.00 76.55 ? 26   SER A OG  1 
ATOM   221  N N   . GLN A 1 31  ? 17.052  -0.421  2.950   1.00 81.98 ? 27   GLN A N   1 
ATOM   222  C CA  . GLN A 1 31  ? 17.661  0.854   2.602   1.00 84.01 ? 27   GLN A CA  1 
ATOM   223  C C   . GLN A 1 31  ? 18.054  1.616   3.885   1.00 85.00 ? 27   GLN A C   1 
ATOM   224  O O   . GLN A 1 31  ? 18.754  2.630   3.823   1.00 84.89 ? 27   GLN A O   1 
ATOM   225  C CB  . GLN A 1 31  ? 16.661  1.681   1.787   1.00 85.66 ? 27   GLN A CB  1 
ATOM   226  C CG  . GLN A 1 31  ? 17.279  2.678   0.823   1.00 89.04 ? 27   GLN A CG  1 
ATOM   227  C CD  . GLN A 1 31  ? 18.070  1.988   -0.278  1.00 91.62 ? 27   GLN A CD  1 
ATOM   228  O OE1 . GLN A 1 31  ? 17.767  0.848   -0.650  1.00 92.76 ? 27   GLN A OE1 1 
ATOM   229  N NE2 . GLN A 1 31  ? 19.078  2.681   -0.817  1.00 92.79 ? 27   GLN A NE2 1 
ATOM   230  N N   . PHE A 1 32  ? 17.597  1.122   5.040   1.00 85.45 ? 28   PHE A N   1 
ATOM   231  C CA  . PHE A 1 32  ? 17.877  1.748   6.341   1.00 85.26 ? 28   PHE A CA  1 
ATOM   232  C C   . PHE A 1 32  ? 18.789  0.890   7.240   1.00 86.07 ? 28   PHE A C   1 
ATOM   233  O O   . PHE A 1 32  ? 19.115  -0.250  6.904   1.00 85.55 ? 28   PHE A O   1 
ATOM   234  C CB  . PHE A 1 32  ? 16.558  2.044   7.088   1.00 84.85 ? 28   PHE A CB  1 
ATOM   235  C CG  . PHE A 1 32  ? 15.483  2.671   6.224   1.00 83.73 ? 28   PHE A CG  1 
ATOM   236  C CD1 . PHE A 1 32  ? 14.663  1.879   5.424   1.00 83.12 ? 28   PHE A CD1 1 
ATOM   237  C CD2 . PHE A 1 32  ? 15.321  4.052   6.178   1.00 83.60 ? 28   PHE A CD2 1 
ATOM   238  C CE1 . PHE A 1 32  ? 13.700  2.451   4.586   1.00 81.43 ? 28   PHE A CE1 1 
ATOM   239  C CE2 . PHE A 1 32  ? 14.359  4.634   5.340   1.00 82.96 ? 28   PHE A CE2 1 
ATOM   240  C CZ  . PHE A 1 32  ? 13.551  3.828   4.543   1.00 81.68 ? 28   PHE A CZ  1 
ATOM   241  N N   . GLY A 1 33  ? 19.194  1.446   8.383   1.00 87.14 ? 29   GLY A N   1 
ATOM   242  C CA  . GLY A 1 33  ? 20.055  0.720   9.307   1.00 88.10 ? 29   GLY A CA  1 
ATOM   243  C C   . GLY A 1 33  ? 19.275  -0.333  10.068  1.00 88.78 ? 29   GLY A C   1 
ATOM   244  O O   . GLY A 1 33  ? 18.104  -0.125  10.379  1.00 89.13 ? 29   GLY A O   1 
ATOM   245  N N   . PHE A 1 34  ? 19.927  -1.456  10.369  1.00 89.68 ? 30   PHE A N   1 
ATOM   246  C CA  . PHE A 1 34  ? 19.298  -2.573  11.087  1.00 91.01 ? 30   PHE A CA  1 
ATOM   247  C C   . PHE A 1 34  ? 18.720  -2.093  12.421  1.00 90.72 ? 30   PHE A C   1 
ATOM   248  O O   . PHE A 1 34  ? 17.717  -2.620  12.925  1.00 89.80 ? 30   PHE A O   1 
ATOM   249  C CB  . PHE A 1 34  ? 20.329  -3.695  11.336  1.00 93.29 ? 30   PHE A CB  1 
ATOM   250  C CG  . PHE A 1 34  ? 21.600  -3.575  10.506  1.00 96.03 ? 30   PHE A CG  1 
ATOM   251  C CD1 . PHE A 1 34  ? 22.838  -3.399  11.129  1.00 96.88 ? 30   PHE A CD1 1 
ATOM   252  C CD2 . PHE A 1 34  ? 21.563  -3.642  9.108   1.00 97.25 ? 30   PHE A CD2 1 
ATOM   253  C CE1 . PHE A 1 34  ? 24.024  -3.294  10.375  1.00 97.54 ? 30   PHE A CE1 1 
ATOM   254  C CE2 . PHE A 1 34  ? 22.744  -3.537  8.341   1.00 97.59 ? 30   PHE A CE2 1 
ATOM   255  C CZ  . PHE A 1 34  ? 23.974  -3.363  8.977   1.00 97.51 ? 30   PHE A CZ  1 
ATOM   256  N N   . PHE A 1 35  ? 19.374  -1.071  12.968  1.00 90.82 ? 31   PHE A N   1 
ATOM   257  C CA  . PHE A 1 35  ? 19.010  -0.449  14.239  1.00 90.73 ? 31   PHE A CA  1 
ATOM   258  C C   . PHE A 1 35  ? 17.665  0.302   14.238  1.00 89.61 ? 31   PHE A C   1 
ATOM   259  O O   . PHE A 1 35  ? 16.916  0.250   15.220  1.00 89.54 ? 31   PHE A O   1 
ATOM   260  C CB  . PHE A 1 35  ? 20.149  0.497   14.691  1.00 91.98 ? 31   PHE A CB  1 
ATOM   261  C CG  . PHE A 1 35  ? 20.812  1.264   13.558  1.00 92.97 ? 31   PHE A CG  1 
ATOM   262  C CD1 . PHE A 1 35  ? 21.853  0.694   12.818  1.00 93.72 ? 31   PHE A CD1 1 
ATOM   263  C CD2 . PHE A 1 35  ? 20.372  2.542   13.214  1.00 93.24 ? 31   PHE A CD2 1 
ATOM   264  C CE1 . PHE A 1 35  ? 22.446  1.390   11.748  1.00 93.69 ? 31   PHE A CE1 1 
ATOM   265  C CE2 . PHE A 1 35  ? 20.952  3.248   12.151  1.00 93.35 ? 31   PHE A CE2 1 
ATOM   266  C CZ  . PHE A 1 35  ? 21.989  2.672   11.415  1.00 93.72 ? 31   PHE A CZ  1 
ATOM   267  N N   . GLU A 1 36  ? 17.356  0.978   13.134  1.00 88.12 ? 32   GLU A N   1 
ATOM   268  C CA  . GLU A 1 36  ? 16.121  1.753   13.015  1.00 86.51 ? 32   GLU A CA  1 
ATOM   269  C C   . GLU A 1 36  ? 15.011  1.116   12.184  1.00 85.91 ? 32   GLU A C   1 
ATOM   270  O O   . GLU A 1 36  ? 13.931  1.691   12.044  1.00 86.02 ? 32   GLU A O   1 
ATOM   271  C CB  . GLU A 1 36  ? 16.441  3.125   12.436  1.00 85.45 ? 32   GLU A CB  1 
ATOM   272  C CG  . GLU A 1 36  ? 17.378  3.071   11.248  1.00 84.15 ? 32   GLU A CG  1 
ATOM   273  C CD  . GLU A 1 36  ? 17.567  4.429   10.616  1.00 84.65 ? 32   GLU A CD  1 
ATOM   274  O OE1 . GLU A 1 36  ? 17.436  5.442   11.346  1.00 86.66 ? 32   GLU A OE1 1 
ATOM   275  O OE2 . GLU A 1 36  ? 17.859  4.488   9.399   1.00 82.54 ? 32   GLU A OE2 1 
ATOM   276  N N   . ARG A 1 37  ? 15.272  -0.065  11.636  1.00 85.66 ? 33   ARG A N   1 
ATOM   277  C CA  . ARG A 1 37  ? 14.284  -0.762  10.825  1.00 84.97 ? 33   ARG A CA  1 
ATOM   278  C C   . ARG A 1 37  ? 13.063  -1.141  11.649  1.00 85.03 ? 33   ARG A C   1 
ATOM   279  O O   . ARG A 1 37  ? 12.169  -1.847  11.177  1.00 86.24 ? 33   ARG A O   1 
ATOM   280  C CB  . ARG A 1 37  ? 14.903  -2.014  10.207  1.00 84.66 ? 33   ARG A CB  1 
ATOM   281  C CG  . ARG A 1 37  ? 15.902  -1.689  9.119   1.00 84.69 ? 33   ARG A CG  1 
ATOM   282  C CD  . ARG A 1 37  ? 16.565  -2.924  8.564   1.00 86.36 ? 33   ARG A CD  1 
ATOM   283  N NE  . ARG A 1 37  ? 17.577  -2.558  7.574   1.00 88.52 ? 33   ARG A NE  1 
ATOM   284  C CZ  . ARG A 1 37  ? 18.410  -3.418  6.992   1.00 89.35 ? 33   ARG A CZ  1 
ATOM   285  N NH1 . ARG A 1 37  ? 18.357  -4.710  7.300   1.00 90.15 ? 33   ARG A NH1 1 
ATOM   286  N NH2 . ARG A 1 37  ? 19.297  -2.987  6.101   1.00 88.77 ? 33   ARG A NH2 1 
ATOM   287  N N   . SER A 1 38  ? 13.026  -0.672  12.888  1.00 84.29 ? 34   SER A N   1 
ATOM   288  C CA  . SER A 1 38  ? 11.902  -0.957  13.764  1.00 83.21 ? 34   SER A CA  1 
ATOM   289  C C   . SER A 1 38  ? 11.000  0.260   13.772  1.00 82.09 ? 34   SER A C   1 
ATOM   290  O O   . SER A 1 38  ? 9.779   0.161   13.623  1.00 81.56 ? 34   SER A O   1 
ATOM   291  C CB  . SER A 1 38  ? 12.390  -1.234  15.184  1.00 84.15 ? 34   SER A CB  1 
ATOM   292  O OG  . SER A 1 38  ? 11.293  -1.364  16.070  1.00 84.91 ? 34   SER A OG  1 
ATOM   293  N N   . SER A 1 39  ? 11.621  1.417   13.948  1.00 80.81 ? 35   SER A N   1 
ATOM   294  C CA  . SER A 1 39  ? 10.878  2.655   13.981  1.00 79.67 ? 35   SER A CA  1 
ATOM   295  C C   . SER A 1 39  ? 10.450  3.019   12.564  1.00 78.11 ? 35   SER A C   1 
ATOM   296  O O   . SER A 1 39  ? 9.338   3.497   12.343  1.00 78.35 ? 35   SER A O   1 
ATOM   297  C CB  . SER A 1 39  ? 11.742  3.763   14.583  1.00 80.38 ? 35   SER A CB  1 
ATOM   298  O OG  . SER A 1 39  ? 10.972  4.933   14.827  1.00 81.78 ? 35   SER A OG  1 
ATOM   299  N N   . VAL A 1 40  ? 11.330  2.778   11.601  1.00 75.15 ? 36   VAL A N   1 
ATOM   300  C CA  . VAL A 1 40  ? 11.010  3.095   10.224  1.00 72.74 ? 36   VAL A CA  1 
ATOM   301  C C   . VAL A 1 40  ? 9.809   2.273   9.771   1.00 71.83 ? 36   VAL A C   1 
ATOM   302  O O   . VAL A 1 40  ? 8.914   2.785   9.095   1.00 70.45 ? 36   VAL A O   1 
ATOM   303  C CB  . VAL A 1 40  ? 12.212  2.830   9.315   1.00 72.59 ? 36   VAL A CB  1 
ATOM   304  C CG1 . VAL A 1 40  ? 11.869  3.164   7.878   1.00 73.08 ? 36   VAL A CG1 1 
ATOM   305  C CG2 . VAL A 1 40  ? 13.381  3.673   9.774   1.00 73.41 ? 36   VAL A CG2 1 
ATOM   306  N N   . GLY A 1 41  ? 9.783   1.003   10.161  1.00 70.60 ? 37   GLY A N   1 
ATOM   307  C CA  . GLY A 1 41  ? 8.671   0.144   9.799   1.00 69.64 ? 37   GLY A CA  1 
ATOM   308  C C   . GLY A 1 41  ? 7.371   0.667   10.385  1.00 69.37 ? 37   GLY A C   1 
ATOM   309  O O   . GLY A 1 41  ? 6.368   0.791   9.679   1.00 70.21 ? 37   GLY A O   1 
ATOM   310  N N   . GLN A 1 42  ? 7.397   0.978   11.680  1.00 68.16 ? 38   GLN A N   1 
ATOM   311  C CA  . GLN A 1 42  ? 6.231   1.495   12.396  1.00 66.34 ? 38   GLN A CA  1 
ATOM   312  C C   . GLN A 1 42  ? 5.654   2.732   11.698  1.00 64.84 ? 38   GLN A C   1 
ATOM   313  O O   . GLN A 1 42  ? 4.436   2.881   11.588  1.00 64.20 ? 38   GLN A O   1 
ATOM   314  C CB  . GLN A 1 42  ? 6.617   1.857   13.837  1.00 67.87 ? 38   GLN A CB  1 
ATOM   315  C CG  . GLN A 1 42  ? 5.430   2.275   14.695  1.00 71.49 ? 38   GLN A CG  1 
ATOM   316  C CD  . GLN A 1 42  ? 5.814   2.814   16.076  1.00 72.39 ? 38   GLN A CD  1 
ATOM   317  O OE1 . GLN A 1 42  ? 4.939   3.061   16.915  1.00 71.11 ? 38   GLN A OE1 1 
ATOM   318  N NE2 . GLN A 1 42  ? 7.117   3.007   16.312  1.00 71.23 ? 38   GLN A NE2 1 
ATOM   319  N N   . PHE A 1 43  ? 6.543   3.610   11.237  1.00 62.13 ? 39   PHE A N   1 
ATOM   320  C CA  . PHE A 1 43  ? 6.166   4.838   10.545  1.00 60.07 ? 39   PHE A CA  1 
ATOM   321  C C   . PHE A 1 43  ? 5.407   4.518   9.275   1.00 60.42 ? 39   PHE A C   1 
ATOM   322  O O   . PHE A 1 43  ? 4.394   5.144   8.956   1.00 60.81 ? 39   PHE A O   1 
ATOM   323  C CB  . PHE A 1 43  ? 7.414   5.630   10.148  1.00 59.46 ? 39   PHE A CB  1 
ATOM   324  C CG  . PHE A 1 43  ? 7.117   6.842   9.302   1.00 58.94 ? 39   PHE A CG  1 
ATOM   325  C CD1 . PHE A 1 43  ? 6.873   8.075   9.902   1.00 58.48 ? 39   PHE A CD1 1 
ATOM   326  C CD2 . PHE A 1 43  ? 7.034   6.740   7.911   1.00 59.09 ? 39   PHE A CD2 1 
ATOM   327  C CE1 . PHE A 1 43  ? 6.548   9.197   9.137   1.00 59.02 ? 39   PHE A CE1 1 
ATOM   328  C CE2 . PHE A 1 43  ? 6.708   7.855   7.128   1.00 59.86 ? 39   PHE A CE2 1 
ATOM   329  C CZ  . PHE A 1 43  ? 6.463   9.088   7.744   1.00 60.08 ? 39   PHE A CZ  1 
ATOM   330  N N   . MET A 1 44  ? 5.945   3.555   8.538   1.00 59.34 ? 40   MET A N   1 
ATOM   331  C CA  . MET A 1 44  ? 5.373   3.112   7.279   1.00 57.18 ? 40   MET A CA  1 
ATOM   332  C C   . MET A 1 44  ? 3.917   2.675   7.502   1.00 56.26 ? 40   MET A C   1 
ATOM   333  O O   . MET A 1 44  ? 2.999   3.192   6.864   1.00 55.80 ? 40   MET A O   1 
ATOM   334  C CB  . MET A 1 44  ? 6.224   1.959   6.730   1.00 57.99 ? 40   MET A CB  1 
ATOM   335  C CG  . MET A 1 44  ? 6.841   2.190   5.346   1.00 60.95 ? 40   MET A CG  1 
ATOM   336  S SD  . MET A 1 44  ? 8.072   3.510   5.182   1.00 62.76 ? 40   MET A SD  1 
ATOM   337  C CE  . MET A 1 44  ? 7.041   4.898   4.904   1.00 64.55 ? 40   MET A CE  1 
ATOM   338  N N   . THR A 1 45  ? 3.724   1.731   8.422   1.00 53.63 ? 41   THR A N   1 
ATOM   339  C CA  . THR A 1 45  ? 2.407   1.198   8.771   1.00 51.26 ? 41   THR A CA  1 
ATOM   340  C C   . THR A 1 45  ? 1.423   2.316   9.125   1.00 50.98 ? 41   THR A C   1 
ATOM   341  O O   . THR A 1 45  ? 0.303   2.362   8.607   1.00 50.07 ? 41   THR A O   1 
ATOM   342  C CB  . THR A 1 45  ? 2.526   0.219   9.974   1.00 50.70 ? 41   THR A CB  1 
ATOM   343  O OG1 . THR A 1 45  ? 3.317   -0.912  9.589   1.00 50.62 ? 41   THR A OG1 1 
ATOM   344  C CG2 . THR A 1 45  ? 1.156   -0.254  10.446  1.00 46.07 ? 41   THR A CG2 1 
ATOM   345  N N   . PHE A 1 46  ? 1.853   3.213   10.007  1.00 49.70 ? 42   PHE A N   1 
ATOM   346  C CA  . PHE A 1 46  ? 1.017   4.324   10.434  1.00 48.36 ? 42   PHE A CA  1 
ATOM   347  C C   . PHE A 1 46  ? 0.765   5.277   9.271   1.00 48.24 ? 42   PHE A C   1 
ATOM   348  O O   . PHE A 1 46  ? -0.358  5.740   9.071   1.00 48.37 ? 42   PHE A O   1 
ATOM   349  C CB  . PHE A 1 46  ? 1.676   5.081   11.593  1.00 48.88 ? 42   PHE A CB  1 
ATOM   350  C CG  . PHE A 1 46  ? 0.832   6.200   12.126  1.00 49.10 ? 42   PHE A CG  1 
ATOM   351  C CD1 . PHE A 1 46  ? -0.325  5.931   12.844  1.00 49.64 ? 42   PHE A CD1 1 
ATOM   352  C CD2 . PHE A 1 46  ? 1.136   7.522   11.826  1.00 50.01 ? 42   PHE A CD2 1 
ATOM   353  C CE1 . PHE A 1 46  ? -1.175  6.958   13.250  1.00 48.17 ? 42   PHE A CE1 1 
ATOM   354  C CE2 . PHE A 1 46  ? 0.292   8.559   12.227  1.00 49.14 ? 42   PHE A CE2 1 
ATOM   355  C CZ  . PHE A 1 46  ? -0.866  8.274   12.939  1.00 48.23 ? 42   PHE A CZ  1 
ATOM   356  N N   . PHE A 1 47  ? 1.809   5.569   8.502   1.00 47.18 ? 43   PHE A N   1 
ATOM   357  C CA  . PHE A 1 47  ? 1.674   6.467   7.359   1.00 45.36 ? 43   PHE A CA  1 
ATOM   358  C C   . PHE A 1 47  ? 0.687   5.885   6.342   1.00 46.43 ? 43   PHE A C   1 
ATOM   359  O O   . PHE A 1 47  ? -0.222  6.580   5.874   1.00 46.93 ? 43   PHE A O   1 
ATOM   360  C CB  . PHE A 1 47  ? 3.034   6.678   6.697   1.00 43.54 ? 43   PHE A CB  1 
ATOM   361  C CG  . PHE A 1 47  ? 2.999   7.605   5.521   1.00 41.98 ? 43   PHE A CG  1 
ATOM   362  C CD1 . PHE A 1 47  ? 3.800   7.368   4.420   1.00 43.31 ? 43   PHE A CD1 1 
ATOM   363  C CD2 . PHE A 1 47  ? 2.167   8.711   5.507   1.00 43.35 ? 43   PHE A CD2 1 
ATOM   364  C CE1 . PHE A 1 47  ? 3.771   8.221   3.311   1.00 44.54 ? 43   PHE A CE1 1 
ATOM   365  C CE2 . PHE A 1 47  ? 2.130   9.571   4.407   1.00 43.55 ? 43   PHE A CE2 1 
ATOM   366  C CZ  . PHE A 1 47  ? 2.935   9.321   3.309   1.00 43.31 ? 43   PHE A CZ  1 
ATOM   367  N N   . ALA A 1 48  ? 0.877   4.608   6.009   1.00 46.52 ? 44   ALA A N   1 
ATOM   368  C CA  . ALA A 1 48  ? 0.020   3.902   5.057   1.00 46.17 ? 44   ALA A CA  1 
ATOM   369  C C   . ALA A 1 48  ? -1.453  3.963   5.461   1.00 46.98 ? 44   ALA A C   1 
ATOM   370  O O   . ALA A 1 48  ? -2.321  4.312   4.655   1.00 45.82 ? 44   ALA A O   1 
ATOM   371  C CB  . ALA A 1 48  ? 0.462   2.458   4.946   1.00 44.74 ? 44   ALA A CB  1 
ATOM   372  N N   . GLU A 1 49  ? -1.721  3.625   6.720   1.00 47.15 ? 45   GLU A N   1 
ATOM   373  C CA  . GLU A 1 49  ? -3.073  3.641   7.263   1.00 47.13 ? 45   GLU A CA  1 
ATOM   374  C C   . GLU A 1 49  ? -3.650  5.059   7.242   1.00 45.96 ? 45   GLU A C   1 
ATOM   375  O O   . GLU A 1 49  ? -4.799  5.269   6.857   1.00 46.72 ? 45   GLU A O   1 
ATOM   376  C CB  . GLU A 1 49  ? -3.058  3.089   8.697   1.00 49.37 ? 45   GLU A CB  1 
ATOM   377  C CG  . GLU A 1 49  ? -4.439  2.906   9.345   1.00 55.96 ? 45   GLU A CG  1 
ATOM   378  C CD  . GLU A 1 49  ? -4.852  4.083   10.230  1.00 58.53 ? 45   GLU A CD  1 
ATOM   379  O OE1 . GLU A 1 49  ? -4.204  4.306   11.281  1.00 57.01 ? 45   GLU A OE1 1 
ATOM   380  O OE2 . GLU A 1 49  ? -5.827  4.784   9.870   1.00 60.37 ? 45   GLU A OE2 1 
ATOM   381  N N   . THR A 1 50  ? -2.848  6.033   7.642   1.00 43.42 ? 46   THR A N   1 
ATOM   382  C CA  . THR A 1 50  ? -3.316  7.400   7.657   1.00 42.70 ? 46   THR A CA  1 
ATOM   383  C C   . THR A 1 50  ? -3.755  7.878   6.281   1.00 42.94 ? 46   THR A C   1 
ATOM   384  O O   . THR A 1 50  ? -4.800  8.508   6.147   1.00 43.35 ? 46   THR A O   1 
ATOM   385  C CB  . THR A 1 50  ? -2.236  8.342   8.227   1.00 41.71 ? 46   THR A CB  1 
ATOM   386  O OG1 . THR A 1 50  ? -2.106  8.095   9.631   1.00 44.23 ? 46   THR A OG1 1 
ATOM   387  C CG2 . THR A 1 50  ? -2.603  9.796   8.006   1.00 37.81 ? 46   THR A CG2 1 
ATOM   388  N N   . VAL A 1 51  ? -2.980  7.569   5.251   1.00 42.38 ? 47   VAL A N   1 
ATOM   389  C CA  . VAL A 1 51  ? -3.355  8.016   3.925   1.00 42.17 ? 47   VAL A CA  1 
ATOM   390  C C   . VAL A 1 51  ? -4.456  7.156   3.321   1.00 42.91 ? 47   VAL A C   1 
ATOM   391  O O   . VAL A 1 51  ? -5.141  7.581   2.388   1.00 42.27 ? 47   VAL A O   1 
ATOM   392  C CB  . VAL A 1 51  ? -2.136  8.062   2.993   1.00 42.44 ? 47   VAL A CB  1 
ATOM   393  C CG1 . VAL A 1 51  ? -1.129  9.059   3.541   1.00 41.32 ? 47   VAL A CG1 1 
ATOM   394  C CG2 . VAL A 1 51  ? -1.513  6.684   2.877   1.00 43.15 ? 47   VAL A CG2 1 
ATOM   395  N N   . ALA A 1 52  ? -4.639  5.950   3.847   1.00 42.56 ? 48   ALA A N   1 
ATOM   396  C CA  . ALA A 1 52  ? -5.700  5.092   3.331   1.00 43.98 ? 48   ALA A CA  1 
ATOM   397  C C   . ALA A 1 52  ? -7.044  5.582   3.876   1.00 44.78 ? 48   ALA A C   1 
ATOM   398  O O   . ALA A 1 52  ? -8.055  5.544   3.175   1.00 46.42 ? 48   ALA A O   1 
ATOM   399  C CB  . ALA A 1 52  ? -5.462  3.627   3.737   1.00 41.51 ? 48   ALA A CB  1 
ATOM   400  N N   . SER A 1 53  ? -7.049  6.056   5.121   1.00 44.32 ? 49   SER A N   1 
ATOM   401  C CA  . SER A 1 53  ? -8.282  6.535   5.751   1.00 44.43 ? 49   SER A CA  1 
ATOM   402  C C   . SER A 1 53  ? -8.721  7.891   5.221   1.00 46.13 ? 49   SER A C   1 
ATOM   403  O O   . SER A 1 53  ? -9.911  8.206   5.195   1.00 47.01 ? 49   SER A O   1 
ATOM   404  C CB  . SER A 1 53  ? -8.097  6.620   7.265   1.00 42.81 ? 49   SER A CB  1 
ATOM   405  O OG  . SER A 1 53  ? -7.770  5.351   7.800   1.00 38.22 ? 49   SER A OG  1 
ATOM   406  N N   . ARG A 1 54  ? -7.742  8.680   4.799   1.00 45.67 ? 50   ARG A N   1 
ATOM   407  C CA  . ARG A 1 54  ? -7.980  10.000  4.267   1.00 46.04 ? 50   ARG A CA  1 
ATOM   408  C C   . ARG A 1 54  ? -8.614  9.915   2.880   1.00 45.99 ? 50   ARG A C   1 
ATOM   409  O O   . ARG A 1 54  ? -9.387  10.784  2.490   1.00 47.03 ? 50   ARG A O   1 
ATOM   410  C CB  . ARG A 1 54  ? -6.650  10.752  4.162   1.00 49.60 ? 50   ARG A CB  1 
ATOM   411  C CG  . ARG A 1 54  ? -6.795  12.208  3.754   1.00 55.87 ? 50   ARG A CG  1 
ATOM   412  C CD  . ARG A 1 54  ? -5.450  12.867  3.415   1.00 58.59 ? 50   ARG A CD  1 
ATOM   413  N NE  . ARG A 1 54  ? -4.383  12.465  4.329   1.00 62.37 ? 50   ARG A NE  1 
ATOM   414  C CZ  . ARG A 1 54  ? -3.285  13.180  4.574   1.00 64.20 ? 50   ARG A CZ  1 
ATOM   415  N NH1 . ARG A 1 54  ? -3.106  14.353  3.972   1.00 63.66 ? 50   ARG A NH1 1 
ATOM   416  N NH2 . ARG A 1 54  ? -2.360  12.716  5.420   1.00 63.36 ? 50   ARG A NH2 1 
ATOM   417  N N   . THR A 1 55  ? -8.304  8.846   2.151   1.00 44.67 ? 51   THR A N   1 
ATOM   418  C CA  . THR A 1 55  ? -8.779  8.684   0.781   1.00 42.91 ? 51   THR A CA  1 
ATOM   419  C C   . THR A 1 55  ? -10.180 8.132   0.535   1.00 44.05 ? 51   THR A C   1 
ATOM   420  O O   . THR A 1 55  ? -10.510 7.010   0.926   1.00 43.79 ? 51   THR A O   1 
ATOM   421  C CB  . THR A 1 55  ? -7.765  7.850   -0.036  1.00 38.37 ? 51   THR A CB  1 
ATOM   422  O OG1 . THR A 1 55  ? -6.497  8.503   -0.002  1.00 39.91 ? 51   THR A OG1 1 
ATOM   423  C CG2 . THR A 1 55  ? -8.194  7.717   -1.476  1.00 37.99 ? 51   THR A CG2 1 
ATOM   424  N N   . GLY A 1 56  ? -10.987 8.929   -0.163  1.00 44.69 ? 52   GLY A N   1 
ATOM   425  C CA  . GLY A 1 56  ? -12.352 8.537   -0.482  1.00 44.88 ? 52   GLY A CA  1 
ATOM   426  C C   . GLY A 1 56  ? -12.436 7.564   -1.643  1.00 46.57 ? 52   GLY A C   1 
ATOM   427  O O   . GLY A 1 56  ? -11.458 7.329   -2.349  1.00 47.42 ? 52   GLY A O   1 
ATOM   428  N N   . ALA A 1 57  ? -13.617 6.998   -1.849  1.00 45.94 ? 53   ALA A N   1 
ATOM   429  C CA  . ALA A 1 57  ? -13.827 6.037   -2.918  1.00 46.84 ? 53   ALA A CA  1 
ATOM   430  C C   . ALA A 1 57  ? -13.708 6.670   -4.296  1.00 48.04 ? 53   ALA A C   1 
ATOM   431  O O   . ALA A 1 57  ? -14.327 7.696   -4.568  1.00 50.64 ? 53   ALA A O   1 
ATOM   432  C CB  . ALA A 1 57  ? -15.187 5.389   -2.767  1.00 45.27 ? 53   ALA A CB  1 
ATOM   433  N N   . GLY A 1 58  ? -12.920 6.049   -5.170  1.00 47.34 ? 54   GLY A N   1 
ATOM   434  C CA  . GLY A 1 58  ? -12.748 6.574   -6.511  1.00 45.26 ? 54   GLY A CA  1 
ATOM   435  C C   . GLY A 1 58  ? -11.722 7.683   -6.553  1.00 44.55 ? 54   GLY A C   1 
ATOM   436  O O   . GLY A 1 58  ? -11.498 8.272   -7.609  1.00 45.53 ? 54   GLY A O   1 
ATOM   437  N N   . GLN A 1 59  ? -11.102 7.951   -5.403  1.00 43.47 ? 55   GLN A N   1 
ATOM   438  C CA  . GLN A 1 59  ? -10.086 8.995   -5.267  1.00 44.73 ? 55   GLN A CA  1 
ATOM   439  C C   . GLN A 1 59  ? -8.654  8.458   -5.310  1.00 43.99 ? 55   GLN A C   1 
ATOM   440  O O   . GLN A 1 59  ? -8.333  7.435   -4.697  1.00 44.57 ? 55   GLN A O   1 
ATOM   441  C CB  . GLN A 1 59  ? -10.294 9.797   -3.959  1.00 45.28 ? 55   GLN A CB  1 
ATOM   442  C CG  . GLN A 1 59  ? -9.129  10.770  -3.611  1.00 49.37 ? 55   GLN A CG  1 
ATOM   443  C CD  . GLN A 1 59  ? -9.313  11.564  -2.301  1.00 51.36 ? 55   GLN A CD  1 
ATOM   444  O OE1 . GLN A 1 59  ? -9.784  10.992  -1.290  1.00 54.61 ? 55   GLN A OE1 1 
ATOM   445  N NE2 . GLN A 1 59  ? -8.955  12.763  -2.273  1.00 50.66 ? 55   GLN A NE2 1 
ATOM   446  N N   . ARG A 1 60  ? -7.810  9.174   -6.046  1.00 42.52 ? 56   ARG A N   1 
ATOM   447  C CA  . ARG A 1 60  ? -6.401  8.845   -6.195  1.00 43.46 ? 56   ARG A CA  1 
ATOM   448  C C   . ARG A 1 60  ? -5.596  10.074  -5.784  1.00 44.04 ? 56   ARG A C   1 
ATOM   449  O O   . ARG A 1 60  ? -5.869  11.180  -6.246  1.00 43.48 ? 56   ARG A O   1 
ATOM   450  C CB  . ARG A 1 60  ? -6.065  8.527   -7.650  1.00 42.46 ? 56   ARG A CB  1 
ATOM   451  C CG  . ARG A 1 60  ? -4.991  7.473   -7.796  1.00 44.97 ? 56   ARG A CG  1 
ATOM   452  C CD  . ARG A 1 60  ? -3.978  7.761   -8.902  1.00 43.16 ? 56   ARG A CD  1 
ATOM   453  N NE  . ARG A 1 60  ? -4.545  8.294   -10.148 1.00 41.20 ? 56   ARG A NE  1 
ATOM   454  C CZ  . ARG A 1 60  ? -4.569  7.648   -11.312 1.00 39.09 ? 56   ARG A CZ  1 
ATOM   455  N NH1 . ARG A 1 60  ? -4.072  6.424   -11.409 1.00 37.98 ? 56   ARG A NH1 1 
ATOM   456  N NH2 . ARG A 1 60  ? -5.051  8.248   -12.395 1.00 38.04 ? 56   ARG A NH2 1 
ATOM   457  N N   . GLN A 1 61  ? -4.609  9.878   -4.918  1.00 43.62 ? 57   GLN A N   1 
ATOM   458  C CA  . GLN A 1 61  ? -3.777  10.974  -4.482  1.00 44.50 ? 57   GLN A CA  1 
ATOM   459  C C   . GLN A 1 61  ? -2.403  10.491  -4.049  1.00 44.74 ? 57   GLN A C   1 
ATOM   460  O O   . GLN A 1 61  ? -2.197  9.298   -3.801  1.00 43.83 ? 57   GLN A O   1 
ATOM   461  C CB  . GLN A 1 61  ? -4.459  11.753  -3.346  1.00 45.56 ? 57   GLN A CB  1 
ATOM   462  C CG  . GLN A 1 61  ? -4.564  11.018  -2.017  1.00 47.38 ? 57   GLN A CG  1 
ATOM   463  C CD  . GLN A 1 61  ? -5.367  11.811  -0.976  1.00 49.03 ? 57   GLN A CD  1 
ATOM   464  O OE1 . GLN A 1 61  ? -5.379  13.048  -0.985  1.00 48.43 ? 57   GLN A OE1 1 
ATOM   465  N NE2 . GLN A 1 61  ? -6.026  11.098  -0.071  1.00 47.50 ? 57   GLN A NE2 1 
ATOM   466  N N   . SER A 1 62  ? -1.472  11.443  -3.973  1.00 46.10 ? 58   SER A N   1 
ATOM   467  C CA  . SER A 1 62  ? -0.082  11.204  -3.584  1.00 45.93 ? 58   SER A CA  1 
ATOM   468  C C   . SER A 1 62  ? 0.293   12.175  -2.468  1.00 46.88 ? 58   SER A C   1 
ATOM   469  O O   . SER A 1 62  ? 0.478   13.364  -2.708  1.00 46.93 ? 58   SER A O   1 
ATOM   470  C CB  . SER A 1 62  ? 0.834   11.430  -4.788  1.00 43.16 ? 58   SER A CB  1 
ATOM   471  O OG  . SER A 1 62  ? 0.530   10.531  -5.832  1.00 43.61 ? 58   SER A OG  1 
ATOM   472  N N   . ILE A 1 63  ? 0.412   11.668  -1.250  1.00 49.01 ? 59   ILE A N   1 
ATOM   473  C CA  . ILE A 1 63  ? 0.747   12.527  -0.128  1.00 49.98 ? 59   ILE A CA  1 
ATOM   474  C C   . ILE A 1 63  ? 2.235   12.554  0.164   1.00 52.60 ? 59   ILE A C   1 
ATOM   475  O O   . ILE A 1 63  ? 2.879   11.511  0.272   1.00 52.80 ? 59   ILE A O   1 
ATOM   476  C CB  . ILE A 1 63  ? -0.009  12.089  1.136   1.00 49.09 ? 59   ILE A CB  1 
ATOM   477  C CG1 . ILE A 1 63  ? -1.502  12.284  0.922   1.00 48.81 ? 59   ILE A CG1 1 
ATOM   478  C CG2 . ILE A 1 63  ? 0.465   12.866  2.342   1.00 47.14 ? 59   ILE A CG2 1 
ATOM   479  C CD1 . ILE A 1 63  ? -2.170  11.058  0.428   1.00 51.87 ? 59   ILE A CD1 1 
ATOM   480  N N   . GLU A 1 64  ? 2.771   13.763  0.289   1.00 55.81 ? 60   GLU A N   1 
ATOM   481  C CA  . GLU A 1 64  ? 4.182   13.953  0.582   1.00 58.25 ? 60   GLU A CA  1 
ATOM   482  C C   . GLU A 1 64  ? 4.419   14.030  2.078   1.00 57.63 ? 60   GLU A C   1 
ATOM   483  O O   . GLU A 1 64  ? 3.801   14.831  2.775   1.00 58.46 ? 60   GLU A O   1 
ATOM   484  C CB  . GLU A 1 64  ? 4.699   15.238  -0.063  1.00 61.65 ? 60   GLU A CB  1 
ATOM   485  C CG  . GLU A 1 64  ? 4.707   15.221  -1.585  1.00 68.68 ? 60   GLU A CG  1 
ATOM   486  C CD  . GLU A 1 64  ? 5.466   16.405  -2.183  1.00 72.61 ? 60   GLU A CD  1 
ATOM   487  O OE1 . GLU A 1 64  ? 6.652   16.605  -1.807  1.00 72.57 ? 60   GLU A OE1 1 
ATOM   488  O OE2 . GLU A 1 64  ? 4.877   17.124  -3.031  1.00 73.94 ? 60   GLU A OE2 1 
ATOM   489  N N   . GLU A 1 65  ? 5.323   13.191  2.564   1.00 56.78 ? 61   GLU A N   1 
ATOM   490  C CA  . GLU A 1 65  ? 5.655   13.174  3.973   1.00 55.52 ? 61   GLU A CA  1 
ATOM   491  C C   . GLU A 1 65  ? 7.157   13.047  4.133   1.00 56.91 ? 61   GLU A C   1 
ATOM   492  O O   . GLU A 1 65  ? 7.716   11.953  4.056   1.00 54.84 ? 61   GLU A O   1 
ATOM   493  C CB  . GLU A 1 65  ? 4.955   12.016  4.668   1.00 54.30 ? 61   GLU A CB  1 
ATOM   494  C CG  . GLU A 1 65  ? 5.291   11.901  6.140   1.00 55.01 ? 61   GLU A CG  1 
ATOM   495  C CD  . GLU A 1 65  ? 5.357   13.252  6.830   1.00 56.11 ? 61   GLU A CD  1 
ATOM   496  O OE1 . GLU A 1 65  ? 4.572   14.155  6.459   1.00 55.69 ? 61   GLU A OE1 1 
ATOM   497  O OE2 . GLU A 1 65  ? 6.186   13.406  7.756   1.00 58.84 ? 61   GLU A OE2 1 
ATOM   498  N N   . GLY A 1 66  ? 7.813   14.179  4.363   1.00 59.45 ? 62   GLY A N   1 
ATOM   499  C CA  . GLY A 1 66  ? 9.254   14.160  4.511   1.00 61.96 ? 62   GLY A CA  1 
ATOM   500  C C   . GLY A 1 66  ? 9.864   13.852  3.159   1.00 63.17 ? 62   GLY A C   1 
ATOM   501  O O   . GLY A 1 66  ? 9.663   14.598  2.195   1.00 61.94 ? 62   GLY A O   1 
ATOM   502  N N   . ASN A 1 67  ? 10.597  12.749  3.076   1.00 63.47 ? 63   ASN A N   1 
ATOM   503  C CA  . ASN A 1 67  ? 11.225  12.365  1.818   1.00 64.86 ? 63   ASN A CA  1 
ATOM   504  C C   . ASN A 1 67  ? 10.455  11.268  1.084   1.00 63.12 ? 63   ASN A C   1 
ATOM   505  O O   . ASN A 1 67  ? 10.827  10.856  -0.015  1.00 62.56 ? 63   ASN A O   1 
ATOM   506  C CB  . ASN A 1 67  ? 12.670  11.919  2.077   1.00 67.75 ? 63   ASN A CB  1 
ATOM   507  C CG  . ASN A 1 67  ? 13.580  13.084  2.480   1.00 70.11 ? 63   ASN A CG  1 
ATOM   508  O OD1 . ASN A 1 67  ? 13.830  14.007  1.686   1.00 69.97 ? 63   ASN A OD1 1 
ATOM   509  N ND2 . ASN A 1 67  ? 14.066  13.050  3.722   1.00 69.89 ? 63   ASN A ND2 1 
ATOM   510  N N   . TYR A 1 68  ? 9.363   10.819  1.686   1.00 61.21 ? 64   TYR A N   1 
ATOM   511  C CA  . TYR A 1 68  ? 8.565   9.771   1.084   1.00 58.96 ? 64   TYR A CA  1 
ATOM   512  C C   . TYR A 1 68  ? 7.298   10.323  0.455   1.00 56.98 ? 64   TYR A C   1 
ATOM   513  O O   . TYR A 1 68  ? 6.921   11.472  0.691   1.00 55.81 ? 64   TYR A O   1 
ATOM   514  C CB  . TYR A 1 68  ? 8.173   8.735   2.134   1.00 60.59 ? 64   TYR A CB  1 
ATOM   515  C CG  . TYR A 1 68  ? 9.293   8.283   3.035   1.00 64.56 ? 64   TYR A CG  1 
ATOM   516  C CD1 . TYR A 1 68  ? 10.326  7.472   2.558   1.00 66.37 ? 64   TYR A CD1 1 
ATOM   517  C CD2 . TYR A 1 68  ? 9.298   8.637   4.382   1.00 66.02 ? 64   TYR A CD2 1 
ATOM   518  C CE1 . TYR A 1 68  ? 11.338  7.020   3.410   1.00 68.23 ? 64   TYR A CE1 1 
ATOM   519  C CE2 . TYR A 1 68  ? 10.293  8.197   5.238   1.00 69.42 ? 64   TYR A CE2 1 
ATOM   520  C CZ  . TYR A 1 68  ? 11.313  7.385   4.753   1.00 70.21 ? 64   TYR A CZ  1 
ATOM   521  O OH  . TYR A 1 68  ? 12.275  6.931   5.638   1.00 72.63 ? 64   TYR A OH  1 
ATOM   522  N N   . ILE A 1 69  ? 6.663   9.497   -0.371  1.00 55.53 ? 65   ILE A N   1 
ATOM   523  C CA  . ILE A 1 69  ? 5.397   9.845   -0.999  1.00 52.66 ? 65   ILE A CA  1 
ATOM   524  C C   . ILE A 1 69  ? 4.479   8.650   -0.886  1.00 50.48 ? 65   ILE A C   1 
ATOM   525  O O   . ILE A 1 69  ? 4.883   7.509   -1.118  1.00 48.74 ? 65   ILE A O   1 
ATOM   526  C CB  . ILE A 1 69  ? 5.505   10.195  -2.489  1.00 53.59 ? 65   ILE A CB  1 
ATOM   527  C CG1 . ILE A 1 69  ? 6.319   11.479  -2.676  1.00 54.42 ? 65   ILE A CG1 1 
ATOM   528  C CG2 . ILE A 1 69  ? 4.093   10.385  -3.051  1.00 52.27 ? 65   ILE A CG2 1 
ATOM   529  C CD1 . ILE A 1 69  ? 6.095   12.157  -4.029  1.00 53.76 ? 65   ILE A CD1 1 
ATOM   530  N N   . GLY A 1 70  ? 3.241   8.935   -0.502  1.00 49.40 ? 66   GLY A N   1 
ATOM   531  C CA  . GLY A 1 70  ? 2.246   7.903   -0.354  1.00 46.02 ? 66   GLY A CA  1 
ATOM   532  C C   . GLY A 1 70  ? 1.247   7.984   -1.482  1.00 46.11 ? 66   GLY A C   1 
ATOM   533  O O   . GLY A 1 70  ? 0.372   8.858   -1.510  1.00 47.07 ? 66   GLY A O   1 
ATOM   534  N N   . HIS A 1 71  ? 1.405   7.078   -2.437  1.00 44.72 ? 67   HIS A N   1 
ATOM   535  C CA  . HIS A 1 71  ? 0.509   7.003   -3.581  1.00 43.75 ? 67   HIS A CA  1 
ATOM   536  C C   . HIS A 1 71  ? -0.616  6.092   -3.120  1.00 43.33 ? 67   HIS A C   1 
ATOM   537  O O   . HIS A 1 71  ? -0.390  4.948   -2.718  1.00 42.06 ? 67   HIS A O   1 
ATOM   538  C CB  . HIS A 1 71  ? 1.246   6.409   -4.771  1.00 44.58 ? 67   HIS A CB  1 
ATOM   539  C CG  . HIS A 1 71  ? 2.505   7.143   -5.112  1.00 46.48 ? 67   HIS A CG  1 
ATOM   540  N ND1 . HIS A 1 71  ? 2.503   8.427   -5.616  1.00 46.49 ? 67   HIS A ND1 1 
ATOM   541  C CD2 . HIS A 1 71  ? 3.805   6.782   -5.006  1.00 45.13 ? 67   HIS A CD2 1 
ATOM   542  C CE1 . HIS A 1 71  ? 3.749   8.822   -5.811  1.00 46.13 ? 67   HIS A CE1 1 
ATOM   543  N NE2 . HIS A 1 71  ? 4.559   7.843   -5.448  1.00 46.90 ? 67   HIS A NE2 1 
ATOM   544  N N   . VAL A 1 72  ? -1.833  6.613   -3.171  1.00 42.50 ? 68   VAL A N   1 
ATOM   545  C CA  . VAL A 1 72  ? -2.979  5.865   -2.700  1.00 41.23 ? 68   VAL A CA  1 
ATOM   546  C C   . VAL A 1 72  ? -4.174  6.003   -3.617  1.00 42.41 ? 68   VAL A C   1 
ATOM   547  O O   . VAL A 1 72  ? -4.441  7.081   -4.150  1.00 42.21 ? 68   VAL A O   1 
ATOM   548  C CB  . VAL A 1 72  ? -3.361  6.351   -1.297  1.00 40.83 ? 68   VAL A CB  1 
ATOM   549  C CG1 . VAL A 1 72  ? -3.592  7.854   -1.318  1.00 42.81 ? 68   VAL A CG1 1 
ATOM   550  C CG2 . VAL A 1 72  ? -4.577  5.632   -0.809  1.00 40.51 ? 68   VAL A CG2 1 
ATOM   551  N N   . TYR A 1 73  ? -4.891  4.901   -3.805  1.00 41.50 ? 69   TYR A N   1 
ATOM   552  C CA  . TYR A 1 73  ? -6.075  4.895   -4.651  1.00 40.20 ? 69   TYR A CA  1 
ATOM   553  C C   . TYR A 1 73  ? -7.130  3.983   -4.016  1.00 40.72 ? 69   TYR A C   1 
ATOM   554  O O   . TYR A 1 73  ? -6.919  2.784   -3.842  1.00 38.73 ? 69   TYR A O   1 
ATOM   555  C CB  . TYR A 1 73  ? -5.703  4.417   -6.059  1.00 37.81 ? 69   TYR A CB  1 
ATOM   556  C CG  . TYR A 1 73  ? -6.869  4.230   -7.012  1.00 38.88 ? 69   TYR A CG  1 
ATOM   557  C CD1 . TYR A 1 73  ? -6.755  3.373   -8.116  1.00 40.20 ? 69   TYR A CD1 1 
ATOM   558  C CD2 . TYR A 1 73  ? -8.087  4.879   -6.810  1.00 38.42 ? 69   TYR A CD2 1 
ATOM   559  C CE1 . TYR A 1 73  ? -7.820  3.162   -8.990  1.00 35.46 ? 69   TYR A CE1 1 
ATOM   560  C CE2 . TYR A 1 73  ? -9.154  4.672   -7.679  1.00 36.95 ? 69   TYR A CE2 1 
ATOM   561  C CZ  . TYR A 1 73  ? -9.011  3.816   -8.764  1.00 37.07 ? 69   TYR A CZ  1 
ATOM   562  O OH  . TYR A 1 73  ? -10.072 3.645   -9.623  1.00 37.57 ? 69   TYR A OH  1 
ATOM   563  N N   . ALA A 1 74  ? -8.263  4.583   -3.661  1.00 41.97 ? 70   ALA A N   1 
ATOM   564  C CA  . ALA A 1 74  ? -9.366  3.868   -3.039  1.00 41.16 ? 70   ALA A CA  1 
ATOM   565  C C   . ALA A 1 74  ? -10.404 3.583   -4.097  1.00 42.36 ? 70   ALA A C   1 
ATOM   566  O O   . ALA A 1 74  ? -10.991 4.492   -4.681  1.00 41.21 ? 70   ALA A O   1 
ATOM   567  C CB  . ALA A 1 74  ? -9.966  4.695   -1.939  1.00 39.77 ? 70   ALA A CB  1 
ATOM   568  N N   . ARG A 1 75  ? -10.632 2.308   -4.341  1.00 43.53 ? 71   ARG A N   1 
ATOM   569  C CA  . ARG A 1 75  ? -11.586 1.932   -5.349  1.00 46.73 ? 71   ARG A CA  1 
ATOM   570  C C   . ARG A 1 75  ? -13.033 1.891   -4.833  1.00 48.61 ? 71   ARG A C   1 
ATOM   571  O O   . ARG A 1 75  ? -13.272 1.783   -3.631  1.00 50.25 ? 71   ARG A O   1 
ATOM   572  C CB  . ARG A 1 75  ? -11.169 0.598   -5.926  1.00 46.26 ? 71   ARG A CB  1 
ATOM   573  C CG  . ARG A 1 75  ? -11.472 0.518   -7.374  1.00 48.94 ? 71   ARG A CG  1 
ATOM   574  C CD  . ARG A 1 75  ? -10.255 0.164   -8.143  1.00 48.20 ? 71   ARG A CD  1 
ATOM   575  N NE  . ARG A 1 75  ? -10.565 -0.943  -9.030  1.00 52.09 ? 71   ARG A NE  1 
ATOM   576  C CZ  . ARG A 1 75  ? -9.714  -1.445  -9.912  1.00 54.96 ? 71   ARG A CZ  1 
ATOM   577  N NH1 . ARG A 1 75  ? -8.484  -0.931  -10.030 1.00 54.18 ? 71   ARG A NH1 1 
ATOM   578  N NH2 . ARG A 1 75  ? -10.099 -2.461  -10.670 1.00 57.12 ? 71   ARG A NH2 1 
ATOM   579  N N   . SER A 1 76  ? -13.996 1.974   -5.744  1.00 49.20 ? 72   SER A N   1 
ATOM   580  C CA  . SER A 1 76  ? -15.408 1.965   -5.364  1.00 50.93 ? 72   SER A CA  1 
ATOM   581  C C   . SER A 1 76  ? -15.852 0.670   -4.708  1.00 50.18 ? 72   SER A C   1 
ATOM   582  O O   . SER A 1 76  ? -16.723 0.672   -3.840  1.00 50.50 ? 72   SER A O   1 
ATOM   583  C CB  . SER A 1 76  ? -16.279 2.208   -6.588  1.00 53.38 ? 72   SER A CB  1 
ATOM   584  O OG  . SER A 1 76  ? -15.811 3.337   -7.305  1.00 60.49 ? 72   SER A OG  1 
ATOM   585  N N   . GLU A 1 77  ? -15.261 -0.435  -5.140  1.00 48.32 ? 73   GLU A N   1 
ATOM   586  C CA  . GLU A 1 77  ? -15.604 -1.736  -4.608  1.00 46.58 ? 73   GLU A CA  1 
ATOM   587  C C   . GLU A 1 77  ? -15.332 -1.859  -3.126  1.00 46.24 ? 73   GLU A C   1 
ATOM   588  O O   . GLU A 1 77  ? -15.850 -2.767  -2.487  1.00 45.89 ? 73   GLU A O   1 
ATOM   589  C CB  . GLU A 1 77  ? -14.863 -2.835  -5.364  1.00 47.25 ? 73   GLU A CB  1 
ATOM   590  C CG  . GLU A 1 77  ? -15.320 -2.979  -6.806  1.00 48.28 ? 73   GLU A CG  1 
ATOM   591  C CD  . GLU A 1 77  ? -14.525 -2.106  -7.777  1.00 49.72 ? 73   GLU A CD  1 
ATOM   592  O OE1 . GLU A 1 77  ? -14.220 -0.945  -7.444  1.00 46.16 ? 73   GLU A OE1 1 
ATOM   593  O OE2 . GLU A 1 77  ? -14.218 -2.593  -8.882  1.00 52.83 ? 73   GLU A OE2 1 
ATOM   594  N N   . GLY A 1 78  ? -14.521 -0.963  -2.570  1.00 45.39 ? 74   GLY A N   1 
ATOM   595  C CA  . GLY A 1 78  ? -14.256 -1.042  -1.143  1.00 44.19 ? 74   GLY A CA  1 
ATOM   596  C C   . GLY A 1 78  ? -12.824 -1.175  -0.654  1.00 44.13 ? 74   GLY A C   1 
ATOM   597  O O   . GLY A 1 78  ? -12.578 -0.963  0.529   1.00 44.99 ? 74   GLY A O   1 
ATOM   598  N N   . ILE A 1 79  ? -11.886 -1.540  -1.525  1.00 42.91 ? 75   ILE A N   1 
ATOM   599  C CA  . ILE A 1 79  ? -10.501 -1.658  -1.102  1.00 42.33 ? 75   ILE A CA  1 
ATOM   600  C C   . ILE A 1 79  ? -9.686  -0.460  -1.540  1.00 43.13 ? 75   ILE A C   1 
ATOM   601  O O   . ILE A 1 79  ? -10.076 0.310   -2.426  1.00 42.04 ? 75   ILE A O   1 
ATOM   602  C CB  . ILE A 1 79  ? -9.786  -2.903  -1.653  1.00 43.48 ? 75   ILE A CB  1 
ATOM   603  C CG1 . ILE A 1 79  ? -9.892  -2.927  -3.170  1.00 43.93 ? 75   ILE A CG1 1 
ATOM   604  C CG2 . ILE A 1 79  ? -10.303 -4.155  -0.978  1.00 41.76 ? 75   ILE A CG2 1 
ATOM   605  C CD1 . ILE A 1 79  ? -9.116  -4.054  -3.793  1.00 46.92 ? 75   ILE A CD1 1 
ATOM   606  N N   . CYS A 1 80  ? -8.513  -0.347  -0.938  1.00 42.71 ? 76   CYS A N   1 
ATOM   607  C CA  . CYS A 1 80  ? -7.642  0.768   -1.200  1.00 41.86 ? 76   CYS A CA  1 
ATOM   608  C C   . CYS A 1 80  ? -6.186  0.333   -1.258  1.00 42.09 ? 76   CYS A C   1 
ATOM   609  O O   . CYS A 1 80  ? -5.710  -0.383  -0.376  1.00 42.67 ? 76   CYS A O   1 
ATOM   610  C CB  . CYS A 1 80  ? -7.872  1.783   -0.090  1.00 41.02 ? 76   CYS A CB  1 
ATOM   611  S SG  . CYS A 1 80  ? -6.878  3.244   -0.151  1.00 43.43 ? 76   CYS A SG  1 
ATOM   612  N N   . GLY A 1 81  ? -5.491  0.769   -2.308  1.00 40.95 ? 77   GLY A N   1 
ATOM   613  C CA  . GLY A 1 81  ? -4.090  0.432   -2.480  1.00 38.57 ? 77   GLY A CA  1 
ATOM   614  C C   . GLY A 1 81  ? -3.197  1.574   -2.038  1.00 39.70 ? 77   GLY A C   1 
ATOM   615  O O   . GLY A 1 81  ? -3.526  2.741   -2.227  1.00 40.86 ? 77   GLY A O   1 
ATOM   616  N N   . VAL A 1 82  ? -2.059  1.246   -1.442  1.00 41.05 ? 78   VAL A N   1 
ATOM   617  C CA  . VAL A 1 82  ? -1.133  2.268   -0.977  1.00 41.95 ? 78   VAL A CA  1 
ATOM   618  C C   . VAL A 1 82  ? 0.324   1.928   -1.299  1.00 42.83 ? 78   VAL A C   1 
ATOM   619  O O   . VAL A 1 82  ? 0.805   0.839   -0.980  1.00 41.43 ? 78   VAL A O   1 
ATOM   620  C CB  . VAL A 1 82  ? -1.218  2.459   0.555   1.00 41.94 ? 78   VAL A CB  1 
ATOM   621  C CG1 . VAL A 1 82  ? -0.150  3.435   1.006   1.00 41.73 ? 78   VAL A CG1 1 
ATOM   622  C CG2 . VAL A 1 82  ? -2.590  2.944   0.959   1.00 39.89 ? 78   VAL A CG2 1 
ATOM   623  N N   . LEU A 1 83  ? 1.020   2.877   -1.919  1.00 45.54 ? 79   LEU A N   1 
ATOM   624  C CA  . LEU A 1 83  ? 2.430   2.720   -2.260  1.00 45.22 ? 79   LEU A CA  1 
ATOM   625  C C   . LEU A 1 83  ? 3.227   3.840   -1.637  1.00 47.54 ? 79   LEU A C   1 
ATOM   626  O O   . LEU A 1 83  ? 2.987   5.012   -1.926  1.00 47.23 ? 79   LEU A O   1 
ATOM   627  C CB  . LEU A 1 83  ? 2.646   2.789   -3.763  1.00 46.30 ? 79   LEU A CB  1 
ATOM   628  C CG  . LEU A 1 83  ? 2.207   1.586   -4.579  1.00 47.40 ? 79   LEU A CG  1 
ATOM   629  C CD1 . LEU A 1 83  ? 2.510   1.849   -6.035  1.00 49.53 ? 79   LEU A CD1 1 
ATOM   630  C CD2 . LEU A 1 83  ? 2.926   0.352   -4.101  1.00 49.91 ? 79   LEU A CD2 1 
ATOM   631  N N   . ILE A 1 84  ? 4.173   3.485   -0.777  1.00 49.53 ? 80   ILE A N   1 
ATOM   632  C CA  . ILE A 1 84  ? 5.031   4.481   -0.152  1.00 51.54 ? 80   ILE A CA  1 
ATOM   633  C C   . ILE A 1 84  ? 6.399   4.344   -0.812  1.00 54.05 ? 80   ILE A C   1 
ATOM   634  O O   . ILE A 1 84  ? 7.132   3.381   -0.571  1.00 53.06 ? 80   ILE A O   1 
ATOM   635  C CB  . ILE A 1 84  ? 5.177   4.249   1.343   1.00 50.80 ? 80   ILE A CB  1 
ATOM   636  C CG1 . ILE A 1 84  ? 3.816   4.377   2.020   1.00 50.22 ? 80   ILE A CG1 1 
ATOM   637  C CG2 . ILE A 1 84  ? 6.153   5.255   1.920   1.00 52.16 ? 80   ILE A CG2 1 
ATOM   638  C CD1 . ILE A 1 84  ? 3.843   4.011   3.481   1.00 50.00 ? 80   ILE A CD1 1 
ATOM   639  N N   . THR A 1 85  ? 6.726   5.326   -1.646  1.00 56.58 ? 81   THR A N   1 
ATOM   640  C CA  . THR A 1 85  ? 7.973   5.345   -2.399  1.00 58.10 ? 81   THR A CA  1 
ATOM   641  C C   . THR A 1 85  ? 8.754   6.617   -2.138  1.00 60.95 ? 81   THR A C   1 
ATOM   642  O O   . THR A 1 85  ? 8.361   7.439   -1.314  1.00 61.05 ? 81   THR A O   1 
ATOM   643  C CB  . THR A 1 85  ? 7.689   5.305   -3.897  1.00 56.51 ? 81   THR A CB  1 
ATOM   644  O OG1 . THR A 1 85  ? 6.947   6.473   -4.256  1.00 53.83 ? 81   THR A OG1 1 
ATOM   645  C CG2 . THR A 1 85  ? 6.884   4.078   -4.262  1.00 56.77 ? 81   THR A CG2 1 
ATOM   646  N N   . ASP A 1 86  ? 9.863   6.772   -2.855  1.00 64.31 ? 82   ASP A N   1 
ATOM   647  C CA  . ASP A 1 86  ? 10.675  7.971   -2.740  1.00 66.50 ? 82   ASP A CA  1 
ATOM   648  C C   . ASP A 1 86  ? 9.959   9.109   -3.426  1.00 67.49 ? 82   ASP A C   1 
ATOM   649  O O   . ASP A 1 86  ? 9.239   8.920   -4.415  1.00 66.31 ? 82   ASP A O   1 
ATOM   650  C CB  . ASP A 1 86  ? 12.045  7.805   -3.402  1.00 69.25 ? 82   ASP A CB  1 
ATOM   651  C CG  . ASP A 1 86  ? 13.072  7.179   -2.476  1.00 70.81 ? 82   ASP A CG  1 
ATOM   652  O OD1 . ASP A 1 86  ? 13.233  7.666   -1.332  1.00 72.35 ? 82   ASP A OD1 1 
ATOM   653  O OD2 . ASP A 1 86  ? 13.726  6.204   -2.899  1.00 71.85 ? 82   ASP A OD2 1 
ATOM   654  N N   . LYS A 1 87  ? 10.199  10.294  -2.884  1.00 69.52 ? 83   LYS A N   1 
ATOM   655  C CA  . LYS A 1 87  ? 9.628   11.537  -3.363  1.00 71.74 ? 83   LYS A CA  1 
ATOM   656  C C   . LYS A 1 87  ? 9.762   11.643  -4.882  1.00 71.56 ? 83   LYS A C   1 
ATOM   657  O O   . LYS A 1 87  ? 8.892   12.202  -5.555  1.00 72.51 ? 83   LYS A O   1 
ATOM   658  C CB  . LYS A 1 87  ? 10.343  12.706  -2.660  1.00 74.62 ? 83   LYS A CB  1 
ATOM   659  C CG  . LYS A 1 87  ? 9.706   14.090  -2.816  1.00 78.83 ? 83   LYS A CG  1 
ATOM   660  C CD  . LYS A 1 87  ? 10.392  14.907  -3.907  1.00 82.18 ? 83   LYS A CD  1 
ATOM   661  C CE  . LYS A 1 87  ? 9.743   16.285  -4.099  1.00 84.80 ? 83   LYS A CE  1 
ATOM   662  N NZ  . LYS A 1 87  ? 10.399  17.091  -5.193  1.00 86.61 ? 83   LYS A NZ  1 
ATOM   663  N N   . GLU A 1 88  ? 10.835  11.095  -5.440  1.00 69.98 ? 84   GLU A N   1 
ATOM   664  C CA  . GLU A 1 88  ? 11.012  11.230  -6.893  1.00 69.14 ? 84   GLU A CA  1 
ATOM   665  C C   . GLU A 1 88  ? 10.764  9.940   -7.683  1.00 67.15 ? 84   GLU A C   1 
ATOM   666  O O   . GLU A 1 88  ? 11.234  9.807   -8.811  1.00 67.85 ? 84   GLU A O   1 
ATOM   667  C CB  . GLU A 1 88  ? 12.390  11.815  -7.185  1.00 71.93 ? 84   GLU A CB  1 
ATOM   668  C CG  . GLU A 1 88  ? 12.447  13.340  -7.053  1.00 75.88 ? 84   GLU A CG  1 
ATOM   669  C CD  . GLU A 1 88  ? 11.403  14.089  -7.893  1.00 79.36 ? 84   GLU A CD  1 
ATOM   670  O OE1 . GLU A 1 88  ? 11.147  15.269  -7.600  1.00 81.22 ? 84   GLU A OE1 1 
ATOM   671  O OE2 . GLU A 1 88  ? 10.845  13.484  -8.822  1.00 79.81 ? 84   GLU A OE2 1 
ATOM   672  N N   . TYR A 1 89  ? 10.017  9.009   -7.107  1.00 63.08 ? 85   TYR A N   1 
ATOM   673  C CA  . TYR A 1 89  ? 9.695   7.787   -7.813  1.00 58.25 ? 85   TYR A CA  1 
ATOM   674  C C   . TYR A 1 89  ? 8.731   8.213   -8.940  1.00 58.95 ? 85   TYR A C   1 
ATOM   675  O O   . TYR A 1 89  ? 7.805   8.996   -8.708  1.00 60.42 ? 85   TYR A O   1 
ATOM   676  C CB  . TYR A 1 89  ? 9.034   6.813   -6.845  1.00 53.94 ? 85   TYR A CB  1 
ATOM   677  C CG  . TYR A 1 89  ? 8.775   5.456   -7.437  1.00 49.93 ? 85   TYR A CG  1 
ATOM   678  C CD1 . TYR A 1 89  ? 9.601   4.366   -7.146  1.00 47.25 ? 85   TYR A CD1 1 
ATOM   679  C CD2 . TYR A 1 89  ? 7.714   5.264   -8.314  1.00 48.03 ? 85   TYR A CD2 1 
ATOM   680  C CE1 . TYR A 1 89  ? 9.371   3.118   -7.718  1.00 44.04 ? 85   TYR A CE1 1 
ATOM   681  C CE2 . TYR A 1 89  ? 7.476   4.031   -8.889  1.00 45.25 ? 85   TYR A CE2 1 
ATOM   682  C CZ  . TYR A 1 89  ? 8.305   2.962   -8.588  1.00 45.62 ? 85   TYR A CZ  1 
ATOM   683  O OH  . TYR A 1 89  ? 8.038   1.748   -9.169  1.00 44.21 ? 85   TYR A OH  1 
ATOM   684  N N   . PRO A 1 90  ? 8.959   7.731   -10.177 1.00 58.30 ? 86   PRO A N   1 
ATOM   685  C CA  . PRO A 1 90  ? 8.112   8.066   -11.335 1.00 57.62 ? 86   PRO A CA  1 
ATOM   686  C C   . PRO A 1 90  ? 6.617   7.820   -11.061 1.00 57.75 ? 86   PRO A C   1 
ATOM   687  O O   . PRO A 1 90  ? 6.213   6.687   -10.791 1.00 56.19 ? 86   PRO A O   1 
ATOM   688  C CB  . PRO A 1 90  ? 8.658   7.154   -12.431 1.00 57.06 ? 86   PRO A CB  1 
ATOM   689  C CG  . PRO A 1 90  ? 10.098  7.016   -12.068 1.00 57.20 ? 86   PRO A CG  1 
ATOM   690  C CD  . PRO A 1 90  ? 10.051  6.826   -10.572 1.00 57.08 ? 86   PRO A CD  1 
ATOM   691  N N   . VAL A 1 91  ? 5.807   8.877   -11.155 1.00 56.88 ? 87   VAL A N   1 
ATOM   692  C CA  . VAL A 1 91  ? 4.362   8.811   -10.883 1.00 55.96 ? 87   VAL A CA  1 
ATOM   693  C C   . VAL A 1 91  ? 3.550   7.808   -11.703 1.00 56.08 ? 87   VAL A C   1 
ATOM   694  O O   . VAL A 1 91  ? 2.877   6.933   -11.152 1.00 55.88 ? 87   VAL A O   1 
ATOM   695  C CB  . VAL A 1 91  ? 3.704   10.211  -11.041 1.00 53.97 ? 87   VAL A CB  1 
ATOM   696  C CG1 . VAL A 1 91  ? 2.195   10.120  -10.815 1.00 52.97 ? 87   VAL A CG1 1 
ATOM   697  C CG2 . VAL A 1 91  ? 4.323   11.186  -10.049 1.00 53.92 ? 87   VAL A CG2 1 
ATOM   698  N N   . ARG A 1 92  ? 3.602   7.957   -13.018 1.00 56.12 ? 88   ARG A N   1 
ATOM   699  C CA  . ARG A 1 92  ? 2.879   7.082   -13.927 1.00 55.33 ? 88   ARG A CA  1 
ATOM   700  C C   . ARG A 1 92  ? 3.140   5.607   -13.602 1.00 53.22 ? 88   ARG A C   1 
ATOM   701  O O   . ARG A 1 92  ? 2.210   4.812   -13.463 1.00 54.17 ? 88   ARG A O   1 
ATOM   702  C CB  . ARG A 1 92  ? 3.292   7.402   -15.365 1.00 58.34 ? 88   ARG A CB  1 
ATOM   703  C CG  . ARG A 1 92  ? 2.418   6.783   -16.445 1.00 63.26 ? 88   ARG A CG  1 
ATOM   704  C CD  . ARG A 1 92  ? 0.944   7.099   -16.214 1.00 66.61 ? 88   ARG A CD  1 
ATOM   705  N NE  . ARG A 1 92  ? 0.259   5.978   -15.568 1.00 67.87 ? 88   ARG A NE  1 
ATOM   706  C CZ  . ARG A 1 92  ? -1.025  5.979   -15.229 1.00 68.76 ? 88   ARG A CZ  1 
ATOM   707  N NH1 . ARG A 1 92  ? -1.777  7.049   -15.468 1.00 67.00 ? 88   ARG A NH1 1 
ATOM   708  N NH2 . ARG A 1 92  ? -1.558  4.897   -14.670 1.00 69.10 ? 88   ARG A NH2 1 
ATOM   709  N N   . PRO A 1 93  ? 4.414   5.216   -13.483 1.00 50.54 ? 89   PRO A N   1 
ATOM   710  C CA  . PRO A 1 93  ? 4.659   3.809   -13.168 1.00 47.79 ? 89   PRO A CA  1 
ATOM   711  C C   . PRO A 1 93  ? 3.975   3.431   -11.863 1.00 45.27 ? 89   PRO A C   1 
ATOM   712  O O   . PRO A 1 93  ? 3.406   2.353   -11.734 1.00 45.85 ? 89   PRO A O   1 
ATOM   713  C CB  . PRO A 1 93  ? 6.177   3.740   -13.043 1.00 48.00 ? 89   PRO A CB  1 
ATOM   714  C CG  . PRO A 1 93  ? 6.643   4.780   -13.989 1.00 48.72 ? 89   PRO A CG  1 
ATOM   715  C CD  . PRO A 1 93  ? 5.679   5.929   -13.728 1.00 50.60 ? 89   PRO A CD  1 
ATOM   716  N N   . ALA A 1 94  ? 4.043   4.334   -10.894 1.00 42.10 ? 90   ALA A N   1 
ATOM   717  C CA  . ALA A 1 94  ? 3.452   4.091   -9.592  1.00 42.11 ? 90   ALA A CA  1 
ATOM   718  C C   . ALA A 1 94  ? 1.944   3.841   -9.684  1.00 42.97 ? 90   ALA A C   1 
ATOM   719  O O   . ALA A 1 94  ? 1.440   2.876   -9.114  1.00 41.76 ? 90   ALA A O   1 
ATOM   720  C CB  . ALA A 1 94  ? 3.736   5.263   -8.675  1.00 41.72 ? 90   ALA A CB  1 
ATOM   721  N N   . TYR A 1 95  ? 1.235   4.708   -10.407 1.00 41.59 ? 91   TYR A N   1 
ATOM   722  C CA  . TYR A 1 95  ? -0.201  4.572   -10.561 1.00 41.74 ? 91   TYR A CA  1 
ATOM   723  C C   . TYR A 1 95  ? -0.560  3.292   -11.298 1.00 44.07 ? 91   TYR A C   1 
ATOM   724  O O   . TYR A 1 95  ? -1.604  2.685   -11.041 1.00 45.15 ? 91   TYR A O   1 
ATOM   725  C CB  . TYR A 1 95  ? -0.780  5.779   -11.308 1.00 38.14 ? 91   TYR A CB  1 
ATOM   726  C CG  . TYR A 1 95  ? -0.785  7.044   -10.486 1.00 36.39 ? 91   TYR A CG  1 
ATOM   727  C CD1 . TYR A 1 95  ? -1.302  8.236   -10.997 1.00 35.54 ? 91   TYR A CD1 1 
ATOM   728  C CD2 . TYR A 1 95  ? -0.277  7.049   -9.188  1.00 34.63 ? 91   TYR A CD2 1 
ATOM   729  C CE1 . TYR A 1 95  ? -1.310  9.403   -10.228 1.00 34.23 ? 91   TYR A CE1 1 
ATOM   730  C CE2 . TYR A 1 95  ? -0.280  8.200   -8.414  1.00 35.92 ? 91   TYR A CE2 1 
ATOM   731  C CZ  . TYR A 1 95  ? -0.795  9.372   -8.933  1.00 36.63 ? 91   TYR A CZ  1 
ATOM   732  O OH  . TYR A 1 95  ? -0.789  10.505  -8.147  1.00 37.90 ? 91   TYR A OH  1 
ATOM   733  N N   . THR A 1 96  ? 0.309   2.874   -12.209 1.00 43.99 ? 92   THR A N   1 
ATOM   734  C CA  . THR A 1 96  ? 0.062   1.668   -12.981 1.00 43.68 ? 92   THR A CA  1 
ATOM   735  C C   . THR A 1 96  ? 0.154   0.440   -12.085 1.00 43.54 ? 92   THR A C   1 
ATOM   736  O O   . THR A 1 96  ? -0.580  -0.529  -12.279 1.00 43.91 ? 92   THR A O   1 
ATOM   737  C CB  . THR A 1 96  ? 1.066   1.538   -14.150 1.00 44.26 ? 92   THR A CB  1 
ATOM   738  O OG1 . THR A 1 96  ? 0.874   2.622   -15.064 1.00 46.45 ? 92   THR A OG1 1 
ATOM   739  C CG2 . THR A 1 96  ? 0.845   0.239   -14.893 1.00 44.05 ? 92   THR A CG2 1 
ATOM   740  N N   . LEU A 1 97  ? 1.058   0.488   -11.105 1.00 41.34 ? 93   LEU A N   1 
ATOM   741  C CA  . LEU A 1 97  ? 1.233   -0.614  -10.167 1.00 40.46 ? 93   LEU A CA  1 
ATOM   742  C C   . LEU A 1 97  ? 0.021   -0.703  -9.235  1.00 41.26 ? 93   LEU A C   1 
ATOM   743  O O   . LEU A 1 97  ? -0.422  -1.797  -8.899  1.00 43.93 ? 93   LEU A O   1 
ATOM   744  C CB  . LEU A 1 97  ? 2.517   -0.429  -9.349  1.00 38.96 ? 93   LEU A CB  1 
ATOM   745  C CG  . LEU A 1 97  ? 2.870   -1.543  -8.349  1.00 41.34 ? 93   LEU A CG  1 
ATOM   746  C CD1 . LEU A 1 97  ? 3.002   -2.877  -9.082  1.00 39.80 ? 93   LEU A CD1 1 
ATOM   747  C CD2 . LEU A 1 97  ? 4.168   -1.203  -7.619  1.00 36.36 ? 93   LEU A CD2 1 
ATOM   748  N N   . LEU A 1 98  ? -0.510  0.443   -8.820  1.00 41.20 ? 94   LEU A N   1 
ATOM   749  C CA  . LEU A 1 98  ? -1.679  0.446   -7.958  1.00 41.57 ? 94   LEU A CA  1 
ATOM   750  C C   . LEU A 1 98  ? -2.847  -0.194  -8.693  1.00 41.95 ? 94   LEU A C   1 
ATOM   751  O O   . LEU A 1 98  ? -3.553  -1.018  -8.130  1.00 43.98 ? 94   LEU A O   1 
ATOM   752  C CB  . LEU A 1 98  ? -2.054  1.870   -7.534  1.00 40.59 ? 94   LEU A CB  1 
ATOM   753  C CG  . LEU A 1 98  ? -1.257  2.533   -6.402  1.00 42.05 ? 94   LEU A CG  1 
ATOM   754  C CD1 . LEU A 1 98  ? -1.574  4.022   -6.372  1.00 40.00 ? 94   LEU A CD1 1 
ATOM   755  C CD2 . LEU A 1 98  ? -1.603  1.888   -5.057  1.00 40.31 ? 94   LEU A CD2 1 
ATOM   756  N N   . ASN A 1 99  ? -3.055  0.163   -9.953  1.00 42.27 ? 95   ASN A N   1 
ATOM   757  C CA  . ASN A 1 99  ? -4.169  -0.426  -10.678 1.00 42.59 ? 95   ASN A CA  1 
ATOM   758  C C   . ASN A 1 99  ? -3.968  -1.920  -10.859 1.00 42.70 ? 95   ASN A C   1 
ATOM   759  O O   . ASN A 1 99  ? -4.932  -2.673  -10.899 1.00 43.90 ? 95   ASN A O   1 
ATOM   760  C CB  . ASN A 1 99  ? -4.350  0.230   -12.046 1.00 41.47 ? 95   ASN A CB  1 
ATOM   761  C CG  . ASN A 1 99  ? -4.800  1.666   -11.945 1.00 42.59 ? 95   ASN A CG  1 
ATOM   762  O OD1 . ASN A 1 99  ? -5.355  2.082   -10.929 1.00 46.75 ? 95   ASN A OD1 1 
ATOM   763  N ND2 . ASN A 1 99  ? -4.580  2.431   -13.004 1.00 41.56 ? 95   ASN A ND2 1 
ATOM   764  N N   . LYS A 1 100 ? -2.717  -2.347  -10.969 1.00 42.18 ? 96   LYS A N   1 
ATOM   765  C CA  . LYS A 1 100 ? -2.414  -3.758  -11.153 1.00 42.92 ? 96   LYS A CA  1 
ATOM   766  C C   . LYS A 1 100 ? -2.726  -4.515  -9.872  1.00 42.73 ? 96   LYS A C   1 
ATOM   767  O O   . LYS A 1 100 ? -3.417  -5.530  -9.874  1.00 41.32 ? 96   LYS A O   1 
ATOM   768  C CB  . LYS A 1 100 ? -0.935  -3.926  -11.505 1.00 45.18 ? 96   LYS A CB  1 
ATOM   769  C CG  . LYS A 1 100 ? -0.511  -5.334  -11.881 1.00 46.60 ? 96   LYS A CG  1 
ATOM   770  C CD  . LYS A 1 100 ? 0.938   -5.326  -12.327 1.00 48.72 ? 96   LYS A CD  1 
ATOM   771  C CE  . LYS A 1 100 ? 1.333   -6.605  -13.056 1.00 52.68 ? 96   LYS A CE  1 
ATOM   772  N NZ  . LYS A 1 100 ? 1.523   -7.770  -12.155 1.00 53.09 ? 96   LYS A NZ  1 
ATOM   773  N N   . ILE A 1 101 ? -2.206  -4.009  -8.770  1.00 41.62 ? 97   ILE A N   1 
ATOM   774  C CA  . ILE A 1 101 ? -2.447  -4.639  -7.497  1.00 42.52 ? 97   ILE A CA  1 
ATOM   775  C C   . ILE A 1 101 ? -3.933  -4.693  -7.166  1.00 42.67 ? 97   ILE A C   1 
ATOM   776  O O   . ILE A 1 101 ? -4.436  -5.739  -6.753  1.00 43.28 ? 97   ILE A O   1 
ATOM   777  C CB  . ILE A 1 101 ? -1.690  -3.896  -6.420  1.00 43.82 ? 97   ILE A CB  1 
ATOM   778  C CG1 . ILE A 1 101 ? -0.195  -4.145  -6.637  1.00 41.77 ? 97   ILE A CG1 1 
ATOM   779  C CG2 . ILE A 1 101 ? -2.174  -4.314  -5.047  1.00 41.96 ? 97   ILE A CG2 1 
ATOM   780  C CD1 . ILE A 1 101 ? 0.697   -3.233  -5.863  1.00 43.33 ? 97   ILE A CD1 1 
ATOM   781  N N   . LEU A 1 102 ? -4.640  -3.580  -7.365  1.00 41.25 ? 98   LEU A N   1 
ATOM   782  C CA  . LEU A 1 102 ? -6.076  -3.528  -7.074  1.00 40.43 ? 98   LEU A CA  1 
ATOM   783  C C   . LEU A 1 102 ? -6.912  -4.436  -7.990  1.00 40.65 ? 98   LEU A C   1 
ATOM   784  O O   . LEU A 1 102 ? -7.821  -5.114  -7.518  1.00 39.64 ? 98   LEU A O   1 
ATOM   785  C CB  . LEU A 1 102 ? -6.595  -2.074  -7.136  1.00 38.91 ? 98   LEU A CB  1 
ATOM   786  C CG  . LEU A 1 102 ? -6.026  -1.109  -6.076  1.00 40.82 ? 98   LEU A CG  1 
ATOM   787  C CD1 . LEU A 1 102 ? -6.539  0.302   -6.277  1.00 39.77 ? 98   LEU A CD1 1 
ATOM   788  C CD2 . LEU A 1 102 ? -6.403  -1.614  -4.690  1.00 42.25 ? 98   LEU A CD2 1 
ATOM   789  N N   . ASP A 1 103 ? -6.613  -4.464  -9.286  1.00 40.15 ? 99   ASP A N   1 
ATOM   790  C CA  . ASP A 1 103 ? -7.374  -5.317  -10.189 1.00 42.65 ? 99   ASP A CA  1 
ATOM   791  C C   . ASP A 1 103 ? -7.230  -6.777  -9.781  1.00 44.55 ? 99   ASP A C   1 
ATOM   792  O O   . ASP A 1 103 ? -8.200  -7.526  -9.778  1.00 45.00 ? 99   ASP A O   1 
ATOM   793  C CB  . ASP A 1 103 ? -6.885  -5.175  -11.632 1.00 45.39 ? 99   ASP A CB  1 
ATOM   794  C CG  . ASP A 1 103 ? -7.274  -3.857  -12.259 1.00 49.40 ? 99   ASP A CG  1 
ATOM   795  O OD1 . ASP A 1 103 ? -6.949  -3.645  -13.447 1.00 51.74 ? 99   ASP A OD1 1 
ATOM   796  O OD2 . ASP A 1 103 ? -7.902  -3.025  -11.575 1.00 50.38 ? 99   ASP A OD2 1 
ATOM   797  N N   . GLU A 1 104 ? -6.006  -7.171  -9.442  1.00 43.67 ? 100  GLU A N   1 
ATOM   798  C CA  . GLU A 1 104 ? -5.718  -8.544  -9.058  1.00 45.91 ? 100  GLU A CA  1 
ATOM   799  C C   . GLU A 1 104 ? -6.288  -8.917  -7.701  1.00 45.86 ? 100  GLU A C   1 
ATOM   800  O O   . GLU A 1 104 ? -6.749  -10.041 -7.492  1.00 45.17 ? 100  GLU A O   1 
ATOM   801  C CB  . GLU A 1 104 ? -4.210  -8.791  -9.050  1.00 48.20 ? 100  GLU A CB  1 
ATOM   802  C CG  . GLU A 1 104 ? -3.560  -8.437  -10.367 1.00 53.30 ? 100  GLU A CG  1 
ATOM   803  C CD  . GLU A 1 104 ? -2.088  -8.771  -10.415 1.00 54.77 ? 100  GLU A CD  1 
ATOM   804  O OE1 . GLU A 1 104 ? -1.422  -8.707  -9.358  1.00 54.88 ? 100  GLU A OE1 1 
ATOM   805  O OE2 . GLU A 1 104 ? -1.602  -9.077  -11.525 1.00 55.65 ? 100  GLU A OE2 1 
ATOM   806  N N   . TYR A 1 105 ? -6.252  -7.980  -6.768  1.00 44.03 ? 101  TYR A N   1 
ATOM   807  C CA  . TYR A 1 105 ? -6.774  -8.279  -5.454  1.00 44.65 ? 101  TYR A CA  1 
ATOM   808  C C   . TYR A 1 105 ? -8.288  -8.478  -5.498  1.00 44.01 ? 101  TYR A C   1 
ATOM   809  O O   . TYR A 1 105 ? -8.816  -9.384  -4.856  1.00 44.71 ? 101  TYR A O   1 
ATOM   810  C CB  . TYR A 1 105 ? -6.427  -7.166  -4.472  1.00 45.16 ? 101  TYR A CB  1 
ATOM   811  C CG  . TYR A 1 105 ? -6.612  -7.604  -3.043  1.00 45.56 ? 101  TYR A CG  1 
ATOM   812  C CD1 . TYR A 1 105 ? -5.576  -8.221  -2.340  1.00 44.59 ? 101  TYR A CD1 1 
ATOM   813  C CD2 . TYR A 1 105 ? -7.847  -7.464  -2.413  1.00 45.02 ? 101  TYR A CD2 1 
ATOM   814  C CE1 . TYR A 1 105 ? -5.772  -8.689  -1.044  1.00 44.44 ? 101  TYR A CE1 1 
ATOM   815  C CE2 . TYR A 1 105 ? -8.051  -7.927  -1.125  1.00 43.52 ? 101  TYR A CE2 1 
ATOM   816  C CZ  . TYR A 1 105 ? -7.016  -8.536  -0.448  1.00 42.45 ? 101  TYR A CZ  1 
ATOM   817  O OH  . TYR A 1 105 ? -7.226  -8.987  0.826   1.00 42.25 ? 101  TYR A OH  1 
ATOM   818  N N   . LEU A 1 106 ? -8.975  -7.632  -6.263  1.00 43.22 ? 102  LEU A N   1 
ATOM   819  C CA  . LEU A 1 106 ? -10.424 -7.702  -6.395  1.00 41.20 ? 102  LEU A CA  1 
ATOM   820  C C   . LEU A 1 106 ? -10.870 -8.977  -7.084  1.00 39.85 ? 102  LEU A C   1 
ATOM   821  O O   . LEU A 1 106 ? -12.009 -9.416  -6.938  1.00 41.70 ? 102  LEU A O   1 
ATOM   822  C CB  . LEU A 1 106 ? -10.946 -6.478  -7.156  1.00 41.41 ? 102  LEU A CB  1 
ATOM   823  C CG  . LEU A 1 106 ? -10.978 -5.157  -6.367  1.00 43.91 ? 102  LEU A CG  1 
ATOM   824  C CD1 . LEU A 1 106 ? -11.211 -3.963  -7.300  1.00 41.13 ? 102  LEU A CD1 1 
ATOM   825  C CD2 . LEU A 1 106 ? -12.074 -5.239  -5.308  1.00 41.60 ? 102  LEU A CD2 1 
ATOM   826  N N   . VAL A 1 107 ? -9.977  -9.573  -7.853  1.00 38.78 ? 103  VAL A N   1 
ATOM   827  C CA  . VAL A 1 107 ? -10.322 -10.816 -8.511  1.00 38.38 ? 103  VAL A CA  1 
ATOM   828  C C   . VAL A 1 107 ? -10.113 -11.953 -7.526  1.00 39.34 ? 103  VAL A C   1 
ATOM   829  O O   . VAL A 1 107 ? -10.990 -12.790 -7.340  1.00 40.69 ? 103  VAL A O   1 
ATOM   830  C CB  . VAL A 1 107 ? -9.448  -11.065 -9.742  1.00 37.92 ? 103  VAL A CB  1 
ATOM   831  C CG1 . VAL A 1 107 ? -9.575  -12.519 -10.176 1.00 38.15 ? 103  VAL A CG1 1 
ATOM   832  C CG2 . VAL A 1 107 ? -9.882  -10.146 -10.880 1.00 37.69 ? 103  VAL A CG2 1 
ATOM   833  N N   . ALA A 1 108 ? -8.953  -11.960 -6.878  1.00 39.00 ? 104  ALA A N   1 
ATOM   834  C CA  . ALA A 1 108 ? -8.603  -13.015 -5.942  1.00 39.21 ? 104  ALA A CA  1 
ATOM   835  C C   . ALA A 1 108 ? -9.445  -13.114 -4.666  1.00 40.17 ? 104  ALA A C   1 
ATOM   836  O O   . ALA A 1 108 ? -9.725  -14.219 -4.209  1.00 42.22 ? 104  ALA A O   1 
ATOM   837  C CB  . ALA A 1 108 ? -7.137  -12.907 -5.592  1.00 31.93 ? 104  ALA A CB  1 
ATOM   838  N N   . HIS A 1 109 ? -9.859  -11.983 -4.099  1.00 41.23 ? 105  HIS A N   1 
ATOM   839  C CA  . HIS A 1 109 ? -10.651 -11.993 -2.857  1.00 40.61 ? 105  HIS A CA  1 
ATOM   840  C C   . HIS A 1 109 ? -12.022 -11.332 -3.003  1.00 40.35 ? 105  HIS A C   1 
ATOM   841  O O   . HIS A 1 109 ? -12.139 -10.115 -2.882  1.00 41.59 ? 105  HIS A O   1 
ATOM   842  C CB  . HIS A 1 109 ? -9.877  -11.288 -1.742  1.00 38.82 ? 105  HIS A CB  1 
ATOM   843  C CG  . HIS A 1 109 ? -8.433  -11.675 -1.677  1.00 40.95 ? 105  HIS A CG  1 
ATOM   844  N ND1 . HIS A 1 109 ? -7.965  -12.682 -0.860  1.00 42.69 ? 105  HIS A ND1 1 
ATOM   845  C CD2 . HIS A 1 109 ? -7.363  -11.228 -2.374  1.00 40.59 ? 105  HIS A CD2 1 
ATOM   846  C CE1 . HIS A 1 109 ? -6.668  -12.839 -1.060  1.00 40.07 ? 105  HIS A CE1 1 
ATOM   847  N NE2 . HIS A 1 109 ? -6.278  -11.971 -1.974  1.00 39.32 ? 105  HIS A NE2 1 
ATOM   848  N N   . PRO A 1 110 ? -13.076 -12.128 -3.282  1.00 40.18 ? 106  PRO A N   1 
ATOM   849  C CA  . PRO A 1 110 ? -14.427 -11.578 -3.434  1.00 40.41 ? 106  PRO A CA  1 
ATOM   850  C C   . PRO A 1 110 ? -14.746 -10.705 -2.234  1.00 42.62 ? 106  PRO A C   1 
ATOM   851  O O   . PRO A 1 110 ? -14.147 -10.864 -1.173  1.00 42.50 ? 106  PRO A O   1 
ATOM   852  C CB  . PRO A 1 110 ? -15.295 -12.824 -3.488  1.00 38.58 ? 106  PRO A CB  1 
ATOM   853  C CG  . PRO A 1 110 ? -14.434 -13.775 -4.233  1.00 38.46 ? 106  PRO A CG  1 
ATOM   854  C CD  . PRO A 1 110 ? -13.067 -13.571 -3.602  1.00 39.03 ? 106  PRO A CD  1 
ATOM   855  N N   . LYS A 1 111 ? -15.691 -9.789  -2.392  1.00 44.76 ? 107  LYS A N   1 
ATOM   856  C CA  . LYS A 1 111 ? -16.046 -8.887  -1.306  1.00 46.80 ? 107  LYS A CA  1 
ATOM   857  C C   . LYS A 1 111 ? -16.424 -9.538  0.020   1.00 47.13 ? 107  LYS A C   1 
ATOM   858  O O   . LYS A 1 111 ? -16.043 -9.046  1.078   1.00 48.24 ? 107  LYS A O   1 
ATOM   859  C CB  . LYS A 1 111 ? -17.171 -7.943  -1.745  1.00 46.71 ? 107  LYS A CB  1 
ATOM   860  C CG  . LYS A 1 111 ? -17.413 -6.797  -0.764  1.00 51.10 ? 107  LYS A CG  1 
ATOM   861  C CD  . LYS A 1 111 ? -17.935 -5.554  -1.473  1.00 53.64 ? 107  LYS A CD  1 
ATOM   862  C CE  . LYS A 1 111 ? -18.068 -4.379  -0.518  1.00 54.56 ? 107  LYS A CE  1 
ATOM   863  N NZ  . LYS A 1 111 ? -18.539 -3.126  -1.193  1.00 56.67 ? 107  LYS A NZ  1 
ATOM   864  N N   . GLU A 1 112 ? -17.157 -10.641 -0.021  1.00 47.07 ? 108  GLU A N   1 
ATOM   865  C CA  . GLU A 1 112 ? -17.571 -11.273 1.219   1.00 48.91 ? 108  GLU A CA  1 
ATOM   866  C C   . GLU A 1 112 ? -16.425 -11.791 2.065   1.00 47.36 ? 108  GLU A C   1 
ATOM   867  O O   . GLU A 1 112 ? -16.615 -12.120 3.230   1.00 48.30 ? 108  GLU A O   1 
ATOM   868  C CB  . GLU A 1 112 ? -18.565 -12.404 0.935   1.00 51.86 ? 108  GLU A CB  1 
ATOM   869  C CG  . GLU A 1 112 ? -18.053 -13.492 0.004   1.00 58.07 ? 108  GLU A CG  1 
ATOM   870  C CD  . GLU A 1 112 ? -19.161 -14.448 -0.425  1.00 61.61 ? 108  GLU A CD  1 
ATOM   871  O OE1 . GLU A 1 112 ? -19.777 -15.071 0.478   1.00 60.51 ? 108  GLU A OE1 1 
ATOM   872  O OE2 . GLU A 1 112 ? -19.414 -14.569 -1.658  1.00 61.98 ? 108  GLU A OE2 1 
ATOM   873  N N   . GLU A 1 113 ? -15.230 -11.848 1.497   1.00 46.07 ? 109  GLU A N   1 
ATOM   874  C CA  . GLU A 1 113 ? -14.087 -12.348 2.240   1.00 44.92 ? 109  GLU A CA  1 
ATOM   875  C C   . GLU A 1 113 ? -13.501 -11.351 3.224   1.00 44.79 ? 109  GLU A C   1 
ATOM   876  O O   . GLU A 1 113 ? -12.905 -11.741 4.220   1.00 45.48 ? 109  GLU A O   1 
ATOM   877  C CB  . GLU A 1 113 ? -12.994 -12.793 1.271   1.00 46.12 ? 109  GLU A CB  1 
ATOM   878  C CG  . GLU A 1 113 ? -13.397 -13.971 0.402   1.00 48.40 ? 109  GLU A CG  1 
ATOM   879  C CD  . GLU A 1 113 ? -13.695 -15.220 1.220   1.00 49.25 ? 109  GLU A CD  1 
ATOM   880  O OE1 . GLU A 1 113 ? -12.890 -15.537 2.122   1.00 50.02 ? 109  GLU A OE1 1 
ATOM   881  O OE2 . GLU A 1 113 ? -14.718 -15.881 0.954   1.00 48.18 ? 109  GLU A OE2 1 
ATOM   882  N N   . TRP A 1 114 ? -13.685 -10.066 2.959   1.00 43.14 ? 110  TRP A N   1 
ATOM   883  C CA  . TRP A 1 114 ? -13.108 -9.043  3.819   1.00 44.97 ? 110  TRP A CA  1 
ATOM   884  C C   . TRP A 1 114 ? -14.038 -7.891  4.166   1.00 46.27 ? 110  TRP A C   1 
ATOM   885  O O   . TRP A 1 114 ? -13.676 -7.026  4.956   1.00 46.53 ? 110  TRP A O   1 
ATOM   886  C CB  . TRP A 1 114 ? -11.864 -8.468  3.140   1.00 43.72 ? 110  TRP A CB  1 
ATOM   887  C CG  . TRP A 1 114 ? -12.067 -8.285  1.662   1.00 40.94 ? 110  TRP A CG  1 
ATOM   888  C CD1 . TRP A 1 114 ? -11.767 -9.181  0.685   1.00 39.93 ? 110  TRP A CD1 1 
ATOM   889  C CD2 . TRP A 1 114 ? -12.714 -7.182  1.012   1.00 38.77 ? 110  TRP A CD2 1 
ATOM   890  N NE1 . TRP A 1 114 ? -12.193 -8.712  -0.535  1.00 39.91 ? 110  TRP A NE1 1 
ATOM   891  C CE2 . TRP A 1 114 ? -12.777 -7.489  -0.361  1.00 39.32 ? 110  TRP A CE2 1 
ATOM   892  C CE3 . TRP A 1 114 ? -13.251 -5.970  1.457   1.00 40.03 ? 110  TRP A CE3 1 
ATOM   893  C CZ2 . TRP A 1 114 ? -13.356 -6.622  -1.296  1.00 39.54 ? 110  TRP A CZ2 1 
ATOM   894  C CZ3 . TRP A 1 114 ? -13.827 -5.112  0.527   1.00 38.96 ? 110  TRP A CZ3 1 
ATOM   895  C CH2 . TRP A 1 114 ? -13.874 -5.443  -0.832  1.00 37.57 ? 110  TRP A CH2 1 
ATOM   896  N N   . ALA A 1 115 ? -15.224 -7.867  3.574   1.00 47.89 ? 111  ALA A N   1 
ATOM   897  C CA  . ALA A 1 115 ? -16.168 -6.785  3.828   1.00 52.06 ? 111  ALA A CA  1 
ATOM   898  C C   . ALA A 1 115 ? -16.496 -6.617  5.302   1.00 54.99 ? 111  ALA A C   1 
ATOM   899  O O   . ALA A 1 115 ? -16.567 -5.501  5.827   1.00 55.79 ? 111  ALA A O   1 
ATOM   900  C CB  . ALA A 1 115 ? -17.452 -7.017  3.054   1.00 51.64 ? 111  ALA A CB  1 
ATOM   901  N N   . ASP A 1 116 ? -16.709 -7.735  5.974   1.00 57.97 ? 112  ASP A N   1 
ATOM   902  C CA  . ASP A 1 116 ? -17.058 -7.673  7.372   1.00 59.73 ? 112  ASP A CA  1 
ATOM   903  C C   . ASP A 1 116 ? -16.071 -8.449  8.225   1.00 60.17 ? 112  ASP A C   1 
ATOM   904  O O   . ASP A 1 116 ? -16.403 -9.488  8.783   1.00 63.78 ? 112  ASP A O   1 
ATOM   905  C CB  . ASP A 1 116 ? -18.486 -8.203  7.570   1.00 60.52 ? 112  ASP A CB  1 
ATOM   906  C CG  . ASP A 1 116 ? -19.525 -7.414  6.770   1.00 63.51 ? 112  ASP A CG  1 
ATOM   907  O OD1 . ASP A 1 116 ? -19.563 -6.166  6.905   1.00 64.55 ? 112  ASP A OD1 1 
ATOM   908  O OD2 . ASP A 1 116 ? -20.307 -8.037  6.006   1.00 63.91 ? 112  ASP A OD2 1 
ATOM   909  N N   . VAL A 1 117 ? -14.839 -7.971  8.299   1.00 57.90 ? 113  VAL A N   1 
ATOM   910  C CA  . VAL A 1 117 ? -13.874 -8.636  9.143   1.00 57.57 ? 113  VAL A CA  1 
ATOM   911  C C   . VAL A 1 117 ? -13.330 -7.586  10.052  1.00 59.57 ? 113  VAL A C   1 
ATOM   912  O O   . VAL A 1 117 ? -13.087 -6.453  9.647   1.00 60.23 ? 113  VAL A O   1 
ATOM   913  C CB  . VAL A 1 117 ? -12.723 -9.272  8.375   1.00 56.14 ? 113  VAL A CB  1 
ATOM   914  C CG1 . VAL A 1 117 ? -13.233 -10.451 7.581   1.00 56.31 ? 113  VAL A CG1 1 
ATOM   915  C CG2 . VAL A 1 117 ? -12.066 -8.245  7.490   1.00 55.90 ? 113  VAL A CG2 1 
ATOM   916  N N   . THR A 1 118 ? -13.170 -7.969  11.302  1.00 61.45 ? 114  THR A N   1 
ATOM   917  C CA  . THR A 1 118 ? -12.660 -7.069  12.305  1.00 61.85 ? 114  THR A CA  1 
ATOM   918  C C   . THR A 1 118 ? -11.140 -6.995  12.179  1.00 61.61 ? 114  THR A C   1 
ATOM   919  O O   . THR A 1 118 ? -10.518 -5.998  12.547  1.00 60.98 ? 114  THR A O   1 
ATOM   920  C CB  . THR A 1 118 ? -13.091 -7.580  13.682  1.00 62.69 ? 114  THR A CB  1 
ATOM   921  O OG1 . THR A 1 118 ? -12.977 -9.013  13.715  1.00 64.52 ? 114  THR A OG1 1 
ATOM   922  C CG2 . THR A 1 118 ? -14.546 -7.199  13.939  1.00 60.52 ? 114  THR A CG2 1 
ATOM   923  N N   . GLU A 1 119 ? -10.555 -8.054  11.634  1.00 60.24 ? 115  GLU A N   1 
ATOM   924  C CA  . GLU A 1 119 ? -9.120  -8.118  11.451  1.00 59.46 ? 115  GLU A CA  1 
ATOM   925  C C   . GLU A 1 119 ? -8.857  -8.940  10.202  1.00 58.41 ? 115  GLU A C   1 
ATOM   926  O O   . GLU A 1 119 ? -9.772  -9.561  9.662   1.00 58.29 ? 115  GLU A O   1 
ATOM   927  C CB  . GLU A 1 119 ? -8.462  -8.758  12.678  1.00 59.86 ? 115  GLU A CB  1 
ATOM   928  C CG  . GLU A 1 119 ? -8.908  -10.191 12.959  1.00 64.11 ? 115  GLU A CG  1 
ATOM   929  C CD  . GLU A 1 119 ? -8.432  -10.716 14.320  1.00 66.00 ? 115  GLU A CD  1 
ATOM   930  O OE1 . GLU A 1 119 ? -8.463  -11.950 14.534  1.00 65.00 ? 115  GLU A OE1 1 
ATOM   931  O OE2 . GLU A 1 119 ? -8.040  -9.894  15.182  1.00 66.94 ? 115  GLU A OE2 1 
ATOM   932  N N   . THR A 1 120 ? -7.616  -8.935  9.732   1.00 56.59 ? 116  THR A N   1 
ATOM   933  C CA  . THR A 1 120 ? -7.276  -9.687  8.533   1.00 56.13 ? 116  THR A CA  1 
ATOM   934  C C   . THR A 1 120 ? -6.821  -11.115 8.870   1.00 57.13 ? 116  THR A C   1 
ATOM   935  O O   . THR A 1 120 ? -6.699  -11.475 10.039  1.00 56.33 ? 116  THR A O   1 
ATOM   936  C CB  . THR A 1 120 ? -6.167  -8.955  7.733   1.00 55.57 ? 116  THR A CB  1 
ATOM   937  O OG1 . THR A 1 120 ? -6.058  -9.536  6.432   1.00 55.74 ? 116  THR A OG1 1 
ATOM   938  C CG2 . THR A 1 120 ? -4.817  -9.063  8.439   1.00 53.62 ? 116  THR A CG2 1 
ATOM   939  N N   . ASN A 1 121 ? -6.591  -11.926 7.840   1.00 57.40 ? 117  ASN A N   1 
ATOM   940  C CA  . ASN A 1 121 ? -6.139  -13.303 8.026   1.00 57.58 ? 117  ASN A CA  1 
ATOM   941  C C   . ASN A 1 121 ? -5.264  -13.714 6.844   1.00 58.66 ? 117  ASN A C   1 
ATOM   942  O O   . ASN A 1 121 ? -5.067  -12.933 5.912   1.00 59.02 ? 117  ASN A O   1 
ATOM   943  C CB  . ASN A 1 121 ? -7.337  -14.251 8.162   1.00 55.64 ? 117  ASN A CB  1 
ATOM   944  C CG  . ASN A 1 121 ? -8.250  -14.214 6.961   1.00 54.89 ? 117  ASN A CG  1 
ATOM   945  O OD1 . ASN A 1 121 ? -7.874  -14.633 5.863   1.00 53.34 ? 117  ASN A OD1 1 
ATOM   946  N ND2 . ASN A 1 121 ? -9.462  -13.708 7.160   1.00 51.64 ? 117  ASN A ND2 1 
ATOM   947  N N   . ASP A 1 122 ? -4.732  -14.932 6.888   1.00 59.26 ? 118  ASP A N   1 
ATOM   948  C CA  . ASP A 1 122 ? -3.865  -15.424 5.819   1.00 59.86 ? 118  ASP A CA  1 
ATOM   949  C C   . ASP A 1 122 ? -4.544  -15.542 4.467   1.00 56.93 ? 118  ASP A C   1 
ATOM   950  O O   . ASP A 1 122 ? -3.906  -15.372 3.434   1.00 55.99 ? 118  ASP A O   1 
ATOM   951  C CB  . ASP A 1 122 ? -3.280  -16.795 6.181   1.00 65.63 ? 118  ASP A CB  1 
ATOM   952  C CG  . ASP A 1 122 ? -2.230  -16.714 7.272   1.00 71.64 ? 118  ASP A CG  1 
ATOM   953  O OD1 . ASP A 1 122 ? -1.399  -15.774 7.229   1.00 74.10 ? 118  ASP A OD1 1 
ATOM   954  O OD2 . ASP A 1 122 ? -2.227  -17.603 8.163   1.00 76.07 ? 118  ASP A OD2 1 
ATOM   955  N N   . ALA A 1 123 ? -5.834  -15.852 4.479   1.00 54.64 ? 119  ALA A N   1 
ATOM   956  C CA  . ALA A 1 123 ? -6.584  -16.013 3.245   1.00 52.88 ? 119  ALA A CA  1 
ATOM   957  C C   . ALA A 1 123 ? -6.840  -14.682 2.550   1.00 51.59 ? 119  ALA A C   1 
ATOM   958  O O   . ALA A 1 123 ? -7.342  -14.656 1.426   1.00 49.32 ? 119  ALA A O   1 
ATOM   959  C CB  . ALA A 1 123 ? -7.898  -16.723 3.529   1.00 50.96 ? 119  ALA A CB  1 
ATOM   960  N N   . LEU A 1 124 ? -6.502  -13.585 3.226   1.00 52.00 ? 120  LEU A N   1 
ATOM   961  C CA  . LEU A 1 124 ? -6.688  -12.244 2.673   1.00 51.83 ? 120  LEU A CA  1 
ATOM   962  C C   . LEU A 1 124 ? -5.343  -11.628 2.324   1.00 52.87 ? 120  LEU A C   1 
ATOM   963  O O   . LEU A 1 124 ? -5.245  -10.428 2.076   1.00 53.74 ? 120  LEU A O   1 
ATOM   964  C CB  . LEU A 1 124 ? -7.421  -11.336 3.667   1.00 47.09 ? 120  LEU A CB  1 
ATOM   965  C CG  . LEU A 1 124 ? -8.899  -11.572 3.972   1.00 44.88 ? 120  LEU A CG  1 
ATOM   966  C CD1 . LEU A 1 124 ? -9.368  -10.513 4.978   1.00 43.88 ? 120  LEU A CD1 1 
ATOM   967  C CD2 . LEU A 1 124 ? -9.722  -11.493 2.707   1.00 43.25 ? 120  LEU A CD2 1 
ATOM   968  N N   . LYS A 1 125 ? -4.307  -12.455 2.302   1.00 54.14 ? 121  LYS A N   1 
ATOM   969  C CA  . LYS A 1 125 ? -2.979  -11.972 1.970   1.00 56.09 ? 121  LYS A CA  1 
ATOM   970  C C   . LYS A 1 125 ? -2.735  -12.109 0.469   1.00 55.82 ? 121  LYS A C   1 
ATOM   971  O O   . LYS A 1 125 ? -3.308  -12.979 -0.181  1.00 55.20 ? 121  LYS A O   1 
ATOM   972  C CB  . LYS A 1 125 ? -1.919  -12.761 2.743   1.00 59.46 ? 121  LYS A CB  1 
ATOM   973  C CG  . LYS A 1 125 ? -0.495  -12.314 2.456   1.00 66.41 ? 121  LYS A CG  1 
ATOM   974  C CD  . LYS A 1 125 ? 0.524   -13.360 2.882   1.00 71.96 ? 121  LYS A CD  1 
ATOM   975  C CE  . LYS A 1 125 ? 1.947   -12.944 2.492   1.00 74.96 ? 121  LYS A CE  1 
ATOM   976  N NZ  . LYS A 1 125 ? 2.966   -14.023 2.712   1.00 76.82 ? 121  LYS A NZ  1 
ATOM   977  N N   . MET A 1 126 ? -1.889  -11.237 -0.074  1.00 55.47 ? 122  MET A N   1 
ATOM   978  C CA  . MET A 1 126 ? -1.554  -11.263 -1.493  1.00 55.17 ? 122  MET A CA  1 
ATOM   979  C C   . MET A 1 126 ? -0.048  -11.528 -1.629  1.00 56.28 ? 122  MET A C   1 
ATOM   980  O O   . MET A 1 126 ? 0.773   -10.633 -1.424  1.00 56.07 ? 122  MET A O   1 
ATOM   981  C CB  . MET A 1 126 ? -1.922  -9.926  -2.139  1.00 53.06 ? 122  MET A CB  1 
ATOM   982  C CG  . MET A 1 126 ? -1.916  -9.955  -3.658  1.00 52.19 ? 122  MET A CG  1 
ATOM   983  S SD  . MET A 1 126 ? -2.380  -8.394  -4.442  1.00 51.63 ? 122  MET A SD  1 
ATOM   984  C CE  . MET A 1 126 ? -0.961  -8.076  -5.453  1.00 53.98 ? 122  MET A CE  1 
ATOM   985  N N   . LYS A 1 127 ? 0.300   -12.760 -1.984  1.00 57.37 ? 123  LYS A N   1 
ATOM   986  C CA  . LYS A 1 127 ? 1.690   -13.184 -2.117  1.00 58.99 ? 123  LYS A CA  1 
ATOM   987  C C   . LYS A 1 127 ? 2.476   -12.458 -3.211  1.00 58.57 ? 123  LYS A C   1 
ATOM   988  O O   . LYS A 1 127 ? 3.666   -12.201 -3.050  1.00 58.51 ? 123  LYS A O   1 
ATOM   989  C CB  . LYS A 1 127 ? 1.730   -14.702 -2.348  1.00 61.35 ? 123  LYS A CB  1 
ATOM   990  C CG  . LYS A 1 127 ? 0.909   -15.523 -1.331  1.00 65.51 ? 123  LYS A CG  1 
ATOM   991  C CD  . LYS A 1 127 ? 0.903   -17.045 -1.638  1.00 69.29 ? 123  LYS A CD  1 
ATOM   992  C CE  . LYS A 1 127 ? -0.002  -17.835 -0.657  1.00 70.90 ? 123  LYS A CE  1 
ATOM   993  N NZ  . LYS A 1 127 ? 0.022   -19.330 -0.829  1.00 70.92 ? 123  LYS A NZ  1 
ATOM   994  N N   . GLN A 1 128 ? 1.812   -12.136 -4.318  1.00 59.46 ? 124  GLN A N   1 
ATOM   995  C CA  . GLN A 1 128 ? 2.450   -11.431 -5.434  1.00 60.01 ? 124  GLN A CA  1 
ATOM   996  C C   . GLN A 1 128 ? 3.156   -10.155 -4.994  1.00 59.57 ? 124  GLN A C   1 
ATOM   997  O O   . GLN A 1 128 ? 4.069   -9.681  -5.666  1.00 59.44 ? 124  GLN A O   1 
ATOM   998  C CB  . GLN A 1 128 ? 1.417   -11.053 -6.495  1.00 62.67 ? 124  GLN A CB  1 
ATOM   999  C CG  . GLN A 1 128 ? 0.933   -12.189 -7.382  1.00 65.77 ? 124  GLN A CG  1 
ATOM   1000 C CD  . GLN A 1 128 ? 0.306   -13.333 -6.603  1.00 67.37 ? 124  GLN A CD  1 
ATOM   1001 O OE1 . GLN A 1 128 ? -0.445  -13.118 -5.645  1.00 67.37 ? 124  GLN A OE1 1 
ATOM   1002 N NE2 . GLN A 1 128 ? 0.598   -14.563 -7.025  1.00 69.12 ? 124  GLN A NE2 1 
ATOM   1003 N N   . LEU A 1 129 ? 2.717   -9.588  -3.878  1.00 59.56 ? 125  LEU A N   1 
ATOM   1004 C CA  . LEU A 1 129 ? 3.309   -8.363  -3.377  1.00 58.72 ? 125  LEU A CA  1 
ATOM   1005 C C   . LEU A 1 129 ? 4.792   -8.556  -3.142  1.00 58.93 ? 125  LEU A C   1 
ATOM   1006 O O   . LEU A 1 129 ? 5.605   -7.732  -3.547  1.00 58.43 ? 125  LEU A O   1 
ATOM   1007 C CB  . LEU A 1 129 ? 2.623   -7.934  -2.077  1.00 58.84 ? 125  LEU A CB  1 
ATOM   1008 C CG  . LEU A 1 129 ? 1.131   -7.577  -2.157  1.00 59.99 ? 125  LEU A CG  1 
ATOM   1009 C CD1 . LEU A 1 129 ? 0.631   -7.109  -0.802  1.00 58.02 ? 125  LEU A CD1 1 
ATOM   1010 C CD2 . LEU A 1 129 ? 0.914   -6.486  -3.201  1.00 59.36 ? 125  LEU A CD2 1 
ATOM   1011 N N   . ASP A 1 130 ? 5.136   -9.656  -2.483  1.00 59.54 ? 126  ASP A N   1 
ATOM   1012 C CA  . ASP A 1 130 ? 6.525   -9.979  -2.172  1.00 60.77 ? 126  ASP A CA  1 
ATOM   1013 C C   . ASP A 1 130 ? 7.366   -9.794  -3.406  1.00 60.46 ? 126  ASP A C   1 
ATOM   1014 O O   . ASP A 1 130 ? 8.494   -9.310  -3.349  1.00 61.14 ? 126  ASP A O   1 
ATOM   1015 C CB  . ASP A 1 130 ? 6.615   -11.431 -1.722  1.00 62.97 ? 126  ASP A CB  1 
ATOM   1016 C CG  . ASP A 1 130 ? 5.616   -11.753 -0.636  1.00 65.09 ? 126  ASP A CG  1 
ATOM   1017 O OD1 . ASP A 1 130 ? 5.263   -12.940 -0.465  1.00 66.87 ? 126  ASP A OD1 1 
ATOM   1018 O OD2 . ASP A 1 130 ? 5.185   -10.803 0.052   1.00 67.39 ? 126  ASP A OD2 1 
ATOM   1019 N N   . THR A 1 131 ? 6.787   -10.193 -4.526  1.00 59.60 ? 127  THR A N   1 
ATOM   1020 C CA  . THR A 1 131 ? 7.442   -10.112 -5.814  1.00 58.09 ? 127  THR A CA  1 
ATOM   1021 C C   . THR A 1 131 ? 7.367   -8.721  -6.412  1.00 58.14 ? 127  THR A C   1 
ATOM   1022 O O   . THR A 1 131 ? 8.362   -8.189  -6.903  1.00 60.36 ? 127  THR A O   1 
ATOM   1023 C CB  . THR A 1 131 ? 6.787   -11.075 -6.781  1.00 57.42 ? 127  THR A CB  1 
ATOM   1024 O OG1 . THR A 1 131 ? 6.585   -12.327 -6.119  1.00 57.81 ? 127  THR A OG1 1 
ATOM   1025 C CG2 . THR A 1 131 ? 7.656   -11.269 -8.001  1.00 56.10 ? 127  THR A CG2 1 
ATOM   1026 N N   . TYR A 1 132 ? 6.183   -8.130  -6.381  1.00 56.75 ? 128  TYR A N   1 
ATOM   1027 C CA  . TYR A 1 132 ? 6.008   -6.802  -6.940  1.00 56.44 ? 128  TYR A CA  1 
ATOM   1028 C C   . TYR A 1 132 ? 6.882   -5.742  -6.304  1.00 55.87 ? 128  TYR A C   1 
ATOM   1029 O O   . TYR A 1 132 ? 7.329   -4.834  -6.992  1.00 55.43 ? 128  TYR A O   1 
ATOM   1030 C CB  . TYR A 1 132 ? 4.550   -6.369  -6.824  1.00 56.53 ? 128  TYR A CB  1 
ATOM   1031 C CG  . TYR A 1 132 ? 3.603   -7.177  -7.673  1.00 57.50 ? 128  TYR A CG  1 
ATOM   1032 C CD1 . TYR A 1 132 ? 2.227   -6.950  -7.615  1.00 56.13 ? 128  TYR A CD1 1 
ATOM   1033 C CD2 . TYR A 1 132 ? 4.073   -8.173  -8.534  1.00 56.83 ? 128  TYR A CD2 1 
ATOM   1034 C CE1 . TYR A 1 132 ? 1.343   -7.692  -8.386  1.00 55.07 ? 128  TYR A CE1 1 
ATOM   1035 C CE2 . TYR A 1 132 ? 3.193   -8.921  -9.310  1.00 56.24 ? 128  TYR A CE2 1 
ATOM   1036 C CZ  . TYR A 1 132 ? 1.830   -8.674  -9.229  1.00 55.52 ? 128  TYR A CZ  1 
ATOM   1037 O OH  . TYR A 1 132 ? 0.959   -9.410  -9.992  1.00 53.02 ? 128  TYR A OH  1 
ATOM   1038 N N   . ILE A 1 133 ? 7.140   -5.847  -5.004  1.00 56.55 ? 129  ILE A N   1 
ATOM   1039 C CA  . ILE A 1 133 ? 7.940   -4.821  -4.341  1.00 59.24 ? 129  ILE A CA  1 
ATOM   1040 C C   . ILE A 1 133 ? 9.407   -4.813  -4.776  1.00 61.03 ? 129  ILE A C   1 
ATOM   1041 O O   . ILE A 1 133 ? 10.053  -3.759  -4.842  1.00 60.42 ? 129  ILE A O   1 
ATOM   1042 C CB  . ILE A 1 133 ? 7.824   -4.941  -2.802  1.00 59.16 ? 129  ILE A CB  1 
ATOM   1043 C CG1 . ILE A 1 133 ? 8.486   -3.731  -2.146  1.00 59.52 ? 129  ILE A CG1 1 
ATOM   1044 C CG2 . ILE A 1 133 ? 8.409   -6.261  -2.321  1.00 58.66 ? 129  ILE A CG2 1 
ATOM   1045 C CD1 . ILE A 1 133 ? 7.919   -3.399  -0.777  1.00 62.83 ? 129  ILE A CD1 1 
ATOM   1046 N N   . SER A 1 134 ? 9.919   -5.996  -5.087  1.00 63.43 ? 130  SER A N   1 
ATOM   1047 C CA  . SER A 1 134 ? 11.297  -6.151  -5.543  1.00 65.00 ? 130  SER A CA  1 
ATOM   1048 C C   . SER A 1 134 ? 11.357  -5.827  -7.037  1.00 65.26 ? 130  SER A C   1 
ATOM   1049 O O   . SER A 1 134 ? 12.166  -5.006  -7.478  1.00 64.67 ? 130  SER A O   1 
ATOM   1050 C CB  . SER A 1 134 ? 11.765  -7.589  -5.309  1.00 66.01 ? 130  SER A CB  1 
ATOM   1051 O OG  . SER A 1 134 ? 11.536  -7.979  -3.959  1.00 68.83 ? 130  SER A OG  1 
ATOM   1052 N N   . LYS A 1 135 ? 10.473  -6.461  -7.805  1.00 64.77 ? 131  LYS A N   1 
ATOM   1053 C CA  . LYS A 1 135 ? 10.433  -6.261  -9.246  1.00 64.60 ? 131  LYS A CA  1 
ATOM   1054 C C   . LYS A 1 135 ? 10.391  -4.803  -9.676  1.00 65.09 ? 131  LYS A C   1 
ATOM   1055 O O   . LYS A 1 135 ? 11.274  -4.334  -10.397 1.00 66.54 ? 131  LYS A O   1 
ATOM   1056 C CB  . LYS A 1 135 ? 9.229   -6.978  -9.874  1.00 64.49 ? 131  LYS A CB  1 
ATOM   1057 C CG  . LYS A 1 135 ? 9.261   -6.988  -11.417 1.00 66.05 ? 131  LYS A CG  1 
ATOM   1058 C CD  . LYS A 1 135 ? 7.939   -7.426  -12.069 1.00 69.11 ? 131  LYS A CD  1 
ATOM   1059 C CE  . LYS A 1 135 ? 7.421   -8.776  -11.545 1.00 71.80 ? 131  LYS A CE  1 
ATOM   1060 N NZ  . LYS A 1 135 ? 6.092   -9.163  -12.145 1.00 70.05 ? 131  LYS A NZ  1 
ATOM   1061 N N   . TYR A 1 136 ? 9.375   -4.076  -9.228  1.00 64.49 ? 132  TYR A N   1 
ATOM   1062 C CA  . TYR A 1 136 ? 9.215   -2.691  -9.649  1.00 64.77 ? 132  TYR A CA  1 
ATOM   1063 C C   . TYR A 1 136 ? 10.093  -1.614  -8.982  1.00 65.39 ? 132  TYR A C   1 
ATOM   1064 O O   . TYR A 1 136 ? 9.722   -0.443  -8.899  1.00 63.43 ? 132  TYR A O   1 
ATOM   1065 C CB  . TYR A 1 136 ? 7.720   -2.341  -9.587  1.00 63.28 ? 132  TYR A CB  1 
ATOM   1066 C CG  . TYR A 1 136 ? 6.873   -3.265  -10.461 1.00 62.87 ? 132  TYR A CG  1 
ATOM   1067 C CD1 . TYR A 1 136 ? 6.327   -4.453  -9.953  1.00 62.82 ? 132  TYR A CD1 1 
ATOM   1068 C CD2 . TYR A 1 136 ? 6.654   -2.969  -11.813 1.00 63.53 ? 132  TYR A CD2 1 
ATOM   1069 C CE1 . TYR A 1 136 ? 5.580   -5.327  -10.776 1.00 63.05 ? 132  TYR A CE1 1 
ATOM   1070 C CE2 . TYR A 1 136 ? 5.915   -3.832  -12.643 1.00 63.45 ? 132  TYR A CE2 1 
ATOM   1071 C CZ  . TYR A 1 136 ? 5.380   -5.008  -12.121 1.00 63.81 ? 132  TYR A CZ  1 
ATOM   1072 O OH  . TYR A 1 136 ? 4.652   -5.846  -12.947 1.00 63.51 ? 132  TYR A OH  1 
ATOM   1073 N N   . GLN A 1 137 ? 11.281  -2.016  -8.545  1.00 68.32 ? 133  GLN A N   1 
ATOM   1074 C CA  . GLN A 1 137 ? 12.231  -1.098  -7.932  1.00 71.09 ? 133  GLN A CA  1 
ATOM   1075 C C   . GLN A 1 137 ? 12.978  -0.368  -9.054  1.00 74.12 ? 133  GLN A C   1 
ATOM   1076 O O   . GLN A 1 137 ? 13.418  -0.999  -10.016 1.00 73.76 ? 133  GLN A O   1 
ATOM   1077 C CB  . GLN A 1 137 ? 13.208  -1.886  -7.059  1.00 70.18 ? 133  GLN A CB  1 
ATOM   1078 C CG  . GLN A 1 137 ? 12.566  -2.434  -5.808  1.00 68.35 ? 133  GLN A CG  1 
ATOM   1079 C CD  . GLN A 1 137 ? 12.351  -1.354  -4.777  1.00 68.31 ? 133  GLN A CD  1 
ATOM   1080 O OE1 . GLN A 1 137 ? 12.181  -0.181  -5.120  1.00 67.79 ? 133  GLN A OE1 1 
ATOM   1081 N NE2 . GLN A 1 137 ? 12.347  -1.737  -3.503  1.00 66.84 ? 133  GLN A NE2 1 
ATOM   1082 N N   . ASP A 1 138 ? 13.101  0.953   -8.946  1.00 76.98 ? 134  ASP A N   1 
ATOM   1083 C CA  . ASP A 1 138 ? 13.798  1.739   -9.966  1.00 80.78 ? 134  ASP A CA  1 
ATOM   1084 C C   . ASP A 1 138 ? 13.266  1.498   -11.381 1.00 82.45 ? 134  ASP A C   1 
ATOM   1085 O O   . ASP A 1 138 ? 13.818  0.700   -12.132 1.00 83.35 ? 134  ASP A O   1 
ATOM   1086 C CB  . ASP A 1 138 ? 15.301  1.432   -9.935  1.00 81.75 ? 134  ASP A CB  1 
ATOM   1087 C CG  . ASP A 1 138 ? 16.099  2.487   -9.196  1.00 83.63 ? 134  ASP A CG  1 
ATOM   1088 O OD1 . ASP A 1 138 ? 16.124  3.651   -9.663  1.00 84.47 ? 134  ASP A OD1 1 
ATOM   1089 O OD2 . ASP A 1 138 ? 16.702  2.148   -8.151  1.00 84.17 ? 134  ASP A OD2 1 
ATOM   1090 N N   . PRO A 1 139 ? 12.194  2.200   -11.766 1.00 83.96 ? 135  PRO A N   1 
ATOM   1091 C CA  . PRO A 1 139 ? 11.578  2.069   -13.092 1.00 85.22 ? 135  PRO A CA  1 
ATOM   1092 C C   . PRO A 1 139 ? 12.363  2.725   -14.233 1.00 85.94 ? 135  PRO A C   1 
ATOM   1093 O O   . PRO A 1 139 ? 12.550  2.119   -15.296 1.00 86.43 ? 135  PRO A O   1 
ATOM   1094 C CB  . PRO A 1 139 ? 10.200  2.698   -12.888 1.00 84.92 ? 135  PRO A CB  1 
ATOM   1095 C CG  . PRO A 1 139 ? 10.479  3.768   -11.891 1.00 84.69 ? 135  PRO A CG  1 
ATOM   1096 C CD  . PRO A 1 139 ? 11.392  3.081   -10.900 1.00 84.22 ? 135  PRO A CD  1 
HETATM 1097 S S   . SO4 B 2 .   ? -5.417  5.602   -15.036 1.00 46.99 ? 4000 SO4 A S   1 
HETATM 1098 O O1  . SO4 B 2 .   ? -4.717  6.046   -16.411 1.00 52.63 ? 4000 SO4 A O1  1 
HETATM 1099 O O2  . SO4 B 2 .   ? -4.333  5.349   -14.136 1.00 48.31 ? 4000 SO4 A O2  1 
HETATM 1100 O O3  . SO4 B 2 .   ? -6.213  6.531   -14.627 1.00 50.42 ? 4000 SO4 A O3  1 
HETATM 1101 O O4  . SO4 B 2 .   ? -6.037  4.375   -15.386 1.00 48.36 ? 4000 SO4 A O4  1 
HETATM 1102 O O   . HOH C 3 .   ? -7.135  7.095   10.964  1.00 54.33 ? 1001 HOH A O   1 
HETATM 1103 O O   . HOH C 3 .   ? -12.561 8.589   3.728   1.00 53.61 ? 1002 HOH A O   1 
HETATM 1104 O O   . HOH C 3 .   ? -3.851  4.319   -9.933  1.00 44.68 ? 1003 HOH A O   1 
HETATM 1105 O O   . HOH C 3 .   ? -5.068  13.634  -6.095  1.00 47.22 ? 1004 HOH A O   1 
HETATM 1106 O O   . HOH C 3 .   ? -5.998  -12.140 -9.129  1.00 35.97 ? 1005 HOH A O   1 
HETATM 1107 O O   . HOH C 3 .   ? -12.839 -11.796 11.911  1.00 47.98 ? 1006 HOH A O   1 
HETATM 1108 O O   . HOH C 3 .   ? -13.140 2.797   -1.070  1.00 53.58 ? 1008 HOH A O   1 
HETATM 1109 O O   . HOH C 3 .   ? -11.070 4.381   5.312   1.00 50.49 ? 1009 HOH A O   1 
HETATM 1110 O O   . HOH C 3 .   ? -14.530 -0.500  10.142  1.00 63.74 ? 1010 HOH A O   1 
HETATM 1111 O O   . HOH C 3 .   ? -12.287 12.123  0.081   1.00 69.34 ? 1011 HOH A O   1 
HETATM 1112 O O   . HOH C 3 .   ? 6.504   -6.256  8.055   1.00 67.25 ? 1013 HOH A O   1 
HETATM 1113 O O   . HOH C 3 .   ? -10.407 15.673  0.111   1.00 51.21 ? 1014 HOH A O   1 
HETATM 1114 O O   . HOH C 3 .   ? -8.047  13.679  1.415   1.00 60.20 ? 1015 HOH A O   1 
HETATM 1115 O O   . HOH C 3 .   ? 0.801   12.872  -8.715  1.00 44.18 ? 1016 HOH A O   1 
HETATM 1116 O O   . HOH C 3 .   ? 3.277   13.006  -6.771  1.00 42.92 ? 1017 HOH A O   1 
HETATM 1117 O O   . HOH C 3 .   ? 7.690   11.120  -11.918 1.00 74.85 ? 1018 HOH A O   1 
HETATM 1118 O O   . HOH C 3 .   ? 5.530   9.836   -14.469 1.00 55.45 ? 1019 HOH A O   1 
HETATM 1119 O O   . HOH C 3 .   ? 4.358   -0.158  -12.883 1.00 51.42 ? 1020 HOH A O   1 
HETATM 1120 O O   . HOH C 3 .   ? -2.085  -1.496  -14.258 1.00 44.71 ? 1021 HOH A O   1 
HETATM 1121 O O   . HOH C 3 .   ? -10.624 -6.509  -11.037 1.00 42.29 ? 1022 HOH A O   1 
HETATM 1122 O O   . HOH C 3 .   ? -13.415 -8.115  -10.475 1.00 45.99 ? 1023 HOH A O   1 
HETATM 1123 O O   . HOH C 3 .   ? -13.461 -8.491  -4.811  1.00 38.10 ? 1024 HOH A O   1 
HETATM 1124 O O   . HOH C 3 .   ? -15.525 -6.837  -6.334  1.00 50.78 ? 1025 HOH A O   1 
HETATM 1125 O O   . HOH C 3 .   ? -18.510 -11.587 -2.262  1.00 50.61 ? 1026 HOH A O   1 
HETATM 1126 O O   . HOH C 3 .   ? -15.678 -9.772  15.499  1.00 67.08 ? 1027 HOH A O   1 
HETATM 1127 O O   . HOH C 3 .   ? 9.884   -9.681  -0.708  1.00 73.33 ? 1029 HOH A O   1 
HETATM 1128 O O   . HOH C 3 .   ? -11.531 7.682   8.551   1.00 62.82 ? 1031 HOH A O   1 
HETATM 1129 O O   . HOH C 3 .   ? -15.709 7.875   0.732   1.00 58.50 ? 1034 HOH A O   1 
HETATM 1130 O O   . HOH C 3 .   ? -19.336 -2.322  -4.518  1.00 56.29 ? 1035 HOH A O   1 
HETATM 1131 O O   . HOH C 3 .   ? 10.294  -2.078  -13.191 1.00 68.78 ? 1036 HOH A O   1 
HETATM 1132 O O   . HOH C 3 .   ? 3.449   2.779   -16.538 1.00 42.68 ? 5001 HOH A O   1 
HETATM 1133 O O   . HOH C 3 .   ? -2.996  0.898   -15.694 1.00 51.53 ? 5002 HOH A O   1 
HETATM 1134 O O   . HOH C 3 .   ? -5.799  -11.536 -11.824 1.00 48.60 ? 5003 HOH A O   1 
HETATM 1135 O O   . HOH C 3 .   ? -2.312  -11.310 -12.981 1.00 62.59 ? 5004 HOH A O   1 
HETATM 1136 O O   . HOH C 3 .   ? -6.306  -8.933  -12.472 1.00 49.74 ? 5005 HOH A O   1 
HETATM 1137 O O   . HOH C 3 .   ? -7.671  -12.708 -13.423 1.00 41.67 ? 5006 HOH A O   1 
HETATM 1138 O O   . HOH C 3 .   ? 1.274   -12.185 -11.653 1.00 66.73 ? 5007 HOH A O   1 
HETATM 1139 O O   . HOH C 3 .   ? -17.313 -3.754  8.781   1.00 62.58 ? 5008 HOH A O   1 
HETATM 1140 O O   . HOH C 3 .   ? 3.447   -6.158  -15.610 1.00 69.23 ? 5009 HOH A O   1 
HETATM 1141 O O   . HOH C 3 .   ? -0.883  -3.396  10.408  1.00 50.38 ? 6001 HOH A O   1 
HETATM 1142 O O   . HOH C 3 .   ? 1.311   13.713  -11.375 1.00 44.55 ? 6002 HOH A O   1 
HETATM 1143 O O   . HOH C 3 .   ? -7.235  -0.668  -13.380 1.00 58.97 ? 6003 HOH A O   1 
HETATM 1144 O O   . HOH C 3 .   ? -11.408 -13.734 4.628   1.00 50.52 ? 6004 HOH A O   1 
HETATM 1145 O O   . HOH C 3 .   ? 1.755   -9.884  1.752   1.00 66.75 ? 6005 HOH A O   1 
# 
